data_3CTG
# 
_entry.id   3CTG 
# 
_audit_conform.dict_name       mmcif_pdbx.dic 
_audit_conform.dict_version    5.380 
_audit_conform.dict_location   http://mmcif.pdb.org/dictionaries/ascii/mmcif_pdbx.dic 
# 
loop_
_database_2.database_id 
_database_2.database_code 
_database_2.pdbx_database_accession 
_database_2.pdbx_DOI 
PDB   3CTG         pdb_00003ctg 10.2210/pdb3ctg/pdb 
RCSB  RCSB047190   ?            ?                   
WWPDB D_1000047190 ?            ?                   
# 
_pdbx_database_related.db_name        PDB 
_pdbx_database_related.db_id          3CTF 
_pdbx_database_related.details        'crystal structure of oxidized Grx2' 
_pdbx_database_related.content_type   unspecified 
# 
_pdbx_database_status.status_code                     REL 
_pdbx_database_status.entry_id                        3CTG 
_pdbx_database_status.recvd_initial_deposition_date   2008-04-14 
_pdbx_database_status.deposit_site                    RCSB 
_pdbx_database_status.process_site                    PDBJ 
_pdbx_database_status.status_code_sf                  REL 
_pdbx_database_status.status_code_mr                  ? 
_pdbx_database_status.SG_entry                        ? 
_pdbx_database_status.pdb_format_compatible           Y 
_pdbx_database_status.status_code_cs                  ? 
_pdbx_database_status.status_code_nmr_data            ? 
_pdbx_database_status.methods_development_category    ? 
# 
loop_
_audit_author.name 
_audit_author.pdbx_ordinal 
'Yu, J.'     1 
'Teng, Y.B.' 2 
'Zhou, C.Z.' 3 
# 
_citation.id                        primary 
_citation.title                     'Structural basis for the different activities of yeast Grx1 and Grx2.' 
_citation.journal_abbrev            Biochim.Biophys.Acta 
_citation.journal_volume            1804 
_citation.page_first                1542 
_citation.page_last                 1547 
_citation.year                      2010 
_citation.journal_id_ASTM           BBACAQ 
_citation.country                   NE 
_citation.journal_id_ISSN           0006-3002 
_citation.journal_id_CSD            0113 
_citation.book_publisher            ? 
_citation.pdbx_database_id_PubMed   20417731 
_citation.pdbx_database_id_DOI      10.1016/j.bbapap.2010.04.010 
# 
loop_
_citation_author.citation_id 
_citation_author.name 
_citation_author.ordinal 
_citation_author.identifier_ORCID 
primary 'Li, W.F.'   1 ? 
primary 'Yu, J.'     2 ? 
primary 'Ma, X.X.'   3 ? 
primary 'Teng, Y.B.' 4 ? 
primary 'Luo, M.'    5 ? 
primary 'Tang, Y.J.' 6 ? 
primary 'Zhou, C.Z.' 7 ? 
# 
_cell.entry_id           3CTG 
_cell.length_a           41.630 
_cell.length_b           41.630 
_cell.length_c           78.390 
_cell.angle_alpha        90.00 
_cell.angle_beta         90.00 
_cell.angle_gamma        90.00 
_cell.Z_PDB              4 
_cell.pdbx_unique_axis   ? 
_cell.length_a_esd       ? 
_cell.length_b_esd       ? 
_cell.length_c_esd       ? 
_cell.angle_alpha_esd    ? 
_cell.angle_beta_esd     ? 
_cell.angle_gamma_esd    ? 
# 
_symmetry.entry_id                         3CTG 
_symmetry.space_group_name_H-M             'P 43' 
_symmetry.pdbx_full_space_group_name_H-M   ? 
_symmetry.cell_setting                     ? 
_symmetry.Int_Tables_number                78 
_symmetry.space_group_name_Hall            ? 
# 
loop_
_entity.id 
_entity.type 
_entity.src_method 
_entity.pdbx_description 
_entity.formula_weight 
_entity.pdbx_number_of_molecules 
_entity.pdbx_ec 
_entity.pdbx_mutation 
_entity.pdbx_fragment 
_entity.details 
1 polymer man Glutaredoxin-2 14150.113 1   1.20.4.1 ? ? ? 
2 water   nat water          18.015    211 ?        ? ? ? 
# 
_entity_name_com.entity_id   1 
_entity_name_com.name        'Thioltransferase, Glutathione-dependent oxidoreductase 2' 
# 
_entity_poly.entity_id                      1 
_entity_poly.type                           'polypeptide(L)' 
_entity_poly.nstd_linkage                   no 
_entity_poly.nstd_monomer                   no 
_entity_poly.pdbx_seq_one_letter_code       
;MGSSHHHHHHSSGLVPRGSHMVSQETVAHVKDLIGQKEVFVAAKTYCPYCKATLSTLFQELNVPKSKALVLELDEMSNGS
EIQDALEEISGQKTVPNVYINGKHIGGNSDLETLKKNGKLAEILKPVFQ
;
_entity_poly.pdbx_seq_one_letter_code_can   
;MGSSHHHHHHSSGLVPRGSHMVSQETVAHVKDLIGQKEVFVAAKTYCPYCKATLSTLFQELNVPKSKALVLELDEMSNGS
EIQDALEEISGQKTVPNVYINGKHIGGNSDLETLKKNGKLAEILKPVFQ
;
_entity_poly.pdbx_strand_id                 A 
_entity_poly.pdbx_target_identifier         ? 
# 
loop_
_entity_poly_seq.entity_id 
_entity_poly_seq.num 
_entity_poly_seq.mon_id 
_entity_poly_seq.hetero 
1 1   MET n 
1 2   GLY n 
1 3   SER n 
1 4   SER n 
1 5   HIS n 
1 6   HIS n 
1 7   HIS n 
1 8   HIS n 
1 9   HIS n 
1 10  HIS n 
1 11  SER n 
1 12  SER n 
1 13  GLY n 
1 14  LEU n 
1 15  VAL n 
1 16  PRO n 
1 17  ARG n 
1 18  GLY n 
1 19  SER n 
1 20  HIS n 
1 21  MET n 
1 22  VAL n 
1 23  SER n 
1 24  GLN n 
1 25  GLU n 
1 26  THR n 
1 27  VAL n 
1 28  ALA n 
1 29  HIS n 
1 30  VAL n 
1 31  LYS n 
1 32  ASP n 
1 33  LEU n 
1 34  ILE n 
1 35  GLY n 
1 36  GLN n 
1 37  LYS n 
1 38  GLU n 
1 39  VAL n 
1 40  PHE n 
1 41  VAL n 
1 42  ALA n 
1 43  ALA n 
1 44  LYS n 
1 45  THR n 
1 46  TYR n 
1 47  CYS n 
1 48  PRO n 
1 49  TYR n 
1 50  CYS n 
1 51  LYS n 
1 52  ALA n 
1 53  THR n 
1 54  LEU n 
1 55  SER n 
1 56  THR n 
1 57  LEU n 
1 58  PHE n 
1 59  GLN n 
1 60  GLU n 
1 61  LEU n 
1 62  ASN n 
1 63  VAL n 
1 64  PRO n 
1 65  LYS n 
1 66  SER n 
1 67  LYS n 
1 68  ALA n 
1 69  LEU n 
1 70  VAL n 
1 71  LEU n 
1 72  GLU n 
1 73  LEU n 
1 74  ASP n 
1 75  GLU n 
1 76  MET n 
1 77  SER n 
1 78  ASN n 
1 79  GLY n 
1 80  SER n 
1 81  GLU n 
1 82  ILE n 
1 83  GLN n 
1 84  ASP n 
1 85  ALA n 
1 86  LEU n 
1 87  GLU n 
1 88  GLU n 
1 89  ILE n 
1 90  SER n 
1 91  GLY n 
1 92  GLN n 
1 93  LYS n 
1 94  THR n 
1 95  VAL n 
1 96  PRO n 
1 97  ASN n 
1 98  VAL n 
1 99  TYR n 
1 100 ILE n 
1 101 ASN n 
1 102 GLY n 
1 103 LYS n 
1 104 HIS n 
1 105 ILE n 
1 106 GLY n 
1 107 GLY n 
1 108 ASN n 
1 109 SER n 
1 110 ASP n 
1 111 LEU n 
1 112 GLU n 
1 113 THR n 
1 114 LEU n 
1 115 LYS n 
1 116 LYS n 
1 117 ASN n 
1 118 GLY n 
1 119 LYS n 
1 120 LEU n 
1 121 ALA n 
1 122 GLU n 
1 123 ILE n 
1 124 LEU n 
1 125 LYS n 
1 126 PRO n 
1 127 VAL n 
1 128 PHE n 
1 129 GLN n 
# 
_entity_src_gen.entity_id                          1 
_entity_src_gen.pdbx_src_id                        1 
_entity_src_gen.pdbx_alt_source_flag               sample 
_entity_src_gen.pdbx_seq_type                      ? 
_entity_src_gen.pdbx_beg_seq_num                   ? 
_entity_src_gen.pdbx_end_seq_num                   ? 
_entity_src_gen.gene_src_common_name               
;Baker's yeast
;
_entity_src_gen.gene_src_genus                     ? 
_entity_src_gen.pdbx_gene_src_gene                 'GRX2, TTR, TTR1, YDR513W, D9719.17' 
_entity_src_gen.gene_src_species                   ? 
_entity_src_gen.gene_src_strain                    S288C 
_entity_src_gen.gene_src_tissue                    ? 
_entity_src_gen.gene_src_tissue_fraction           ? 
_entity_src_gen.gene_src_details                   ? 
_entity_src_gen.pdbx_gene_src_fragment             ? 
_entity_src_gen.pdbx_gene_src_scientific_name      'Saccharomyces cerevisiae' 
_entity_src_gen.pdbx_gene_src_ncbi_taxonomy_id     4932 
_entity_src_gen.pdbx_gene_src_variant              ? 
_entity_src_gen.pdbx_gene_src_cell_line            ? 
_entity_src_gen.pdbx_gene_src_atcc                 ? 
_entity_src_gen.pdbx_gene_src_organ                ? 
_entity_src_gen.pdbx_gene_src_organelle            ? 
_entity_src_gen.pdbx_gene_src_cell                 ? 
_entity_src_gen.pdbx_gene_src_cellular_location    ? 
_entity_src_gen.host_org_common_name               ? 
_entity_src_gen.pdbx_host_org_scientific_name      'Escherichia coli' 
_entity_src_gen.pdbx_host_org_ncbi_taxonomy_id     562 
_entity_src_gen.host_org_genus                     ? 
_entity_src_gen.pdbx_host_org_gene                 ? 
_entity_src_gen.pdbx_host_org_organ                ? 
_entity_src_gen.host_org_species                   ? 
_entity_src_gen.pdbx_host_org_tissue               ? 
_entity_src_gen.pdbx_host_org_tissue_fraction      ? 
_entity_src_gen.pdbx_host_org_strain               'BL21(DE3)' 
_entity_src_gen.pdbx_host_org_variant              ? 
_entity_src_gen.pdbx_host_org_cell_line            ? 
_entity_src_gen.pdbx_host_org_atcc                 ? 
_entity_src_gen.pdbx_host_org_culture_collection   ? 
_entity_src_gen.pdbx_host_org_cell                 ? 
_entity_src_gen.pdbx_host_org_organelle            ? 
_entity_src_gen.pdbx_host_org_cellular_location    ? 
_entity_src_gen.pdbx_host_org_vector_type          PLASMID 
_entity_src_gen.pdbx_host_org_vector               ? 
_entity_src_gen.host_org_details                   ? 
_entity_src_gen.expression_system_id               ? 
_entity_src_gen.plasmid_name                       PET15B 
_entity_src_gen.plasmid_details                    ? 
_entity_src_gen.pdbx_description                   ? 
# 
_struct_ref.id                         1 
_struct_ref.db_name                    UNP 
_struct_ref.db_code                    GLRX2_YEAST 
_struct_ref.pdbx_db_accession          P17695 
_struct_ref.entity_id                  1 
_struct_ref.pdbx_seq_one_letter_code   
;MVSQETVAHVKDLIGQKEVFVAAKTYCPYCKATLSTLFQELNVPKSKALVLELDEMSNGSEIQDALEEISGQKTVPNVYI
NGKHIGGNSDLETLKKNGKLAEILKPVFQ
;
_struct_ref.pdbx_align_begin           35 
_struct_ref.pdbx_db_isoform            ? 
# 
_struct_ref_seq.align_id                      1 
_struct_ref_seq.ref_id                        1 
_struct_ref_seq.pdbx_PDB_id_code              3CTG 
_struct_ref_seq.pdbx_strand_id                A 
_struct_ref_seq.seq_align_beg                 21 
_struct_ref_seq.pdbx_seq_align_beg_ins_code   ? 
_struct_ref_seq.seq_align_end                 129 
_struct_ref_seq.pdbx_seq_align_end_ins_code   ? 
_struct_ref_seq.pdbx_db_accession             P17695 
_struct_ref_seq.db_align_beg                  35 
_struct_ref_seq.pdbx_db_align_beg_ins_code    ? 
_struct_ref_seq.db_align_end                  143 
_struct_ref_seq.pdbx_db_align_end_ins_code    ? 
_struct_ref_seq.pdbx_auth_seq_align_beg       35 
_struct_ref_seq.pdbx_auth_seq_align_end       143 
# 
loop_
_struct_ref_seq_dif.align_id 
_struct_ref_seq_dif.pdbx_pdb_id_code 
_struct_ref_seq_dif.mon_id 
_struct_ref_seq_dif.pdbx_pdb_strand_id 
_struct_ref_seq_dif.seq_num 
_struct_ref_seq_dif.pdbx_pdb_ins_code 
_struct_ref_seq_dif.pdbx_seq_db_name 
_struct_ref_seq_dif.pdbx_seq_db_accession_code 
_struct_ref_seq_dif.db_mon_id 
_struct_ref_seq_dif.pdbx_seq_db_seq_num 
_struct_ref_seq_dif.details 
_struct_ref_seq_dif.pdbx_auth_seq_num 
_struct_ref_seq_dif.pdbx_ordinal 
1 3CTG MET A 1  ? UNP P17695 ? ? 'expression tag' 15 1  
1 3CTG GLY A 2  ? UNP P17695 ? ? 'expression tag' 16 2  
1 3CTG SER A 3  ? UNP P17695 ? ? 'expression tag' 17 3  
1 3CTG SER A 4  ? UNP P17695 ? ? 'expression tag' 18 4  
1 3CTG HIS A 5  ? UNP P17695 ? ? 'expression tag' 19 5  
1 3CTG HIS A 6  ? UNP P17695 ? ? 'expression tag' 20 6  
1 3CTG HIS A 7  ? UNP P17695 ? ? 'expression tag' 21 7  
1 3CTG HIS A 8  ? UNP P17695 ? ? 'expression tag' 22 8  
1 3CTG HIS A 9  ? UNP P17695 ? ? 'expression tag' 23 9  
1 3CTG HIS A 10 ? UNP P17695 ? ? 'expression tag' 24 10 
1 3CTG SER A 11 ? UNP P17695 ? ? 'expression tag' 25 11 
1 3CTG SER A 12 ? UNP P17695 ? ? 'expression tag' 26 12 
1 3CTG GLY A 13 ? UNP P17695 ? ? 'expression tag' 27 13 
1 3CTG LEU A 14 ? UNP P17695 ? ? 'expression tag' 28 14 
1 3CTG VAL A 15 ? UNP P17695 ? ? 'expression tag' 29 15 
1 3CTG PRO A 16 ? UNP P17695 ? ? 'expression tag' 30 16 
1 3CTG ARG A 17 ? UNP P17695 ? ? 'expression tag' 31 17 
1 3CTG GLY A 18 ? UNP P17695 ? ? 'expression tag' 32 18 
1 3CTG SER A 19 ? UNP P17695 ? ? 'expression tag' 33 19 
1 3CTG HIS A 20 ? UNP P17695 ? ? 'expression tag' 34 20 
# 
loop_
_chem_comp.id 
_chem_comp.type 
_chem_comp.mon_nstd_flag 
_chem_comp.name 
_chem_comp.pdbx_synonyms 
_chem_comp.formula 
_chem_comp.formula_weight 
ALA 'L-peptide linking' y ALANINE         ? 'C3 H7 N O2'     89.093  
ARG 'L-peptide linking' y ARGININE        ? 'C6 H15 N4 O2 1' 175.209 
ASN 'L-peptide linking' y ASPARAGINE      ? 'C4 H8 N2 O3'    132.118 
ASP 'L-peptide linking' y 'ASPARTIC ACID' ? 'C4 H7 N O4'     133.103 
CYS 'L-peptide linking' y CYSTEINE        ? 'C3 H7 N O2 S'   121.158 
GLN 'L-peptide linking' y GLUTAMINE       ? 'C5 H10 N2 O3'   146.144 
GLU 'L-peptide linking' y 'GLUTAMIC ACID' ? 'C5 H9 N O4'     147.129 
GLY 'peptide linking'   y GLYCINE         ? 'C2 H5 N O2'     75.067  
HIS 'L-peptide linking' y HISTIDINE       ? 'C6 H10 N3 O2 1' 156.162 
HOH non-polymer         . WATER           ? 'H2 O'           18.015  
ILE 'L-peptide linking' y ISOLEUCINE      ? 'C6 H13 N O2'    131.173 
LEU 'L-peptide linking' y LEUCINE         ? 'C6 H13 N O2'    131.173 
LYS 'L-peptide linking' y LYSINE          ? 'C6 H15 N2 O2 1' 147.195 
MET 'L-peptide linking' y METHIONINE      ? 'C5 H11 N O2 S'  149.211 
PHE 'L-peptide linking' y PHENYLALANINE   ? 'C9 H11 N O2'    165.189 
PRO 'L-peptide linking' y PROLINE         ? 'C5 H9 N O2'     115.130 
SER 'L-peptide linking' y SERINE          ? 'C3 H7 N O3'     105.093 
THR 'L-peptide linking' y THREONINE       ? 'C4 H9 N O3'     119.119 
TYR 'L-peptide linking' y TYROSINE        ? 'C9 H11 N O3'    181.189 
VAL 'L-peptide linking' y VALINE          ? 'C5 H11 N O2'    117.146 
# 
_exptl.entry_id          3CTG 
_exptl.method            'X-RAY DIFFRACTION' 
_exptl.crystals_number   1 
# 
_exptl_crystal.id                    1 
_exptl_crystal.density_meas          ? 
_exptl_crystal.density_Matthews      2.40 
_exptl_crystal.density_percent_sol   48.74 
_exptl_crystal.description           ? 
_exptl_crystal.F_000                 ? 
_exptl_crystal.preparation           ? 
# 
_exptl_crystal_grow.crystal_id      1 
_exptl_crystal_grow.method          'VAPOR DIFFUSION, HANGING DROP' 
_exptl_crystal_grow.temp            289 
_exptl_crystal_grow.temp_details    ? 
_exptl_crystal_grow.pH              4.60 
_exptl_crystal_grow.pdbx_details    '30% PEG 4000, 0.1M NAAC, 0.2M NH4AC, VAPOR DIFFUSION, HANGING DROP, pH 4.60, temperature 289K' 
_exptl_crystal_grow.pdbx_pH_range   . 
# 
_diffrn.id                     1 
_diffrn.ambient_temp           100.0 
_diffrn.ambient_temp_details   ? 
_diffrn.crystal_id             1 
# 
_diffrn_detector.diffrn_id              1 
_diffrn_detector.detector               'IMAGE PLATE' 
_diffrn_detector.type                   'MAR scanner 345 mm plate' 
_diffrn_detector.pdbx_collection_date   ? 
_diffrn_detector.details                MIRRORS 
# 
_diffrn_radiation.diffrn_id                        1 
_diffrn_radiation.wavelength_id                    1 
_diffrn_radiation.pdbx_monochromatic_or_laue_m_l   M 
_diffrn_radiation.monochromator                    'YALE MIRRORS' 
_diffrn_radiation.pdbx_diffrn_protocol             'SINGLE WAVELENGTH' 
_diffrn_radiation.pdbx_scattering_type             x-ray 
# 
_diffrn_radiation_wavelength.id           1 
_diffrn_radiation_wavelength.wavelength   1.54179 
_diffrn_radiation_wavelength.wt           1.0 
# 
_diffrn_source.diffrn_id                   1 
_diffrn_source.source                      'ROTATING ANODE' 
_diffrn_source.type                        RIGAKU 
_diffrn_source.pdbx_synchrotron_site       ? 
_diffrn_source.pdbx_synchrotron_beamline   ? 
_diffrn_source.pdbx_wavelength             ? 
_diffrn_source.pdbx_wavelength_list        1.54179 
# 
_reflns.entry_id                     3CTG 
_reflns.observed_criterion_sigma_I   ? 
_reflns.observed_criterion_sigma_F   ? 
_reflns.d_resolution_low             22.130 
_reflns.d_resolution_high            1.500 
_reflns.number_obs                   20618 
_reflns.number_all                   ? 
_reflns.percent_possible_obs         98.5 
_reflns.pdbx_Rmerge_I_obs            0.07600 
_reflns.pdbx_Rsym_value              ? 
_reflns.pdbx_netI_over_sigmaI        6.4000 
_reflns.B_iso_Wilson_estimate        16.50 
_reflns.pdbx_redundancy              2.910 
_reflns.R_free_details               ? 
_reflns.limit_h_max                  ? 
_reflns.limit_h_min                  ? 
_reflns.limit_k_max                  ? 
_reflns.limit_k_min                  ? 
_reflns.limit_l_max                  ? 
_reflns.limit_l_min                  ? 
_reflns.observed_criterion_F_max     ? 
_reflns.observed_criterion_F_min     ? 
_reflns.pdbx_chi_squared             ? 
_reflns.pdbx_scaling_rejects         ? 
_reflns.pdbx_diffrn_id               1 
_reflns.pdbx_ordinal                 1 
# 
_reflns_shell.d_res_high             1.50 
_reflns_shell.d_res_low              1.55 
_reflns_shell.percent_possible_all   99.4 
_reflns_shell.Rmerge_I_obs           0.14100 
_reflns_shell.pdbx_Rsym_value        ? 
_reflns_shell.meanI_over_sigI_obs    3.300 
_reflns_shell.pdbx_redundancy        2.97 
_reflns_shell.percent_possible_obs   ? 
_reflns_shell.number_unique_all      ? 
_reflns_shell.number_measured_all    ? 
_reflns_shell.number_measured_obs    ? 
_reflns_shell.number_unique_obs      ? 
_reflns_shell.pdbx_chi_squared       ? 
_reflns_shell.pdbx_diffrn_id         ? 
_reflns_shell.pdbx_ordinal           1 
# 
_refine.entry_id                                 3CTG 
_refine.ls_number_reflns_obs                     20618 
_refine.ls_number_reflns_all                     ? 
_refine.pdbx_ls_sigma_I                          ? 
_refine.pdbx_ls_sigma_F                          0.000 
_refine.pdbx_data_cutoff_high_absF               727971.050 
_refine.pdbx_data_cutoff_low_absF                0.0000 
_refine.pdbx_data_cutoff_high_rms_absF           ? 
_refine.ls_d_res_low                             22.13 
_refine.ls_d_res_high                            1.50 
_refine.ls_percent_reflns_obs                    96.2 
_refine.ls_R_factor_obs                          0.199 
_refine.ls_R_factor_all                          ? 
_refine.ls_R_factor_R_work                       0.199 
_refine.ls_R_factor_R_free                       0.199 
_refine.ls_R_factor_R_free_error                 0.006 
_refine.ls_R_factor_R_free_error_details         ? 
_refine.ls_percent_reflns_R_free                 5.000 
_refine.ls_number_reflns_R_free                  1037 
_refine.ls_number_parameters                     ? 
_refine.ls_number_restraints                     ? 
_refine.occupancy_min                            ? 
_refine.occupancy_max                            ? 
_refine.correlation_coeff_Fo_to_Fc               ? 
_refine.correlation_coeff_Fo_to_Fc_free          ? 
_refine.B_iso_mean                               17.10 
_refine.aniso_B[1][1]                            0.00000 
_refine.aniso_B[2][2]                            0.00000 
_refine.aniso_B[3][3]                            0.00000 
_refine.aniso_B[1][2]                            0.00000 
_refine.aniso_B[1][3]                            0.00000 
_refine.aniso_B[2][3]                            0.00000 
_refine.solvent_model_details                    'FLAT MODEL' 
_refine.solvent_model_param_ksol                 0.39 
_refine.solvent_model_param_bsol                 45.73 
_refine.pdbx_solvent_vdw_probe_radii             ? 
_refine.pdbx_solvent_ion_probe_radii             ? 
_refine.pdbx_solvent_shrinkage_radii             ? 
_refine.pdbx_ls_cross_valid_method               THROUGHOUT 
_refine.details                                  ? 
_refine.pdbx_starting_model                      'PDB ENTRY 3CTF' 
_refine.pdbx_method_to_determine_struct          'MOLECULAR REPLACEMENT' 
_refine.pdbx_isotropic_thermal_model             RESTRAINED 
_refine.pdbx_stereochemistry_target_values       'Engh & Huber' 
_refine.pdbx_stereochem_target_val_spec_case     ? 
_refine.pdbx_R_Free_selection_details            RANDOM 
_refine.pdbx_overall_ESU_R                       ? 
_refine.pdbx_overall_ESU_R_Free                  ? 
_refine.overall_SU_ML                            ? 
_refine.overall_SU_B                             ? 
_refine.ls_redundancy_reflns_obs                 ? 
_refine.B_iso_min                                ? 
_refine.B_iso_max                                ? 
_refine.overall_SU_R_Cruickshank_DPI             ? 
_refine.overall_SU_R_free                        ? 
_refine.ls_wR_factor_R_free                      ? 
_refine.ls_wR_factor_R_work                      ? 
_refine.overall_FOM_free_R_set                   ? 
_refine.overall_FOM_work_R_set                   ? 
_refine.pdbx_overall_phase_error                 ? 
_refine.pdbx_refine_id                           'X-RAY DIFFRACTION' 
_refine.pdbx_diffrn_id                           1 
_refine.pdbx_TLS_residual_ADP_flag               ? 
_refine.pdbx_overall_SU_R_free_Cruickshank_DPI   ? 
_refine.pdbx_overall_SU_R_Blow_DPI               ? 
_refine.pdbx_overall_SU_R_free_Blow_DPI          ? 
# 
_refine_analyze.entry_id                        3CTG 
_refine_analyze.Luzzati_coordinate_error_obs    0.17 
_refine_analyze.Luzzati_sigma_a_obs             0.10 
_refine_analyze.Luzzati_d_res_low_obs           5.00 
_refine_analyze.Luzzati_coordinate_error_free   0.18 
_refine_analyze.Luzzati_sigma_a_free            0.12 
_refine_analyze.Luzzati_d_res_low_free          ? 
_refine_analyze.number_disordered_residues      ? 
_refine_analyze.occupancy_sum_hydrogen          ? 
_refine_analyze.occupancy_sum_non_hydrogen      ? 
_refine_analyze.pdbx_Luzzati_d_res_high_obs     ? 
_refine_analyze.pdbx_refine_id                  'X-RAY DIFFRACTION' 
# 
_refine_hist.pdbx_refine_id                   'X-RAY DIFFRACTION' 
_refine_hist.cycle_id                         LAST 
_refine_hist.pdbx_number_atoms_protein        831 
_refine_hist.pdbx_number_atoms_nucleic_acid   0 
_refine_hist.pdbx_number_atoms_ligand         0 
_refine_hist.number_atoms_solvent             211 
_refine_hist.number_atoms_total               1042 
_refine_hist.d_res_high                       1.50 
_refine_hist.d_res_low                        22.13 
# 
loop_
_refine_ls_restr.type 
_refine_ls_restr.dev_ideal 
_refine_ls_restr.dev_ideal_target 
_refine_ls_restr.weight 
_refine_ls_restr.number 
_refine_ls_restr.pdbx_refine_id 
_refine_ls_restr.pdbx_restraint_function 
c_bond_d                0.005 ? ? ? 'X-RAY DIFFRACTION' ? 
c_bond_d_na             ?     ? ? ? 'X-RAY DIFFRACTION' ? 
c_bond_d_prot           ?     ? ? ? 'X-RAY DIFFRACTION' ? 
c_angle_d               ?     ? ? ? 'X-RAY DIFFRACTION' ? 
c_angle_d_na            ?     ? ? ? 'X-RAY DIFFRACTION' ? 
c_angle_d_prot          ?     ? ? ? 'X-RAY DIFFRACTION' ? 
c_angle_deg             1.30  ? ? ? 'X-RAY DIFFRACTION' ? 
c_angle_deg_na          ?     ? ? ? 'X-RAY DIFFRACTION' ? 
c_angle_deg_prot        ?     ? ? ? 'X-RAY DIFFRACTION' ? 
c_dihedral_angle_d      22.90 ? ? ? 'X-RAY DIFFRACTION' ? 
c_dihedral_angle_d_na   ?     ? ? ? 'X-RAY DIFFRACTION' ? 
c_dihedral_angle_d_prot ?     ? ? ? 'X-RAY DIFFRACTION' ? 
c_improper_angle_d      0.82  ? ? ? 'X-RAY DIFFRACTION' ? 
c_improper_angle_d_na   ?     ? ? ? 'X-RAY DIFFRACTION' ? 
c_improper_angle_d_prot ?     ? ? ? 'X-RAY DIFFRACTION' ? 
c_mcbond_it             ?     ? ? ? 'X-RAY DIFFRACTION' ? 
c_mcangle_it            ?     ? ? ? 'X-RAY DIFFRACTION' ? 
c_scbond_it             ?     ? ? ? 'X-RAY DIFFRACTION' ? 
c_scangle_it            ?     ? ? ? 'X-RAY DIFFRACTION' ? 
# 
_refine_ls_shell.pdbx_total_number_of_bins_used   10 
_refine_ls_shell.d_res_high                       1.50 
_refine_ls_shell.d_res_low                        1.55 
_refine_ls_shell.number_reflns_R_work             1888 
_refine_ls_shell.R_factor_R_work                  0.2680 
_refine_ls_shell.percent_reflns_obs               93.30 
_refine_ls_shell.R_factor_R_free                  0.2980 
_refine_ls_shell.R_factor_R_free_error            0.029 
_refine_ls_shell.percent_reflns_R_free            5.30 
_refine_ls_shell.number_reflns_R_free             105 
_refine_ls_shell.number_reflns_all                ? 
_refine_ls_shell.R_factor_all                     ? 
_refine_ls_shell.number_reflns_obs                ? 
_refine_ls_shell.redundancy_reflns_obs            ? 
_refine_ls_shell.pdbx_refine_id                   'X-RAY DIFFRACTION' 
# 
loop_
_pdbx_xplor_file.serial_no 
_pdbx_xplor_file.param_file 
_pdbx_xplor_file.topol_file 
_pdbx_xplor_file.pdbx_refine_id 
1 PROTEIN_REP.PARAM PROTEIN.TOP 'X-RAY DIFFRACTION' 
2 WATER_REP.PARAM   WATER.TOP   'X-RAY DIFFRACTION' 
# 
_struct.entry_id                  3CTG 
_struct.title                     'Crystal structure of reduced glutaredoxin 2' 
_struct.pdbx_model_details        ? 
_struct.pdbx_CASP_flag            ? 
_struct.pdbx_model_type_details   ? 
# 
_struct_keywords.entry_id        3CTG 
_struct_keywords.pdbx_keywords   OXIDOREDUCTASE 
_struct_keywords.text            
'REDUCED FORM, Electron transport, Mitochondrion, Redox-active center, Transit peptide, Transport, OXIDOREDUCTASE' 
# 
loop_
_struct_asym.id 
_struct_asym.pdbx_blank_PDB_chainid_flag 
_struct_asym.pdbx_modified 
_struct_asym.entity_id 
_struct_asym.details 
A N N 1 ? 
B N N 2 ? 
# 
_struct_biol.id        1 
_struct_biol.details   ? 
# 
loop_
_struct_conf.conf_type_id 
_struct_conf.id 
_struct_conf.pdbx_PDB_helix_id 
_struct_conf.beg_label_comp_id 
_struct_conf.beg_label_asym_id 
_struct_conf.beg_label_seq_id 
_struct_conf.pdbx_beg_PDB_ins_code 
_struct_conf.end_label_comp_id 
_struct_conf.end_label_asym_id 
_struct_conf.end_label_seq_id 
_struct_conf.pdbx_end_PDB_ins_code 
_struct_conf.beg_auth_comp_id 
_struct_conf.beg_auth_asym_id 
_struct_conf.beg_auth_seq_id 
_struct_conf.end_auth_comp_id 
_struct_conf.end_auth_asym_id 
_struct_conf.end_auth_seq_id 
_struct_conf.pdbx_PDB_helix_class 
_struct_conf.details 
_struct_conf.pdbx_PDB_helix_length 
HELX_P HELX_P1 1 SER A 23  ? LYS A 37  ? SER A 37  LYS A 51  1 ? 15 
HELX_P HELX_P2 2 CYS A 47  ? GLN A 59  ? CYS A 61  GLN A 73  1 ? 13 
HELX_P HELX_P3 3 PRO A 64  ? SER A 66  ? PRO A 78  SER A 80  5 ? 3  
HELX_P HELX_P4 4 ASP A 74  ? MET A 76  ? ASP A 88  MET A 90  5 ? 3  
HELX_P HELX_P5 5 ASN A 78  ? GLY A 91  ? ASN A 92  GLY A 105 1 ? 14 
HELX_P HELX_P6 6 GLY A 107 ? ASN A 117 ? GLY A 121 ASN A 131 1 ? 11 
HELX_P HELX_P7 7 GLY A 118 ? LEU A 124 ? GLY A 132 LEU A 138 1 ? 7  
# 
_struct_conf_type.id          HELX_P 
_struct_conf_type.criteria    ? 
_struct_conf_type.reference   ? 
# 
_struct_mon_prot_cis.pdbx_id                1 
_struct_mon_prot_cis.label_comp_id          VAL 
_struct_mon_prot_cis.label_seq_id           95 
_struct_mon_prot_cis.label_asym_id          A 
_struct_mon_prot_cis.label_alt_id           . 
_struct_mon_prot_cis.pdbx_PDB_ins_code      ? 
_struct_mon_prot_cis.auth_comp_id           VAL 
_struct_mon_prot_cis.auth_seq_id            109 
_struct_mon_prot_cis.auth_asym_id           A 
_struct_mon_prot_cis.pdbx_label_comp_id_2   PRO 
_struct_mon_prot_cis.pdbx_label_seq_id_2    96 
_struct_mon_prot_cis.pdbx_label_asym_id_2   A 
_struct_mon_prot_cis.pdbx_PDB_ins_code_2    ? 
_struct_mon_prot_cis.pdbx_auth_comp_id_2    PRO 
_struct_mon_prot_cis.pdbx_auth_seq_id_2     110 
_struct_mon_prot_cis.pdbx_auth_asym_id_2    A 
_struct_mon_prot_cis.pdbx_PDB_model_num     1 
_struct_mon_prot_cis.pdbx_omega_angle       0.34 
# 
_struct_sheet.id               A 
_struct_sheet.type             ? 
_struct_sheet.number_strands   4 
_struct_sheet.details          ? 
# 
loop_
_struct_sheet_order.sheet_id 
_struct_sheet_order.range_id_1 
_struct_sheet_order.range_id_2 
_struct_sheet_order.offset 
_struct_sheet_order.sense 
A 1 2 ? parallel      
A 2 3 ? anti-parallel 
A 3 4 ? anti-parallel 
# 
loop_
_struct_sheet_range.sheet_id 
_struct_sheet_range.id 
_struct_sheet_range.beg_label_comp_id 
_struct_sheet_range.beg_label_asym_id 
_struct_sheet_range.beg_label_seq_id 
_struct_sheet_range.pdbx_beg_PDB_ins_code 
_struct_sheet_range.end_label_comp_id 
_struct_sheet_range.end_label_asym_id 
_struct_sheet_range.end_label_seq_id 
_struct_sheet_range.pdbx_end_PDB_ins_code 
_struct_sheet_range.beg_auth_comp_id 
_struct_sheet_range.beg_auth_asym_id 
_struct_sheet_range.beg_auth_seq_id 
_struct_sheet_range.end_auth_comp_id 
_struct_sheet_range.end_auth_asym_id 
_struct_sheet_range.end_auth_seq_id 
A 1 ALA A 68  ? GLU A 72  ? ALA A 82  GLU A 86  
A 2 VAL A 39  ? ALA A 43  ? VAL A 53  ALA A 57  
A 3 ASN A 97  ? ILE A 100 ? ASN A 111 ILE A 114 
A 4 LYS A 103 ? GLY A 106 ? LYS A 117 GLY A 120 
# 
loop_
_pdbx_struct_sheet_hbond.sheet_id 
_pdbx_struct_sheet_hbond.range_id_1 
_pdbx_struct_sheet_hbond.range_id_2 
_pdbx_struct_sheet_hbond.range_1_label_atom_id 
_pdbx_struct_sheet_hbond.range_1_label_comp_id 
_pdbx_struct_sheet_hbond.range_1_label_asym_id 
_pdbx_struct_sheet_hbond.range_1_label_seq_id 
_pdbx_struct_sheet_hbond.range_1_PDB_ins_code 
_pdbx_struct_sheet_hbond.range_1_auth_atom_id 
_pdbx_struct_sheet_hbond.range_1_auth_comp_id 
_pdbx_struct_sheet_hbond.range_1_auth_asym_id 
_pdbx_struct_sheet_hbond.range_1_auth_seq_id 
_pdbx_struct_sheet_hbond.range_2_label_atom_id 
_pdbx_struct_sheet_hbond.range_2_label_comp_id 
_pdbx_struct_sheet_hbond.range_2_label_asym_id 
_pdbx_struct_sheet_hbond.range_2_label_seq_id 
_pdbx_struct_sheet_hbond.range_2_PDB_ins_code 
_pdbx_struct_sheet_hbond.range_2_auth_atom_id 
_pdbx_struct_sheet_hbond.range_2_auth_comp_id 
_pdbx_struct_sheet_hbond.range_2_auth_asym_id 
_pdbx_struct_sheet_hbond.range_2_auth_seq_id 
A 1 2 O LEU A 71 ? O LEU A 85  N ALA A 43  ? N ALA A 57  
A 2 3 N PHE A 40 ? N PHE A 54  O TYR A 99  ? O TYR A 113 
A 3 4 N VAL A 98 ? N VAL A 112 O ILE A 105 ? O ILE A 119 
# 
_atom_sites.entry_id                    3CTG 
_atom_sites.fract_transf_matrix[1][1]   -0.01172907 
_atom_sites.fract_transf_matrix[1][2]   0.01014484 
_atom_sites.fract_transf_matrix[1][3]   -0.01834447 
_atom_sites.fract_transf_matrix[2][1]   0.02028426 
_atom_sites.fract_transf_matrix[2][2]   0.01079733 
_atom_sites.fract_transf_matrix[2][3]   -0.00699819 
_atom_sites.fract_transf_matrix[3][1]   0.00280950 
_atom_sites.fract_transf_matrix[3][2]   -0.01004154 
_atom_sites.fract_transf_matrix[3][3]   -0.00734950 
_atom_sites.fract_transf_vector[1]      -0.277239 
_atom_sites.fract_transf_vector[2]      0.309140 
_atom_sites.fract_transf_vector[3]      0.001892 
# 
loop_
_atom_type.symbol 
C 
N 
O 
S 
# 
loop_
_atom_site.group_PDB 
_atom_site.id 
_atom_site.type_symbol 
_atom_site.label_atom_id 
_atom_site.label_alt_id 
_atom_site.label_comp_id 
_atom_site.label_asym_id 
_atom_site.label_entity_id 
_atom_site.label_seq_id 
_atom_site.pdbx_PDB_ins_code 
_atom_site.Cartn_x 
_atom_site.Cartn_y 
_atom_site.Cartn_z 
_atom_site.occupancy 
_atom_site.B_iso_or_equiv 
_atom_site.pdbx_formal_charge 
_atom_site.auth_seq_id 
_atom_site.auth_comp_id 
_atom_site.auth_asym_id 
_atom_site.auth_atom_id 
_atom_site.pdbx_PDB_model_num 
ATOM   1    N N   . VAL A 1 22  ? 20.244  -2.817  -3.703  1.00 33.46 ? 36  VAL A N   1 
ATOM   2    C CA  . VAL A 1 22  ? 19.181  -3.003  -2.671  1.00 32.67 ? 36  VAL A CA  1 
ATOM   3    C C   . VAL A 1 22  ? 19.767  -3.717  -1.457  1.00 31.20 ? 36  VAL A C   1 
ATOM   4    O O   . VAL A 1 22  ? 19.892  -4.942  -1.449  1.00 31.12 ? 36  VAL A O   1 
ATOM   5    C CB  . VAL A 1 22  ? 18.009  -3.844  -3.225  1.00 33.84 ? 36  VAL A CB  1 
ATOM   6    C CG1 . VAL A 1 22  ? 16.802  -3.715  -2.311  1.00 33.75 ? 36  VAL A CG1 1 
ATOM   7    C CG2 . VAL A 1 22  ? 17.668  -3.401  -4.640  1.00 34.73 ? 36  VAL A CG2 1 
ATOM   8    N N   . SER A 1 23  ? 20.115  -2.951  -0.429  1.00 29.84 ? 37  SER A N   1 
ATOM   9    C CA  . SER A 1 23  ? 20.705  -3.512  0.786   1.00 28.63 ? 37  SER A CA  1 
ATOM   10   C C   . SER A 1 23  ? 19.689  -4.215  1.679   1.00 27.36 ? 37  SER A C   1 
ATOM   11   O O   . SER A 1 23  ? 18.498  -3.907  1.643   1.00 26.54 ? 37  SER A O   1 
ATOM   12   C CB  . SER A 1 23  ? 21.389  -2.408  1.593   1.00 28.69 ? 37  SER A CB  1 
ATOM   13   O OG  . SER A 1 23  ? 20.437  -1.515  2.146   1.00 28.36 ? 37  SER A OG  1 
ATOM   14   N N   . GLN A 1 24  ? 20.170  -5.156  2.489   1.00 25.94 ? 38  GLN A N   1 
ATOM   15   C CA  . GLN A 1 24  ? 19.299  -5.886  3.400   1.00 25.81 ? 38  GLN A CA  1 
ATOM   16   C C   . GLN A 1 24  ? 18.767  -4.962  4.490   1.00 24.04 ? 38  GLN A C   1 
ATOM   17   O O   . GLN A 1 24  ? 17.692  -5.197  5.039   1.00 22.34 ? 38  GLN A O   1 
ATOM   18   C CB  . GLN A 1 24  ? 20.040  -7.070  4.037   1.00 28.45 ? 38  GLN A CB  1 
ATOM   19   C CG  . GLN A 1 24  ? 21.365  -6.727  4.695   1.00 32.62 ? 38  GLN A CG  1 
ATOM   20   C CD  . GLN A 1 24  ? 21.999  -7.936  5.360   1.00 34.60 ? 38  GLN A CD  1 
ATOM   21   O OE1 . GLN A 1 24  ? 21.787  -9.072  4.932   1.00 37.30 ? 38  GLN A OE1 1 
ATOM   22   N NE2 . GLN A 1 24  ? 22.793  -7.698  6.397   1.00 36.71 ? 38  GLN A NE2 1 
ATOM   23   N N   . GLU A 1 25  ? 19.522  -3.913  4.802   1.00 22.70 ? 39  GLU A N   1 
ATOM   24   C CA  . GLU A 1 25  ? 19.104  -2.950  5.816   1.00 22.06 ? 39  GLU A CA  1 
ATOM   25   C C   . GLU A 1 25  ? 17.858  -2.208  5.334   1.00 20.06 ? 39  GLU A C   1 
ATOM   26   O O   . GLU A 1 25  ? 16.893  -2.042  6.082   1.00 18.85 ? 39  GLU A O   1 
ATOM   27   C CB  . GLU A 1 25  ? 20.221  -1.939  6.098   1.00 23.95 ? 39  GLU A CB  1 
ATOM   28   C CG  . GLU A 1 25  ? 21.335  -2.433  7.021   1.00 29.11 ? 39  GLU A CG  1 
ATOM   29   C CD  . GLU A 1 25  ? 22.200  -3.520  6.405   1.00 31.33 ? 39  GLU A CD  1 
ATOM   30   O OE1 . GLU A 1 25  ? 22.466  -3.463  5.184   1.00 32.67 ? 39  GLU A OE1 1 
ATOM   31   O OE2 . GLU A 1 25  ? 22.633  -4.423  7.152   1.00 33.97 ? 39  GLU A OE2 1 
ATOM   32   N N   . THR A 1 26  ? 17.883  -1.761  4.082   1.00 19.70 ? 40  THR A N   1 
ATOM   33   C CA  . THR A 1 26  ? 16.750  -1.043  3.514   1.00 20.12 ? 40  THR A CA  1 
ATOM   34   C C   . THR A 1 26  ? 15.534  -1.961  3.431   1.00 18.89 ? 40  THR A C   1 
ATOM   35   O O   . THR A 1 26  ? 14.412  -1.550  3.727   1.00 18.84 ? 40  THR A O   1 
ATOM   36   C CB  . THR A 1 26  ? 17.067  -0.522  2.102   1.00 21.55 ? 40  THR A CB  1 
ATOM   37   O OG1 . THR A 1 26  ? 18.197  0.356   2.159   1.00 24.53 ? 40  THR A OG1 1 
ATOM   38   C CG2 . THR A 1 26  ? 15.875  0.243   1.535   1.00 21.29 ? 40  THR A CG2 1 
ATOM   39   N N   . VAL A 1 27  ? 15.761  -3.204  3.026   1.00 17.69 ? 41  VAL A N   1 
ATOM   40   C CA  . VAL A 1 27  ? 14.681  -4.174  2.919   1.00 16.16 ? 41  VAL A CA  1 
ATOM   41   C C   . VAL A 1 27  ? 14.025  -4.383  4.281   1.00 14.95 ? 41  VAL A C   1 
ATOM   42   O O   . VAL A 1 27  ? 12.798  -4.377  4.397   1.00 14.94 ? 41  VAL A O   1 
ATOM   43   C CB  . VAL A 1 27  ? 15.209  -5.521  2.384   1.00 17.25 ? 41  VAL A CB  1 
ATOM   44   C CG1 . VAL A 1 27  ? 14.118  -6.576  2.447   1.00 18.11 ? 41  VAL A CG1 1 
ATOM   45   C CG2 . VAL A 1 27  ? 15.691  -5.344  0.957   1.00 19.63 ? 41  VAL A CG2 1 
ATOM   46   N N   . ALA A 1 28  ? 14.848  -4.565  5.309   1.00 13.89 ? 42  ALA A N   1 
ATOM   47   C CA  . ALA A 1 28  ? 14.347  -4.761  6.663   1.00 12.74 ? 42  ALA A CA  1 
ATOM   48   C C   . ALA A 1 28  ? 13.550  -3.536  7.116   1.00 12.20 ? 42  ALA A C   1 
ATOM   49   O O   . ALA A 1 28  ? 12.513  -3.665  7.770   1.00 13.13 ? 42  ALA A O   1 
ATOM   50   C CB  . ALA A 1 28  ? 15.513  -5.010  7.621   1.00 13.27 ? 42  ALA A CB  1 
ATOM   51   N N   . HIS A 1 29  ? 14.038  -2.350  6.767   1.00 12.28 ? 43  HIS A N   1 
ATOM   52   C CA  . HIS A 1 29  ? 13.357  -1.113  7.144   1.00 11.86 ? 43  HIS A CA  1 
ATOM   53   C C   . HIS A 1 29  ? 11.984  -1.025  6.489   1.00 11.92 ? 43  HIS A C   1 
ATOM   54   O O   . HIS A 1 29  ? 11.007  -0.636  7.132   1.00 12.11 ? 43  HIS A O   1 
ATOM   55   C CB  . HIS A 1 29  ? 14.190  0.104   6.741   1.00 12.88 ? 43  HIS A CB  1 
ATOM   56   C CG  . HIS A 1 29  ? 13.506  1.412   6.992   1.00 14.17 ? 43  HIS A CG  1 
ATOM   57   N ND1 . HIS A 1 29  ? 13.041  1.783   8.236   1.00 16.23 ? 43  HIS A ND1 1 
ATOM   58   C CD2 . HIS A 1 29  ? 13.212  2.436   6.159   1.00 16.05 ? 43  HIS A CD2 1 
ATOM   59   C CE1 . HIS A 1 29  ? 12.490  2.981   8.157   1.00 15.03 ? 43  HIS A CE1 1 
ATOM   60   N NE2 . HIS A 1 29  ? 12.581  3.400   6.908   1.00 16.87 ? 43  HIS A NE2 1 
ATOM   61   N N   . VAL A 1 30  ? 11.910  -1.380  5.210   1.00 11.78 ? 44  VAL A N   1 
ATOM   62   C CA  . VAL A 1 30  ? 10.642  -1.338  4.499   1.00 11.55 ? 44  VAL A CA  1 
ATOM   63   C C   . VAL A 1 30  ? 9.667   -2.361  5.073   1.00 11.19 ? 44  VAL A C   1 
ATOM   64   O O   . VAL A 1 30  ? 8.465   -2.108  5.134   1.00 10.64 ? 44  VAL A O   1 
ATOM   65   C CB  . VAL A 1 30  ? 10.841  -1.572  2.990   1.00 10.53 ? 44  VAL A CB  1 
ATOM   66   C CG1 . VAL A 1 30  ? 9.489   -1.728  2.297   1.00 11.91 ? 44  VAL A CG1 1 
ATOM   67   C CG2 . VAL A 1 30  ? 11.598  -0.393  2.395   1.00 13.19 ? 44  VAL A CG2 1 
ATOM   68   N N   . LYS A 1 31  ? 10.168  -3.517  5.500   1.00 11.42 ? 45  LYS A N   1 
ATOM   69   C CA  . LYS A 1 31  ? 9.273   -4.499  6.095   1.00 11.62 ? 45  LYS A CA  1 
ATOM   70   C C   . LYS A 1 31  ? 8.726   -3.910  7.391   1.00 10.90 ? 45  LYS A C   1 
ATOM   71   O O   . LYS A 1 31  ? 7.579   -4.153  7.757   1.00 13.32 ? 45  LYS A O   1 
ATOM   72   C CB  . LYS A 1 31  ? 10.002  -5.823  6.355   1.00 13.92 ? 45  LYS A CB  1 
ATOM   73   C CG  . LYS A 1 31  ? 10.384  -6.529  5.062   1.00 17.58 ? 45  LYS A CG  1 
ATOM   74   C CD  . LYS A 1 31  ? 10.350  -8.046  5.186   1.00 21.45 ? 45  LYS A CD  1 
ATOM   75   C CE  . LYS A 1 31  ? 10.290  -8.676  3.794   1.00 22.75 ? 45  LYS A CE  1 
ATOM   76   N NZ  . LYS A 1 31  ? 10.103  -10.159 3.799   1.00 24.44 ? 45  LYS A NZ  1 
ATOM   77   N N   . ASP A 1 32  ? 9.545   -3.118  8.075   1.00 13.43 ? 46  ASP A N   1 
ATOM   78   C CA  . ASP A 1 32  ? 9.110   -2.472  9.309   1.00 14.14 ? 46  ASP A CA  1 
ATOM   79   C C   . ASP A 1 32  ? 7.969   -1.511  8.991   1.00 12.44 ? 46  ASP A C   1 
ATOM   80   O O   . ASP A 1 32  ? 6.930   -1.524  9.651   1.00 13.95 ? 46  ASP A O   1 
ATOM   81   C CB  . ASP A 1 32  ? 10.257  -1.684  9.936   1.00 17.63 ? 46  ASP A CB  1 
ATOM   82   C CG  . ASP A 1 32  ? 9.839   -0.948  11.196  1.00 23.57 ? 46  ASP A CG  1 
ATOM   83   O OD1 . ASP A 1 32  ? 10.712  -0.333  11.843  1.00 28.15 ? 46  ASP A OD1 1 
ATOM   84   O OD2 . ASP A 1 32  ? 8.640   -0.979  11.546  1.00 28.65 ? 46  ASP A OD2 1 
ATOM   85   N N   . LEU A 1 33  ? 8.179   -0.670  7.984   1.00 12.07 ? 47  LEU A N   1 
ATOM   86   C CA  . LEU A 1 33  ? 7.167   0.296   7.576   1.00 11.25 ? 47  LEU A CA  1 
ATOM   87   C C   . LEU A 1 33  ? 5.862   -0.411  7.228   1.00 11.48 ? 47  LEU A C   1 
ATOM   88   O O   . LEU A 1 33  ? 4.784   0.040   7.607   1.00 11.36 ? 47  LEU A O   1 
ATOM   89   C CB  . LEU A 1 33  ? 7.659   1.103   6.370   1.00 11.28 ? 47  LEU A CB  1 
ATOM   90   C CG  . LEU A 1 33  ? 8.907   1.956   6.608   1.00 12.48 ? 47  LEU A CG  1 
ATOM   91   C CD1 . LEU A 1 33  ? 9.258   2.701   5.334   1.00 13.72 ? 47  LEU A CD1 1 
ATOM   92   C CD2 . LEU A 1 33  ? 8.663   2.934   7.750   1.00 15.93 ? 47  LEU A CD2 1 
ATOM   93   N N   . ILE A 1 34  ? 5.957   -1.517  6.498   1.00 11.09 ? 48  ILE A N   1 
ATOM   94   C CA  . ILE A 1 34  ? 4.767   -2.263  6.112   1.00 11.86 ? 48  ILE A CA  1 
ATOM   95   C C   . ILE A 1 34  ? 3.966   -2.731  7.324   1.00 12.22 ? 48  ILE A C   1 
ATOM   96   O O   . ILE A 1 34  ? 2.736   -2.780  7.282   1.00 12.38 ? 48  ILE A O   1 
ATOM   97   C CB  . ILE A 1 34  ? 5.139   -3.492  5.242   1.00 11.28 ? 48  ILE A CB  1 
ATOM   98   C CG1 . ILE A 1 34  ? 5.606   -3.020  3.862   1.00 11.42 ? 48  ILE A CG1 1 
ATOM   99   C CG2 . ILE A 1 34  ? 3.941   -4.431  5.101   1.00 11.83 ? 48  ILE A CG2 1 
ATOM   100  C CD1 . ILE A 1 34  ? 6.162   -4.127  2.994   1.00 13.71 ? 48  ILE A CD1 1 
ATOM   101  N N   . GLY A 1 35  ? 4.661   -3.062  8.407   1.00 11.97 ? 49  GLY A N   1 
ATOM   102  C CA  . GLY A 1 35  ? 3.976   -3.534  9.598   1.00 13.12 ? 49  GLY A CA  1 
ATOM   103  C C   . GLY A 1 35  ? 3.621   -2.484  10.634  1.00 13.53 ? 49  GLY A C   1 
ATOM   104  O O   . GLY A 1 35  ? 3.015   -2.805  11.652  1.00 14.51 ? 49  GLY A O   1 
ATOM   105  N N   . GLN A 1 36  ? 3.980   -1.230  10.387  1.00 12.84 ? 50  GLN A N   1 
ATOM   106  C CA  . GLN A 1 36  ? 3.680   -0.173  11.347  1.00 13.46 ? 50  GLN A CA  1 
ATOM   107  C C   . GLN A 1 36  ? 2.193   0.118   11.467  1.00 13.90 ? 50  GLN A C   1 
ATOM   108  O O   . GLN A 1 36  ? 1.685   0.336   12.567  1.00 15.82 ? 50  GLN A O   1 
ATOM   109  C CB  . GLN A 1 36  ? 4.428   1.105   10.981  1.00 14.40 ? 50  GLN A CB  1 
ATOM   110  C CG  . GLN A 1 36  ? 5.887   1.074   11.385  1.00 18.07 ? 50  GLN A CG  1 
ATOM   111  C CD  . GLN A 1 36  ? 6.616   2.335   10.990  1.00 18.98 ? 50  GLN A CD  1 
ATOM   112  O OE1 . GLN A 1 36  ? 5.995   3.336   10.635  1.00 21.70 ? 50  GLN A OE1 1 
ATOM   113  N NE2 . GLN A 1 36  ? 7.940   2.298   11.058  1.00 23.03 ? 50  GLN A NE2 1 
ATOM   114  N N   . LYS A 1 37  ? 1.499   0.128   10.335  1.00 12.61 ? 51  LYS A N   1 
ATOM   115  C CA  . LYS A 1 37  ? 0.063   0.375   10.317  1.00 11.73 ? 51  LYS A CA  1 
ATOM   116  C C   . LYS A 1 37  ? -0.621  -0.778  9.600   1.00 11.95 ? 51  LYS A C   1 
ATOM   117  O O   . LYS A 1 37  ? 0.007   -1.493  8.821   1.00 11.61 ? 51  LYS A O   1 
ATOM   118  C CB  . LYS A 1 37  ? -0.244  1.707   9.624   1.00 12.24 ? 51  LYS A CB  1 
ATOM   119  C CG  . LYS A 1 37  ? 0.248   2.934   10.391  1.00 13.83 ? 51  LYS A CG  1 
ATOM   120  C CD  . LYS A 1 37  ? -0.436  3.040   11.752  1.00 16.21 ? 51  LYS A CD  1 
ATOM   121  C CE  . LYS A 1 37  ? 0.100   4.201   12.577  1.00 20.64 ? 51  LYS A CE  1 
ATOM   122  N NZ  . LYS A 1 37  ? -0.224  5.526   11.984  1.00 25.01 ? 51  LYS A NZ  1 
ATOM   123  N N   . GLU A 1 38  ? -1.906  -0.962  9.863   1.00 11.25 ? 52  GLU A N   1 
ATOM   124  C CA  . GLU A 1 38  ? -2.644  -2.056  9.253   1.00 11.80 ? 52  GLU A CA  1 
ATOM   125  C C   . GLU A 1 38  ? -2.764  -1.928  7.745   1.00 12.41 ? 52  GLU A C   1 
ATOM   126  O O   . GLU A 1 38  ? -2.729  -2.931  7.035   1.00 14.16 ? 52  GLU A O   1 
ATOM   127  C CB  . GLU A 1 38  ? -4.012  -2.179  9.922   1.00 14.32 ? 52  GLU A CB  1 
ATOM   128  C CG  . GLU A 1 38  ? -3.860  -2.642  11.363  1.00 17.42 ? 52  GLU A CG  1 
ATOM   129  C CD  . GLU A 1 38  ? -4.996  -2.207  12.256  1.00 20.10 ? 52  GLU A CD  1 
ATOM   130  O OE1 . GLU A 1 38  ? -6.030  -2.903  12.298  1.00 22.30 ? 52  GLU A OE1 1 
ATOM   131  O OE2 . GLU A 1 38  ? -4.846  -1.160  12.919  1.00 21.16 ? 52  GLU A OE2 1 
ATOM   132  N N   . VAL A 1 39  ? -2.892  -0.700  7.253   1.00 10.72 ? 53  VAL A N   1 
ATOM   133  C CA  . VAL A 1 39  ? -2.991  -0.484  5.815   1.00 9.99  ? 53  VAL A CA  1 
ATOM   134  C C   . VAL A 1 39  ? -1.782  0.306   5.346   1.00 10.19 ? 53  VAL A C   1 
ATOM   135  O O   . VAL A 1 39  ? -1.516  1.408   5.829   1.00 10.43 ? 53  VAL A O   1 
ATOM   136  C CB  . VAL A 1 39  ? -4.277  0.278   5.445   1.00 9.77  ? 53  VAL A CB  1 
ATOM   137  C CG1 . VAL A 1 39  ? -4.342  0.481   3.936   1.00 10.56 ? 53  VAL A CG1 1 
ATOM   138  C CG2 . VAL A 1 39  ? -5.493  -0.501  5.926   1.00 10.23 ? 53  VAL A CG2 1 
ATOM   139  N N   . PHE A 1 40  ? -1.040  -0.279  4.412   1.00 8.19  ? 54  PHE A N   1 
ATOM   140  C CA  . PHE A 1 40  ? 0.156   0.340   3.858   1.00 7.87  ? 54  PHE A CA  1 
ATOM   141  C C   . PHE A 1 40  ? -0.002  0.557   2.365   1.00 8.26  ? 54  PHE A C   1 
ATOM   142  O O   . PHE A 1 40  ? -0.455  -0.335  1.638   1.00 9.00  ? 54  PHE A O   1 
ATOM   143  C CB  . PHE A 1 40  ? 1.369   -0.557  4.108   1.00 7.64  ? 54  PHE A CB  1 
ATOM   144  C CG  . PHE A 1 40  ? 2.630   -0.094  3.430   1.00 7.43  ? 54  PHE A CG  1 
ATOM   145  C CD1 . PHE A 1 40  ? 3.518   0.762   4.076   1.00 8.42  ? 54  PHE A CD1 1 
ATOM   146  C CD2 . PHE A 1 40  ? 2.931   -0.517  2.141   1.00 8.51  ? 54  PHE A CD2 1 
ATOM   147  C CE1 . PHE A 1 40  ? 4.691   1.179   3.449   1.00 9.92  ? 54  PHE A CE1 1 
ATOM   148  C CE2 . PHE A 1 40  ? 4.098   -0.107  1.506   1.00 9.08  ? 54  PHE A CE2 1 
ATOM   149  C CZ  . PHE A 1 40  ? 4.979   0.744   2.156   1.00 8.62  ? 54  PHE A CZ  1 
ATOM   150  N N   . VAL A 1 41  ? 0.350   1.751   1.909   1.00 7.22  ? 55  VAL A N   1 
ATOM   151  C CA  . VAL A 1 41  ? 0.252   2.031   0.490   1.00 7.32  ? 55  VAL A CA  1 
ATOM   152  C C   . VAL A 1 41  ? 1.472   2.771   0.009   1.00 7.77  ? 55  VAL A C   1 
ATOM   153  O O   . VAL A 1 41  ? 1.797   3.830   0.521   1.00 8.96  ? 55  VAL A O   1 
ATOM   154  C CB  . VAL A 1 41  ? -1.006  2.837   0.148   1.00 6.70  ? 55  VAL A CB  1 
ATOM   155  C CG1 . VAL A 1 41  ? -1.008  3.243   -1.318  1.00 8.30  ? 55  VAL A CG1 1 
ATOM   156  C CG2 . VAL A 1 41  ? -2.251  2.043   0.502   1.00 8.27  ? 55  VAL A CG2 1 
ATOM   157  N N   . ALA A 1 42  ? 2.165   2.223   -0.977  1.00 6.99  ? 56  ALA A N   1 
ATOM   158  C CA  . ALA A 1 42  ? 3.327   2.883   -1.561  1.00 6.48  ? 56  ALA A CA  1 
ATOM   159  C C   . ALA A 1 42  ? 2.802   3.585   -2.811  1.00 6.81  ? 56  ALA A C   1 
ATOM   160  O O   . ALA A 1 42  ? 2.334   2.913   -3.722  1.00 8.03  ? 56  ALA A O   1 
ATOM   161  C CB  . ALA A 1 42  ? 4.429   1.899   -1.924  1.00 6.88  ? 56  ALA A CB  1 
ATOM   162  N N   . ALA A 1 43  ? 2.873   4.916   -2.893  1.00 7.54  ? 57  ALA A N   1 
ATOM   163  C CA  . ALA A 1 43  ? 2.386   5.581   -4.092  1.00 8.21  ? 57  ALA A CA  1 
ATOM   164  C C   . ALA A 1 43  ? 3.272   6.728   -4.551  1.00 7.25  ? 57  ALA A C   1 
ATOM   165  O O   . ALA A 1 43  ? 4.333   6.995   -3.973  1.00 8.57  ? 57  ALA A O   1 
ATOM   166  C CB  . ALA A 1 43  ? 0.983   6.092   -3.837  1.00 8.17  ? 57  ALA A CB  1 
ATOM   167  N N   . LYS A 1 44  ? 2.808   7.405   -5.598  1.00 8.37  ? 58  LYS A N   1 
ATOM   168  C CA  . LYS A 1 44  ? 3.470   8.586   -6.138  1.00 9.41  ? 58  LYS A CA  1 
ATOM   169  C C   . LYS A 1 44  ? 2.346   9.598   -6.342  1.00 10.61 ? 58  LYS A C   1 
ATOM   170  O O   . LYS A 1 44  ? 1.258   9.252   -6.799  1.00 9.78  ? 58  LYS A O   1 
ATOM   171  C CB  . LYS A 1 44  ? 4.215   8.268   -7.434  1.00 10.52 ? 58  LYS A CB  1 
ATOM   172  C CG  . LYS A 1 44  ? 5.458   7.440   -7.167  1.00 12.16 ? 58  LYS A CG  1 
ATOM   173  C CD  . LYS A 1 44  ? 6.267   7.180   -8.425  1.00 14.20 ? 58  LYS A CD  1 
ATOM   174  C CE  . LYS A 1 44  ? 7.454   6.288   -8.093  1.00 14.76 ? 58  LYS A CE  1 
ATOM   175  N NZ  . LYS A 1 44  ? 8.316   5.963   -9.263  1.00 17.53 ? 58  LYS A NZ  1 
ATOM   176  N N   . THR A 1 45  ? 2.615   10.847  -5.987  1.00 12.02 ? 59  THR A N   1 
ATOM   177  C CA  . THR A 1 45  ? 1.617   11.912  -6.054  1.00 12.62 ? 59  THR A CA  1 
ATOM   178  C C   . THR A 1 45  ? 0.937   12.186  -7.388  1.00 12.64 ? 59  THR A C   1 
ATOM   179  O O   . THR A 1 45  ? -0.213  12.615  -7.415  1.00 14.16 ? 59  THR A O   1 
ATOM   180  C CB  . THR A 1 45  ? 2.201   13.256  -5.558  1.00 11.89 ? 59  THR A CB  1 
ATOM   181  O OG1 . THR A 1 45  ? 3.187   13.727  -6.483  1.00 13.84 ? 59  THR A OG1 1 
ATOM   182  C CG2 . THR A 1 45  ? 2.832   13.091  -4.183  1.00 12.25 ? 59  THR A CG2 1 
ATOM   183  N N   . TYR A 1 46  ? 1.634   11.931  -8.488  1.00 12.54 ? 60  TYR A N   1 
ATOM   184  C CA  . TYR A 1 46  ? 1.095   12.218  -9.814  1.00 13.71 ? 60  TYR A CA  1 
ATOM   185  C C   . TYR A 1 46  ? 0.488   11.028  -10.538 1.00 13.82 ? 60  TYR A C   1 
ATOM   186  O O   . TYR A 1 46  ? 0.004   11.158  -11.662 1.00 16.06 ? 60  TYR A O   1 
ATOM   187  C CB  . TYR A 1 46  ? 2.200   12.823  -10.678 1.00 14.86 ? 60  TYR A CB  1 
ATOM   188  C CG  . TYR A 1 46  ? 3.464   11.992  -10.692 1.00 16.52 ? 60  TYR A CG  1 
ATOM   189  C CD1 . TYR A 1 46  ? 3.559   10.842  -11.475 1.00 16.81 ? 60  TYR A CD1 1 
ATOM   190  C CD2 . TYR A 1 46  ? 4.559   12.346  -9.905  1.00 17.43 ? 60  TYR A CD2 1 
ATOM   191  C CE1 . TYR A 1 46  ? 4.716   10.068  -11.476 1.00 18.67 ? 60  TYR A CE1 1 
ATOM   192  C CE2 . TYR A 1 46  ? 5.720   11.577  -9.897  1.00 17.64 ? 60  TYR A CE2 1 
ATOM   193  C CZ  . TYR A 1 46  ? 5.791   10.441  -10.685 1.00 18.57 ? 60  TYR A CZ  1 
ATOM   194  O OH  . TYR A 1 46  ? 6.942   9.685   -10.684 1.00 20.96 ? 60  TYR A OH  1 
ATOM   195  N N   . CYS A 1 47  ? 0.502   9.871   -9.892  1.00 11.90 ? 61  CYS A N   1 
ATOM   196  C CA  . CYS A 1 47  ? -0.026  8.657   -10.497 1.00 11.28 ? 61  CYS A CA  1 
ATOM   197  C C   . CYS A 1 47  ? -1.538  8.482   -10.354 1.00 9.43  ? 61  CYS A C   1 
ATOM   198  O O   . CYS A 1 47  ? -2.064  8.426   -9.243  1.00 10.32 ? 61  CYS A O   1 
ATOM   199  C CB  . CYS A 1 47  ? 0.697   7.454   -9.900  1.00 10.61 ? 61  CYS A CB  1 
ATOM   200  S SG  . CYS A 1 47  ? 0.112   5.873   -10.508 1.00 10.28 ? 61  CYS A SG  1 
ATOM   201  N N   . PRO A 1 48  ? -2.258  8.379   -11.487 1.00 10.60 ? 62  PRO A N   1 
ATOM   202  C CA  . PRO A 1 48  ? -3.714  8.208   -11.462 1.00 9.86  ? 62  PRO A CA  1 
ATOM   203  C C   . PRO A 1 48  ? -4.149  6.876   -10.864 1.00 9.38  ? 62  PRO A C   1 
ATOM   204  O O   . PRO A 1 48  ? -5.251  6.763   -10.325 1.00 10.42 ? 62  PRO A O   1 
ATOM   205  C CB  . PRO A 1 48  ? -4.106  8.337   -12.935 1.00 11.10 ? 62  PRO A CB  1 
ATOM   206  C CG  . PRO A 1 48  ? -2.903  7.814   -13.641 1.00 14.35 ? 62  PRO A CG  1 
ATOM   207  C CD  . PRO A 1 48  ? -1.774  8.465   -12.875 1.00 11.97 ? 62  PRO A CD  1 
ATOM   208  N N   . TYR A 1 49  ? -3.291  5.865   -10.966 1.00 9.32  ? 63  TYR A N   1 
ATOM   209  C CA  . TYR A 1 49  ? -3.625  4.564   -10.406 1.00 7.93  ? 63  TYR A CA  1 
ATOM   210  C C   . TYR A 1 49  ? -3.566  4.677   -8.890  1.00 8.65  ? 63  TYR A C   1 
ATOM   211  O O   . TYR A 1 49  ? -4.393  4.102   -8.185  1.00 9.05  ? 63  TYR A O   1 
ATOM   212  C CB  . TYR A 1 49  ? -2.662  3.488   -10.929 1.00 9.33  ? 63  TYR A CB  1 
ATOM   213  C CG  . TYR A 1 49  ? -2.674  3.411   -12.437 1.00 10.09 ? 63  TYR A CG  1 
ATOM   214  C CD1 . TYR A 1 49  ? -1.645  3.968   -13.188 1.00 11.86 ? 63  TYR A CD1 1 
ATOM   215  C CD2 . TYR A 1 49  ? -3.773  2.881   -13.115 1.00 12.47 ? 63  TYR A CD2 1 
ATOM   216  C CE1 . TYR A 1 49  ? -1.715  4.012   -14.579 1.00 13.07 ? 63  TYR A CE1 1 
ATOM   217  C CE2 . TYR A 1 49  ? -3.852  2.921   -14.501 1.00 14.14 ? 63  TYR A CE2 1 
ATOM   218  C CZ  . TYR A 1 49  ? -2.823  3.491   -15.222 1.00 14.12 ? 63  TYR A CZ  1 
ATOM   219  O OH  . TYR A 1 49  ? -2.918  3.574   -16.592 1.00 16.73 ? 63  TYR A OH  1 
ATOM   220  N N   . CYS A 1 50  ? -2.586  5.427   -8.396  1.00 8.86  ? 64  CYS A N   1 
ATOM   221  C CA  . CYS A 1 50  ? -2.451  5.649   -6.964  1.00 8.85  ? 64  CYS A CA  1 
ATOM   222  C C   . CYS A 1 50  ? -3.639  6.466   -6.466  1.00 8.71  ? 64  CYS A C   1 
ATOM   223  O O   . CYS A 1 50  ? -4.193  6.178   -5.410  1.00 10.22 ? 64  CYS A O   1 
ATOM   224  C CB  . CYS A 1 50  ? -1.153  6.394   -6.657  1.00 8.87  ? 64  CYS A CB  1 
ATOM   225  S SG  . CYS A 1 50  ? 0.311   5.401   -6.944  1.00 8.48  ? 64  CYS A SG  1 
ATOM   226  N N   . LYS A 1 51  ? -4.035  7.487   -7.223  1.00 9.61  ? 65  LYS A N   1 
ATOM   227  C CA  . LYS A 1 51  ? -5.176  8.308   -6.820  1.00 10.74 ? 65  LYS A CA  1 
ATOM   228  C C   . LYS A 1 51  ? -6.452  7.487   -6.703  1.00 10.49 ? 65  LYS A C   1 
ATOM   229  O O   . LYS A 1 51  ? -7.240  7.682   -5.778  1.00 11.68 ? 65  LYS A O   1 
ATOM   230  C CB  . LYS A 1 51  ? -5.383  9.449   -7.811  1.00 12.01 ? 65  LYS A CB  1 
ATOM   231  C CG  . LYS A 1 51  ? -4.326  10.508  -7.680  1.00 16.61 ? 65  LYS A CG  1 
ATOM   232  C CD  . LYS A 1 51  ? -4.359  11.495  -8.817  1.00 19.95 ? 65  LYS A CD  1 
ATOM   233  C CE  . LYS A 1 51  ? -3.132  12.351  -8.718  1.00 23.39 ? 65  LYS A CE  1 
ATOM   234  N NZ  . LYS A 1 51  ? -1.975  11.440  -8.536  1.00 27.11 ? 65  LYS A NZ  1 
ATOM   235  N N   . ALA A 1 52  ? -6.662  6.567   -7.641  1.00 10.35 ? 66  ALA A N   1 
ATOM   236  C CA  . ALA A 1 52  ? -7.850  5.723   -7.610  1.00 9.85  ? 66  ALA A CA  1 
ATOM   237  C C   . ALA A 1 52  ? -7.829  4.814   -6.381  1.00 9.62  ? 66  ALA A C   1 
ATOM   238  O O   . ALA A 1 52  ? -8.854  4.612   -5.728  1.00 9.95  ? 66  ALA A O   1 
ATOM   239  C CB  . ALA A 1 52  ? -7.932  4.882   -8.887  1.00 10.21 ? 66  ALA A CB  1 
ATOM   240  N N   . THR A 1 53  ? -6.659  4.263   -6.070  1.00 8.89  ? 67  THR A N   1 
ATOM   241  C CA  . THR A 1 53  ? -6.516  3.382   -4.919  1.00 9.00  ? 67  THR A CA  1 
ATOM   242  C C   . THR A 1 53  ? -6.749  4.118   -3.606  1.00 8.35  ? 67  THR A C   1 
ATOM   243  O O   . THR A 1 53  ? -7.446  3.614   -2.728  1.00 9.17  ? 67  THR A O   1 
ATOM   244  C CB  . THR A 1 53  ? -5.115  2.724   -4.907  1.00 9.24  ? 67  THR A CB  1 
ATOM   245  O OG1 . THR A 1 53  ? -5.125  1.594   -5.787  1.00 9.89  ? 67  THR A OG1 1 
ATOM   246  C CG2 . THR A 1 53  ? -4.727  2.259   -3.504  1.00 9.43  ? 67  THR A CG2 1 
ATOM   247  N N   . LEU A 1 54  ? -6.161  5.303   -3.469  1.00 9.12  ? 68  LEU A N   1 
ATOM   248  C CA  . LEU A 1 54  ? -6.336  6.078   -2.247  1.00 9.46  ? 68  LEU A CA  1 
ATOM   249  C C   . LEU A 1 54  ? -7.787  6.527   -2.106  1.00 9.85  ? 68  LEU A C   1 
ATOM   250  O O   . LEU A 1 54  ? -8.324  6.577   -1.000  1.00 9.80  ? 68  LEU A O   1 
ATOM   251  C CB  . LEU A 1 54  ? -5.390  7.284   -2.234  1.00 7.83  ? 68  LEU A CB  1 
ATOM   252  C CG  . LEU A 1 54  ? -3.903  6.916   -2.182  1.00 8.86  ? 68  LEU A CG  1 
ATOM   253  C CD1 . LEU A 1 54  ? -3.057  8.168   -2.304  1.00 10.84 ? 68  LEU A CD1 1 
ATOM   254  C CD2 . LEU A 1 54  ? -3.587  6.178   -0.885  1.00 10.37 ? 68  LEU A CD2 1 
ATOM   255  N N   . SER A 1 55  ? -8.428  6.846   -3.224  1.00 9.47  ? 69  SER A N   1 
ATOM   256  C CA  . SER A 1 55  ? -9.824  7.263   -3.176  1.00 11.13 ? 69  SER A CA  1 
ATOM   257  C C   . SER A 1 55  ? -10.689 6.095   -2.707  1.00 11.74 ? 69  SER A C   1 
ATOM   258  O O   . SER A 1 55  ? -11.547 6.243   -1.840  1.00 12.17 ? 69  SER A O   1 
ATOM   259  C CB  . SER A 1 55  ? -10.284 7.729   -4.555  1.00 12.59 ? 69  SER A CB  1 
ATOM   260  O OG  . SER A 1 55  ? -11.638 8.139   -4.512  1.00 17.40 ? 69  SER A OG  1 
ATOM   261  N N   . THR A 1 56  ? -10.458 4.922   -3.279  1.00 10.82 ? 70  THR A N   1 
ATOM   262  C CA  . THR A 1 56  ? -11.214 3.735   -2.911  1.00 10.20 ? 70  THR A CA  1 
ATOM   263  C C   . THR A 1 56  ? -11.108 3.433   -1.417  1.00 10.74 ? 70  THR A C   1 
ATOM   264  O O   . THR A 1 56  ? -12.116 3.247   -0.738  1.00 10.46 ? 70  THR A O   1 
ATOM   265  C CB  . THR A 1 56  ? -10.711 2.503   -3.706  1.00 9.61  ? 70  THR A CB  1 
ATOM   266  O OG1 . THR A 1 56  ? -11.111 2.636   -5.077  1.00 11.29 ? 70  THR A OG1 1 
ATOM   267  C CG2 . THR A 1 56  ? -11.270 1.207   -3.126  1.00 12.38 ? 70  THR A CG2 1 
ATOM   268  N N   . LEU A 1 57  ? -9.882  3.387   -0.909  1.00 10.59 ? 71  LEU A N   1 
ATOM   269  C CA  . LEU A 1 57  ? -9.656  3.073   0.495   1.00 10.18 ? 71  LEU A CA  1 
ATOM   270  C C   . LEU A 1 57  ? -10.119 4.118   1.495   1.00 10.53 ? 71  LEU A C   1 
ATOM   271  O O   . LEU A 1 57  ? -10.860 3.809   2.429   1.00 10.40 ? 71  LEU A O   1 
ATOM   272  C CB  . LEU A 1 57  ? -8.164  2.813   0.742   1.00 10.39 ? 71  LEU A CB  1 
ATOM   273  C CG  . LEU A 1 57  ? -7.534  1.573   0.102   1.00 10.27 ? 71  LEU A CG  1 
ATOM   274  C CD1 . LEU A 1 57  ? -6.016  1.671   0.198   1.00 10.77 ? 71  LEU A CD1 1 
ATOM   275  C CD2 . LEU A 1 57  ? -8.041  0.308   0.784   1.00 10.51 ? 71  LEU A CD2 1 
ATOM   276  N N   . PHE A 1 58  ? -9.665  5.339   1.325   1.00 10.61 ? 72  PHE A N   1 
ATOM   277  C CA  . PHE A 1 58  ? -9.962  6.398   2.298   1.00 10.83 ? 72  PHE A CA  1 
ATOM   278  C C   . PHE A 1 58  ? -11.183 7.228   1.999   1.00 12.45 ? 72  PHE A C   1 
ATOM   279  O O   . PHE A 1 58  ? -11.752 7.786   2.945   1.00 14.67 ? 72  PHE A O   1 
ATOM   280  C CB  . PHE A 1 58  ? -8.745  7.296   2.460   1.00 11.05 ? 72  PHE A CB  1 
ATOM   281  C CG  . PHE A 1 58  ? -7.552  6.470   2.823   1.00 10.28 ? 72  PHE A CG  1 
ATOM   282  C CD1 . PHE A 1 58  ? -7.526  5.758   4.019   1.00 10.35 ? 72  PHE A CD1 1 
ATOM   283  C CD2 . PHE A 1 58  ? -6.464  6.401   1.950   1.00 10.10 ? 72  PHE A CD2 1 
ATOM   284  C CE1 . PHE A 1 58  ? -6.432  4.952   4.320   1.00 10.65 ? 72  PHE A CE1 1 
ATOM   285  C CE2 . PHE A 1 58  ? -5.389  5.583   2.246   1.00 11.53 ? 72  PHE A CE2 1 
ATOM   286  C CZ  . PHE A 1 58  ? -5.378  4.868   3.442   1.00 10.87 ? 72  PHE A CZ  1 
ATOM   287  N N   . GLN A 1 59  ? -11.670 7.386   0.757   1.00 12.23 ? 73  GLN A N   1 
ATOM   288  C CA  . GLN A 1 59  ? -12.868 8.200   0.516   1.00 14.13 ? 73  GLN A CA  1 
ATOM   289  C C   . GLN A 1 59  ? -14.123 7.373   0.381   1.00 15.50 ? 73  GLN A C   1 
ATOM   290  O O   . GLN A 1 59  ? -15.142 7.632   1.021   1.00 17.18 ? 73  GLN A O   1 
ATOM   291  C CB  . GLN A 1 59  ? -12.684 9.095   -0.708  1.00 17.07 ? 73  GLN A CB  1 
ATOM   292  C CG  . GLN A 1 59  ? -12.065 10.438  -0.385  1.00 24.39 ? 73  GLN A CG  1 
ATOM   293  C CD  . GLN A 1 59  ? -10.938 10.805  -1.318  1.00 27.84 ? 73  GLN A CD  1 
ATOM   294  O OE1 . GLN A 1 59  ? -11.152 11.102  -2.497  1.00 30.47 ? 73  GLN A OE1 1 
ATOM   295  N NE2 . GLN A 1 59  ? -9.720  10.782  -0.796  1.00 29.93 ? 73  GLN A NE2 1 
ATOM   296  N N   . GLU A 1 60  ? -14.054 6.358   -0.473  1.00 14.15 ? 74  GLU A N   1 
ATOM   297  C CA  . GLU A 1 60  ? -15.202 5.487   -0.706  1.00 13.72 ? 74  GLU A CA  1 
ATOM   298  C C   . GLU A 1 60  ? -15.485 4.521   0.442   1.00 12.54 ? 74  GLU A C   1 
ATOM   299  O O   . GLU A 1 60  ? -16.618 4.420   0.913   1.00 12.76 ? 74  GLU A O   1 
ATOM   300  C CB  . GLU A 1 60  ? -15.000 4.697   -2.007  1.00 14.54 ? 74  GLU A CB  1 
ATOM   301  C CG  . GLU A 1 60  ? -16.099 3.682   -2.289  1.00 16.50 ? 74  GLU A CG  1 
ATOM   302  C CD  . GLU A 1 60  ? -15.937 2.979   -3.625  1.00 19.78 ? 74  GLU A CD  1 
ATOM   303  O OE1 . GLU A 1 60  ? -14.859 3.098   -4.249  1.00 21.62 ? 74  GLU A OE1 1 
ATOM   304  O OE2 . GLU A 1 60  ? -16.894 2.298   -4.048  1.00 21.61 ? 74  GLU A OE2 1 
ATOM   305  N N   . LEU A 1 61  ? -14.460 3.808   0.895   1.00 12.30 ? 75  LEU A N   1 
ATOM   306  C CA  . LEU A 1 61  ? -14.626 2.835   1.970   1.00 12.08 ? 75  LEU A CA  1 
ATOM   307  C C   . LEU A 1 61  ? -14.433 3.396   3.373   1.00 11.83 ? 75  LEU A C   1 
ATOM   308  O O   . LEU A 1 61  ? -14.761 2.746   4.361   1.00 11.82 ? 75  LEU A O   1 
ATOM   309  C CB  . LEU A 1 61  ? -13.680 1.656   1.751   1.00 13.00 ? 75  LEU A CB  1 
ATOM   310  C CG  . LEU A 1 61  ? -13.962 0.857   0.477   1.00 13.61 ? 75  LEU A CG  1 
ATOM   311  C CD1 . LEU A 1 61  ? -12.890 -0.210  0.291   1.00 13.56 ? 75  LEU A CD1 1 
ATOM   312  C CD2 . LEU A 1 61  ? -15.341 0.221   0.565   1.00 15.42 ? 75  LEU A CD2 1 
ATOM   313  N N   . ASN A 1 62  ? -13.879 4.595   3.454   1.00 11.90 ? 76  ASN A N   1 
ATOM   314  C CA  . ASN A 1 62  ? -13.656 5.257   4.732   1.00 11.60 ? 76  ASN A CA  1 
ATOM   315  C C   . ASN A 1 62  ? -12.788 4.486   5.708   1.00 11.69 ? 76  ASN A C   1 
ATOM   316  O O   . ASN A 1 62  ? -13.087 4.402   6.904   1.00 12.04 ? 76  ASN A O   1 
ATOM   317  C CB  . ASN A 1 62  ? -14.998 5.593   5.375   1.00 12.05 ? 76  ASN A CB  1 
ATOM   318  C CG  . ASN A 1 62  ? -15.761 6.616   4.578   1.00 12.18 ? 76  ASN A CG  1 
ATOM   319  O OD1 . ASN A 1 62  ? -15.311 7.750   4.418   1.00 14.43 ? 76  ASN A OD1 1 
ATOM   320  N ND2 . ASN A 1 62  ? -16.912 6.220   4.051   1.00 13.95 ? 76  ASN A ND2 1 
ATOM   321  N N   . VAL A 1 63  ? -11.705 3.914   5.199   1.00 11.35 ? 77  VAL A N   1 
ATOM   322  C CA  . VAL A 1 63  ? -10.771 3.210   6.057   1.00 11.18 ? 77  VAL A CA  1 
ATOM   323  C C   . VAL A 1 63  ? -10.170 4.307   6.932   1.00 11.21 ? 77  VAL A C   1 
ATOM   324  O O   . VAL A 1 63  ? -9.771  5.349   6.426   1.00 11.44 ? 77  VAL A O   1 
ATOM   325  C CB  . VAL A 1 63  ? -9.639  2.569   5.228   1.00 10.74 ? 77  VAL A CB  1 
ATOM   326  C CG1 . VAL A 1 63  ? -8.515  2.109   6.146   1.00 11.20 ? 77  VAL A CG1 1 
ATOM   327  C CG2 . VAL A 1 63  ? -10.179 1.400   4.420   1.00 13.19 ? 77  VAL A CG2 1 
ATOM   328  N N   . PRO A 1 64  ? -10.119 4.102   8.256   1.00 11.86 ? 78  PRO A N   1 
ATOM   329  C CA  . PRO A 1 64  ? -9.538  5.167   9.079   1.00 13.08 ? 78  PRO A CA  1 
ATOM   330  C C   . PRO A 1 64  ? -8.091  5.476   8.698   1.00 13.13 ? 78  PRO A C   1 
ATOM   331  O O   . PRO A 1 64  ? -7.239  4.584   8.689   1.00 12.36 ? 78  PRO A O   1 
ATOM   332  C CB  . PRO A 1 64  ? -9.669  4.621   10.505  1.00 13.99 ? 78  PRO A CB  1 
ATOM   333  C CG  . PRO A 1 64  ? -9.789  3.140   10.319  1.00 14.95 ? 78  PRO A CG  1 
ATOM   334  C CD  . PRO A 1 64  ? -10.637 3.008   9.091   1.00 13.33 ? 78  PRO A CD  1 
ATOM   335  N N   . LYS A 1 65  ? -7.823  6.740   8.376   1.00 13.53 ? 79  LYS A N   1 
ATOM   336  C CA  . LYS A 1 65  ? -6.479  7.167   7.993   1.00 13.61 ? 79  LYS A CA  1 
ATOM   337  C C   . LYS A 1 65  ? -5.466  6.941   9.115   1.00 12.54 ? 79  LYS A C   1 
ATOM   338  O O   . LYS A 1 65  ? -4.277  6.768   8.857   1.00 11.95 ? 79  LYS A O   1 
ATOM   339  C CB  . LYS A 1 65  ? -6.479  8.647   7.583   1.00 16.22 ? 79  LYS A CB  1 
ATOM   340  C CG  . LYS A 1 65  ? -7.395  8.961   6.403   1.00 21.32 ? 79  LYS A CG  1 
ATOM   341  C CD  . LYS A 1 65  ? -7.185  10.380  5.877   1.00 24.90 ? 79  LYS A CD  1 
ATOM   342  C CE  . LYS A 1 65  ? -6.062  10.449  4.848   1.00 28.01 ? 79  LYS A CE  1 
ATOM   343  N NZ  . LYS A 1 65  ? -6.475  9.916   3.517   1.00 30.26 ? 79  LYS A NZ  1 
ATOM   344  N N   . SER A 1 66  ? -5.932  6.941   10.360  1.00 11.80 ? 80  SER A N   1 
ATOM   345  C CA  . SER A 1 66  ? -5.040  6.725   11.492  1.00 11.83 ? 80  SER A CA  1 
ATOM   346  C C   . SER A 1 66  ? -4.524  5.288   11.545  1.00 11.14 ? 80  SER A C   1 
ATOM   347  O O   . SER A 1 66  ? -3.610  4.980   12.307  1.00 14.00 ? 80  SER A O   1 
ATOM   348  C CB  . SER A 1 66  ? -5.748  7.075   12.806  1.00 13.98 ? 80  SER A CB  1 
ATOM   349  O OG  . SER A 1 66  ? -6.986  6.400   12.913  1.00 19.62 ? 80  SER A OG  1 
ATOM   350  N N   . LYS A 1 67  ? -5.108  4.405   10.739  1.00 10.73 ? 81  LYS A N   1 
ATOM   351  C CA  . LYS A 1 67  ? -4.659  3.016   10.703  1.00 9.50  ? 81  LYS A CA  1 
ATOM   352  C C   . LYS A 1 67  ? -3.936  2.739   9.394   1.00 10.50 ? 81  LYS A C   1 
ATOM   353  O O   . LYS A 1 67  ? -3.822  1.591   8.956   1.00 10.11 ? 81  LYS A O   1 
ATOM   354  C CB  . LYS A 1 67  ? -5.841  2.059   10.853  1.00 10.29 ? 81  LYS A CB  1 
ATOM   355  C CG  . LYS A 1 67  ? -6.526  2.145   12.202  1.00 8.76  ? 81  LYS A CG  1 
ATOM   356  C CD  . LYS A 1 67  ? -7.538  1.032   12.371  1.00 9.95  ? 81  LYS A CD  1 
ATOM   357  C CE  . LYS A 1 67  ? -8.293  1.185   13.682  1.00 9.82  ? 81  LYS A CE  1 
ATOM   358  N NZ  . LYS A 1 67  ? -9.169  0.013   13.946  1.00 10.60 ? 81  LYS A NZ  1 
ATOM   359  N N   . ALA A 1 68  ? -3.441  3.798   8.770   1.00 8.76  ? 82  ALA A N   1 
ATOM   360  C CA  . ALA A 1 68  ? -2.736  3.639   7.511   1.00 9.48  ? 82  ALA A CA  1 
ATOM   361  C C   . ALA A 1 68  ? -1.458  4.448   7.419   1.00 9.71  ? 82  ALA A C   1 
ATOM   362  O O   . ALA A 1 68  ? -1.315  5.498   8.042   1.00 10.74 ? 82  ALA A O   1 
ATOM   363  C CB  . ALA A 1 68  ? -3.646  4.018   6.356   1.00 9.10  ? 82  ALA A CB  1 
ATOM   364  N N   . LEU A 1 69  ? -0.519  3.925   6.642   1.00 8.15  ? 83  LEU A N   1 
ATOM   365  C CA  . LEU A 1 69  ? 0.738   4.600   6.379   1.00 8.08  ? 83  LEU A CA  1 
ATOM   366  C C   . LEU A 1 69  ? 0.817   4.661   4.863   1.00 8.34  ? 83  LEU A C   1 
ATOM   367  O O   . LEU A 1 69  ? 0.937   3.630   4.189   1.00 9.29  ? 83  LEU A O   1 
ATOM   368  C CB  . LEU A 1 69  ? 1.940   3.822   6.919   1.00 9.08  ? 83  LEU A CB  1 
ATOM   369  C CG  . LEU A 1 69  ? 3.283   4.430   6.489   1.00 9.24  ? 83  LEU A CG  1 
ATOM   370  C CD1 . LEU A 1 69  ? 3.412   5.864   7.009   1.00 10.11 ? 83  LEU A CD1 1 
ATOM   371  C CD2 . LEU A 1 69  ? 4.425   3.564   6.996   1.00 9.89  ? 83  LEU A CD2 1 
ATOM   372  N N   . VAL A 1 70  ? 0.713   5.872   4.331   1.00 7.68  ? 84  VAL A N   1 
ATOM   373  C CA  . VAL A 1 70  ? 0.779   6.088   2.896   1.00 8.68  ? 84  VAL A CA  1 
ATOM   374  C C   . VAL A 1 70  ? 2.075   6.804   2.581   1.00 8.91  ? 84  VAL A C   1 
ATOM   375  O O   . VAL A 1 70  ? 2.321   7.910   3.068   1.00 9.24  ? 84  VAL A O   1 
ATOM   376  C CB  . VAL A 1 70  ? -0.410  6.943   2.393   1.00 8.20  ? 84  VAL A CB  1 
ATOM   377  C CG1 . VAL A 1 70  ? -0.280  7.204   0.891   1.00 8.92  ? 84  VAL A CG1 1 
ATOM   378  C CG2 . VAL A 1 70  ? -1.721  6.217   2.684   1.00 10.00 ? 84  VAL A CG2 1 
ATOM   379  N N   . LEU A 1 71  ? 2.923   6.159   1.792   1.00 8.35  ? 85  LEU A N   1 
ATOM   380  C CA  . LEU A 1 71  ? 4.191   6.760   1.408   1.00 7.69  ? 85  LEU A CA  1 
ATOM   381  C C   . LEU A 1 71  ? 4.090   7.290   -0.010  1.00 9.21  ? 85  LEU A C   1 
ATOM   382  O O   . LEU A 1 71  ? 3.724   6.556   -0.920  1.00 10.01 ? 85  LEU A O   1 
ATOM   383  C CB  . LEU A 1 71  ? 5.325   5.733   1.439   1.00 8.46  ? 85  LEU A CB  1 
ATOM   384  C CG  . LEU A 1 71  ? 5.614   4.987   2.735   1.00 11.38 ? 85  LEU A CG  1 
ATOM   385  C CD1 . LEU A 1 71  ? 6.856   4.134   2.530   1.00 13.28 ? 85  LEU A CD1 1 
ATOM   386  C CD2 . LEU A 1 71  ? 5.829   5.968   3.875   1.00 11.44 ? 85  LEU A CD2 1 
ATOM   387  N N   . GLU A 1 72  ? 4.377   8.567   -0.155  1.00 8.58  ? 86  GLU A N   1 
ATOM   388  C CA  . GLU A 1 72  ? 4.430   9.161   -1.461  1.00 9.35  ? 86  GLU A CA  1 
ATOM   389  C C   . GLU A 1 72  ? 5.896   9.180   -1.825  1.00 10.28 ? 86  GLU A C   1 
ATOM   390  O O   . GLU A 1 72  ? 6.589   10.132  -1.511  1.00 10.36 ? 86  GLU A O   1 
ATOM   391  C CB  . GLU A 1 72  ? 3.875   10.574  -1.466  1.00 9.90  ? 86  GLU A CB  1 
ATOM   392  C CG  . GLU A 1 72  ? 2.377   10.620  -1.284  1.00 9.49  ? 86  GLU A CG  1 
ATOM   393  C CD  . GLU A 1 72  ? 1.642   9.949   -2.412  1.00 10.06 ? 86  GLU A CD  1 
ATOM   394  O OE1 . GLU A 1 72  ? 2.298   9.603   -3.425  1.00 10.48 ? 86  GLU A OE1 1 
ATOM   395  O OE2 . GLU A 1 72  ? 0.414   9.772   -2.282  1.00 11.58 ? 86  GLU A OE2 1 
ATOM   396  N N   . LEU A 1 73  ? 6.398   8.106   -2.482  1.00 9.62  ? 87  LEU A N   1 
ATOM   397  C CA  . LEU A 1 73  ? 7.817   7.939   -2.807  1.00 9.84  ? 87  LEU A CA  1 
ATOM   398  C C   . LEU A 1 73  ? 8.454   9.118   -3.525  1.00 9.21  ? 87  LEU A C   1 
ATOM   399  O O   . LEU A 1 73  ? 9.635   9.389   -3.318  1.00 9.87  ? 87  LEU A O   1 
ATOM   400  C CB  . LEU A 1 73  ? 8.013   6.656   -3.628  1.00 9.40  ? 87  LEU A CB  1 
ATOM   401  C CG  . LEU A 1 73  ? 7.469   5.369   -2.987  1.00 8.40  ? 87  LEU A CG  1 
ATOM   402  C CD1 . LEU A 1 73  ? 7.780   4.167   -3.865  1.00 10.65 ? 87  LEU A CD1 1 
ATOM   403  C CD2 . LEU A 1 73  ? 8.056   5.176   -1.587  1.00 9.75  ? 87  LEU A CD2 1 
ATOM   404  N N   . ASP A 1 74  ? 7.739   9.835   -4.384  1.00 10.44 ? 88  ASP A N   1 
ATOM   405  C CA  . ASP A 1 74  ? 8.355   10.952  -5.078  1.00 11.57 ? 88  ASP A CA  1 
ATOM   406  C C   . ASP A 1 74  ? 8.628   12.122  -4.136  1.00 12.40 ? 88  ASP A C   1 
ATOM   407  O O   . ASP A 1 74  ? 9.304   13.076  -4.517  1.00 12.79 ? 88  ASP A O   1 
ATOM   408  C CB  . ASP A 1 74  ? 7.506   11.387  -6.288  1.00 11.74 ? 88  ASP A CB  1 
ATOM   409  C CG  . ASP A 1 74  ? 6.076   11.742  -5.923  1.00 13.89 ? 88  ASP A CG  1 
ATOM   410  O OD1 . ASP A 1 74  ? 5.407   10.940  -5.245  1.00 13.96 ? 88  ASP A OD1 1 
ATOM   411  O OD2 . ASP A 1 74  ? 5.615   12.829  -6.333  1.00 17.92 ? 88  ASP A OD2 1 
ATOM   412  N N   . GLU A 1 75  ? 8.114   12.038  -2.908  1.00 11.07 ? 89  GLU A N   1 
ATOM   413  C CA  . GLU A 1 75  ? 8.328   13.081  -1.899  1.00 11.59 ? 89  GLU A CA  1 
ATOM   414  C C   . GLU A 1 75  ? 9.099   12.511  -0.707  1.00 12.13 ? 89  GLU A C   1 
ATOM   415  O O   . GLU A 1 75  ? 9.085   13.072  0.391   1.00 11.16 ? 89  GLU A O   1 
ATOM   416  C CB  . GLU A 1 75  ? 6.993   13.673  -1.433  1.00 12.14 ? 89  GLU A CB  1 
ATOM   417  C CG  . GLU A 1 75  ? 6.227   14.370  -2.546  1.00 13.94 ? 89  GLU A CG  1 
ATOM   418  C CD  . GLU A 1 75  ? 4.958   15.046  -2.068  1.00 14.60 ? 89  GLU A CD  1 
ATOM   419  O OE1 . GLU A 1 75  ? 4.357   14.563  -1.086  1.00 13.68 ? 89  GLU A OE1 1 
ATOM   420  O OE2 . GLU A 1 75  ? 4.554   16.053  -2.690  1.00 18.37 ? 89  GLU A OE2 1 
ATOM   421  N N   . MET A 1 76  ? 9.755   11.376  -0.925  1.00 10.29 ? 90  MET A N   1 
ATOM   422  C CA  . MET A 1 76  ? 10.574  10.736  0.098   1.00 11.89 ? 90  MET A CA  1 
ATOM   423  C C   . MET A 1 76  ? 12.001  10.780  -0.434  1.00 12.25 ? 90  MET A C   1 
ATOM   424  O O   . MET A 1 76  ? 12.242  10.451  -1.595  1.00 12.49 ? 90  MET A O   1 
ATOM   425  C CB  . MET A 1 76  ? 10.150  9.295   0.357   1.00 12.82 ? 90  MET A CB  1 
ATOM   426  C CG  . MET A 1 76  ? 8.753   9.125   0.924   1.00 14.45 ? 90  MET A CG  1 
ATOM   427  S SD  . MET A 1 76  ? 8.685   9.480   2.689   1.00 16.33 ? 90  MET A SD  1 
ATOM   428  C CE  . MET A 1 76  ? 9.385   7.982   3.374   1.00 11.80 ? 90  MET A CE  1 
ATOM   429  N N   . SER A 1 77  ? 12.947  11.193  0.401   1.00 13.04 ? 91  SER A N   1 
ATOM   430  C CA  . SER A 1 77  ? 14.338  11.282  -0.030  1.00 13.89 ? 91  SER A CA  1 
ATOM   431  C C   . SER A 1 77  ? 14.912  9.923   -0.414  1.00 13.26 ? 91  SER A C   1 
ATOM   432  O O   . SER A 1 77  ? 15.852  9.842   -1.204  1.00 16.42 ? 91  SER A O   1 
ATOM   433  C CB  . SER A 1 77  ? 15.190  11.928  1.067   1.00 14.50 ? 91  SER A CB  1 
ATOM   434  O OG  . SER A 1 77  ? 14.747  13.251  1.327   1.00 16.65 ? 91  SER A OG  1 
ATOM   435  N N   . ASN A 1 78  ? 14.333  8.862   0.137   1.00 13.96 ? 92  ASN A N   1 
ATOM   436  C CA  . ASN A 1 78  ? 14.774  7.500   -0.147  1.00 14.05 ? 92  ASN A CA  1 
ATOM   437  C C   . ASN A 1 78  ? 13.714  6.750   -0.956  1.00 13.96 ? 92  ASN A C   1 
ATOM   438  O O   . ASN A 1 78  ? 13.617  5.524   -0.884  1.00 14.46 ? 92  ASN A O   1 
ATOM   439  C CB  . ASN A 1 78  ? 15.048  6.750   1.163   1.00 14.91 ? 92  ASN A CB  1 
ATOM   440  C CG  . ASN A 1 78  ? 13.852  6.750   2.109   1.00 14.50 ? 92  ASN A CG  1 
ATOM   441  O OD1 . ASN A 1 78  ? 13.840  6.028   3.108   1.00 19.34 ? 92  ASN A OD1 1 
ATOM   442  N ND2 . ASN A 1 78  ? 12.847  7.564   1.808   1.00 14.96 ? 92  ASN A ND2 1 
ATOM   443  N N   . GLY A 1 79  ? 12.931  7.496   -1.731  1.00 12.11 ? 93  GLY A N   1 
ATOM   444  C CA  . GLY A 1 79  ? 11.870  6.905   -2.529  1.00 12.34 ? 93  GLY A CA  1 
ATOM   445  C C   . GLY A 1 79  ? 12.262  5.780   -3.469  1.00 12.99 ? 93  GLY A C   1 
ATOM   446  O O   . GLY A 1 79  ? 11.616  4.727   -3.486  1.00 12.09 ? 93  GLY A O   1 
ATOM   447  N N   . SER A 1 80  ? 13.305  5.991   -4.262  1.00 13.10 ? 94  SER A N   1 
ATOM   448  C CA  . SER A 1 80  ? 13.744  4.967   -5.202  1.00 13.90 ? 94  SER A CA  1 
ATOM   449  C C   . SER A 1 80  ? 14.253  3.739   -4.465  1.00 13.95 ? 94  SER A C   1 
ATOM   450  O O   . SER A 1 80  ? 14.017  2.613   -4.898  1.00 14.07 ? 94  SER A O   1 
ATOM   451  C CB  . SER A 1 80  ? 14.836  5.512   -6.128  1.00 16.23 ? 94  SER A CB  1 
ATOM   452  O OG  . SER A 1 80  ? 16.005  5.844   -5.402  1.00 21.60 ? 94  SER A OG  1 
ATOM   453  N N   . GLU A 1 81  ? 14.942  3.949   -3.346  1.00 12.80 ? 95  GLU A N   1 
ATOM   454  C CA  . GLU A 1 81  ? 15.455  2.829   -2.568  1.00 13.25 ? 95  GLU A CA  1 
ATOM   455  C C   . GLU A 1 81  ? 14.298  2.016   -1.992  1.00 13.09 ? 95  GLU A C   1 
ATOM   456  O O   . GLU A 1 81  ? 14.351  0.787   -1.950  1.00 14.24 ? 95  GLU A O   1 
ATOM   457  C CB  . GLU A 1 81  ? 16.365  3.329   -1.439  1.00 16.24 ? 95  GLU A CB  1 
ATOM   458  C CG  . GLU A 1 81  ? 17.693  3.897   -1.931  1.00 21.39 ? 95  GLU A CG  1 
ATOM   459  C CD  . GLU A 1 81  ? 17.622  5.370   -2.294  1.00 24.51 ? 95  GLU A CD  1 
ATOM   460  O OE1 . GLU A 1 81  ? 16.510  5.890   -2.517  1.00 25.10 ? 95  GLU A OE1 1 
ATOM   461  O OE2 . GLU A 1 81  ? 18.693  6.007   -2.365  1.00 27.90 ? 95  GLU A OE2 1 
ATOM   462  N N   . ILE A 1 82  ? 13.247  2.701   -1.551  1.00 11.78 ? 96  ILE A N   1 
ATOM   463  C CA  . ILE A 1 82  ? 12.087  2.017   -1.000  1.00 11.93 ? 96  ILE A CA  1 
ATOM   464  C C   . ILE A 1 82  ? 11.376  1.218   -2.096  1.00 10.98 ? 96  ILE A C   1 
ATOM   465  O O   . ILE A 1 82  ? 10.944  0.085   -1.869  1.00 11.01 ? 96  ILE A O   1 
ATOM   466  C CB  . ILE A 1 82  ? 11.094  3.024   -0.380  1.00 11.78 ? 96  ILE A CB  1 
ATOM   467  C CG1 . ILE A 1 82  ? 11.708  3.640   0.879   1.00 13.37 ? 96  ILE A CG1 1 
ATOM   468  C CG2 . ILE A 1 82  ? 9.767   2.336   -0.058  1.00 12.74 ? 96  ILE A CG2 1 
ATOM   469  C CD1 . ILE A 1 82  ? 10.830  4.691   1.530   1.00 13.83 ? 96  ILE A CD1 1 
ATOM   470  N N   . GLN A 1 83  ? 11.259  1.800   -3.287  1.00 10.96 ? 97  GLN A N   1 
ATOM   471  C CA  . GLN A 1 83  ? 10.594  1.103   -4.379  1.00 11.01 ? 97  GLN A CA  1 
ATOM   472  C C   . GLN A 1 83  ? 11.389  -0.138  -4.777  1.00 11.38 ? 97  GLN A C   1 
ATOM   473  O O   . GLN A 1 83  ? 10.807  -1.188  -5.051  1.00 11.66 ? 97  GLN A O   1 
ATOM   474  C CB  . GLN A 1 83  ? 10.407  2.029   -5.584  1.00 10.67 ? 97  GLN A CB  1 
ATOM   475  C CG  . GLN A 1 83  ? 9.545   1.413   -6.679  1.00 12.92 ? 97  GLN A CG  1 
ATOM   476  C CD  . GLN A 1 83  ? 9.031   2.434   -7.672  1.00 14.18 ? 97  GLN A CD  1 
ATOM   477  O OE1 . GLN A 1 83  ? 9.357   3.619   -7.590  1.00 16.23 ? 97  GLN A OE1 1 
ATOM   478  N NE2 . GLN A 1 83  ? 8.219   1.980   -8.619  1.00 14.44 ? 97  GLN A NE2 1 
ATOM   479  N N   . ASP A 1 84  ? 12.714  -0.033  -4.799  1.00 12.46 ? 98  ASP A N   1 
ATOM   480  C CA  . ASP A 1 84  ? 13.526  -1.195  -5.142  1.00 13.15 ? 98  ASP A CA  1 
ATOM   481  C C   . ASP A 1 84  ? 13.355  -2.275  -4.081  1.00 12.63 ? 98  ASP A C   1 
ATOM   482  O O   . ASP A 1 84  ? 13.308  -3.467  -4.393  1.00 13.10 ? 98  ASP A O   1 
ATOM   483  C CB  . ASP A 1 84  ? 15.001  -0.816  -5.259  1.00 13.79 ? 98  ASP A CB  1 
ATOM   484  C CG  . ASP A 1 84  ? 15.302  -0.048  -6.526  1.00 15.25 ? 98  ASP A CG  1 
ATOM   485  O OD1 . ASP A 1 84  ? 14.486  -0.115  -7.468  1.00 17.57 ? 98  ASP A OD1 1 
ATOM   486  O OD2 . ASP A 1 84  ? 16.358  0.613   -6.580  1.00 19.67 ? 98  ASP A OD2 1 
ATOM   487  N N   . ALA A 1 85  ? 13.266  -1.857  -2.821  1.00 10.42 ? 99  ALA A N   1 
ATOM   488  C CA  . ALA A 1 85  ? 13.083  -2.802  -1.727  1.00 10.64 ? 99  ALA A CA  1 
ATOM   489  C C   . ALA A 1 85  ? 11.723  -3.482  -1.866  1.00 11.07 ? 99  ALA A C   1 
ATOM   490  O O   . ALA A 1 85  ? 11.597  -4.679  -1.624  1.00 10.78 ? 99  ALA A O   1 
ATOM   491  C CB  . ALA A 1 85  ? 13.181  -2.085  -0.380  1.00 11.73 ? 99  ALA A CB  1 
ATOM   492  N N   . LEU A 1 86  ? 10.707  -2.716  -2.256  1.00 10.82 ? 100 LEU A N   1 
ATOM   493  C CA  . LEU A 1 86  ? 9.371   -3.276  -2.436  1.00 10.32 ? 100 LEU A CA  1 
ATOM   494  C C   . LEU A 1 86  ? 9.357   -4.321  -3.544  1.00 10.10 ? 100 LEU A C   1 
ATOM   495  O O   . LEU A 1 86  ? 8.621   -5.305  -3.460  1.00 10.98 ? 100 LEU A O   1 
ATOM   496  C CB  . LEU A 1 86  ? 8.359   -2.173  -2.752  1.00 10.19 ? 100 LEU A CB  1 
ATOM   497  C CG  . LEU A 1 86  ? 7.901   -1.375  -1.531  1.00 10.34 ? 100 LEU A CG  1 
ATOM   498  C CD1 . LEU A 1 86  ? 7.120   -0.163  -1.992  1.00 10.51 ? 100 LEU A CD1 1 
ATOM   499  C CD2 . LEU A 1 86  ? 7.055   -2.252  -0.622  1.00 11.71 ? 100 LEU A CD2 1 
ATOM   500  N N   . GLU A 1 87  ? 10.162  -4.114  -4.584  1.00 10.45 ? 101 GLU A N   1 
ATOM   501  C CA  . GLU A 1 87  ? 10.207  -5.085  -5.671  1.00 13.23 ? 101 GLU A CA  1 
ATOM   502  C C   . GLU A 1 87  ? 10.808  -6.388  -5.154  1.00 13.08 ? 101 GLU A C   1 
ATOM   503  O O   . GLU A 1 87  ? 10.367  -7.476  -5.515  1.00 13.31 ? 101 GLU A O   1 
ATOM   504  C CB  . GLU A 1 87  ? 11.043  -4.571  -6.845  1.00 15.09 ? 101 GLU A CB  1 
ATOM   505  C CG  . GLU A 1 87  ? 10.915  -5.470  -8.070  1.00 17.27 ? 101 GLU A CG  1 
ATOM   506  C CD  . GLU A 1 87  ? 11.763  -5.026  -9.238  1.00 21.51 ? 101 GLU A CD  1 
ATOM   507  O OE1 . GLU A 1 87  ? 12.240  -3.872  -9.232  1.00 21.98 ? 101 GLU A OE1 1 
ATOM   508  O OE2 . GLU A 1 87  ? 11.941  -5.837  -10.173 1.00 25.34 ? 101 GLU A OE2 1 
ATOM   509  N N   . GLU A 1 88  ? 11.820  -6.277  -4.308  1.00 12.86 ? 102 GLU A N   1 
ATOM   510  C CA  . GLU A 1 88  ? 12.460  -7.452  -3.729  1.00 13.68 ? 102 GLU A CA  1 
ATOM   511  C C   . GLU A 1 88  ? 11.480  -8.206  -2.827  1.00 13.43 ? 102 GLU A C   1 
ATOM   512  O O   . GLU A 1 88  ? 11.365  -9.432  -2.882  1.00 14.51 ? 102 GLU A O   1 
ATOM   513  C CB  . GLU A 1 88  ? 13.675  -7.006  -2.912  1.00 16.41 ? 102 GLU A CB  1 
ATOM   514  C CG  . GLU A 1 88  ? 14.140  -7.991  -1.857  1.00 23.39 ? 102 GLU A CG  1 
ATOM   515  C CD  . GLU A 1 88  ? 15.461  -8.643  -2.200  1.00 25.74 ? 102 GLU A CD  1 
ATOM   516  O OE1 . GLU A 1 88  ? 16.087  -9.202  -1.277  1.00 28.99 ? 102 GLU A OE1 1 
ATOM   517  O OE2 . GLU A 1 88  ? 15.870  -8.601  -3.381  1.00 27.30 ? 102 GLU A OE2 1 
ATOM   518  N N   . ILE A 1 89  ? 10.766  -7.451  -2.003  1.00 12.61 ? 103 ILE A N   1 
ATOM   519  C CA  . ILE A 1 89  ? 9.810   -7.996  -1.047  1.00 12.69 ? 103 ILE A CA  1 
ATOM   520  C C   . ILE A 1 89  ? 8.509   -8.534  -1.634  1.00 12.27 ? 103 ILE A C   1 
ATOM   521  O O   . ILE A 1 89  ? 8.005   -9.569  -1.197  1.00 13.62 ? 103 ILE A O   1 
ATOM   522  C CB  . ILE A 1 89  ? 9.441   -6.922  0.002   1.00 12.49 ? 103 ILE A CB  1 
ATOM   523  C CG1 . ILE A 1 89  ? 10.691  -6.520  0.789   1.00 12.64 ? 103 ILE A CG1 1 
ATOM   524  C CG2 . ILE A 1 89  ? 8.348   -7.439  0.939   1.00 12.86 ? 103 ILE A CG2 1 
ATOM   525  C CD1 . ILE A 1 89  ? 10.493  -5.264  1.618   1.00 12.97 ? 103 ILE A CD1 1 
ATOM   526  N N   . SER A 1 90  ? 7.968   -7.829  -2.622  1.00 11.96 ? 104 SER A N   1 
ATOM   527  C CA  . SER A 1 90  ? 6.691   -8.211  -3.215  1.00 11.72 ? 104 SER A CA  1 
ATOM   528  C C   . SER A 1 90  ? 6.749   -8.712  -4.649  1.00 12.38 ? 104 SER A C   1 
ATOM   529  O O   . SER A 1 90  ? 5.779   -9.306  -5.134  1.00 13.40 ? 104 SER A O   1 
ATOM   530  C CB  . SER A 1 90  ? 5.737   -7.016  -3.179  1.00 12.64 ? 104 SER A CB  1 
ATOM   531  O OG  . SER A 1 90  ? 6.133   -6.030  -4.123  1.00 11.60 ? 104 SER A OG  1 
ATOM   532  N N   . GLY A 1 91  ? 7.866   -8.454  -5.325  1.00 12.62 ? 105 GLY A N   1 
ATOM   533  C CA  . GLY A 1 91  ? 8.011   -8.842  -6.718  1.00 12.83 ? 105 GLY A CA  1 
ATOM   534  C C   . GLY A 1 91  ? 7.375   -7.817  -7.647  1.00 13.49 ? 105 GLY A C   1 
ATOM   535  O O   . GLY A 1 91  ? 7.521   -7.887  -8.866  1.00 14.85 ? 105 GLY A O   1 
ATOM   536  N N   . GLN A 1 92  ? 6.673   -6.851  -7.064  1.00 11.65 ? 106 GLN A N   1 
ATOM   537  C CA  . GLN A 1 92  ? 5.992   -5.803  -7.826  1.00 10.12 ? 106 GLN A CA  1 
ATOM   538  C C   . GLN A 1 92  ? 6.915   -4.630  -8.149  1.00 9.77  ? 106 GLN A C   1 
ATOM   539  O O   . GLN A 1 92  ? 7.709   -4.207  -7.311  1.00 11.79 ? 106 GLN A O   1 
ATOM   540  C CB  . GLN A 1 92  ? 4.783   -5.323  -7.025  1.00 10.29 ? 106 GLN A CB  1 
ATOM   541  C CG  . GLN A 1 92  ? 3.848   -4.400  -7.759  1.00 10.40 ? 106 GLN A CG  1 
ATOM   542  C CD  . GLN A 1 92  ? 2.604   -4.106  -6.952  1.00 9.47  ? 106 GLN A CD  1 
ATOM   543  O OE1 . GLN A 1 92  ? 2.022   -5.004  -6.347  1.00 10.22 ? 106 GLN A OE1 1 
ATOM   544  N NE2 . GLN A 1 92  ? 2.180   -2.849  -6.947  1.00 9.34  ? 106 GLN A NE2 1 
ATOM   545  N N   . LYS A 1 93  ? 6.803   -4.094  -9.360  1.00 10.97 ? 107 LYS A N   1 
ATOM   546  C CA  . LYS A 1 93  ? 7.659   -2.986  -9.786  1.00 12.20 ? 107 LYS A CA  1 
ATOM   547  C C   . LYS A 1 93  ? 6.951   -1.638  -9.836  1.00 10.51 ? 107 LYS A C   1 
ATOM   548  O O   . LYS A 1 93  ? 7.596   -0.599  -9.917  1.00 13.47 ? 107 LYS A O   1 
ATOM   549  C CB  . LYS A 1 93  ? 8.222   -3.256  -11.189 1.00 14.70 ? 107 LYS A CB  1 
ATOM   550  C CG  . LYS A 1 93  ? 8.927   -4.591  -11.392 1.00 19.51 ? 107 LYS A CG  1 
ATOM   551  C CD  . LYS A 1 93  ? 9.527   -4.657  -12.798 1.00 22.90 ? 107 LYS A CD  1 
ATOM   552  C CE  . LYS A 1 93  ? 10.086  -6.034  -13.131 1.00 25.65 ? 107 LYS A CE  1 
ATOM   553  N NZ  . LYS A 1 93  ? 9.003   -7.045  -13.266 1.00 28.10 ? 107 LYS A NZ  1 
ATOM   554  N N   . THR A 1 94  ? 5.629   -1.654  -9.774  1.00 10.15 ? 108 THR A N   1 
ATOM   555  C CA  . THR A 1 94  ? 4.860   -0.424  -9.883  1.00 9.19  ? 108 THR A CA  1 
ATOM   556  C C   . THR A 1 94  ? 4.133   0.014   -8.625  1.00 8.17  ? 108 THR A C   1 
ATOM   557  O O   . THR A 1 94  ? 4.015   -0.734  -7.659  1.00 8.07  ? 108 THR A O   1 
ATOM   558  C CB  . THR A 1 94  ? 3.774   -0.566  -10.958 1.00 9.71  ? 108 THR A CB  1 
ATOM   559  O OG1 . THR A 1 94  ? 2.896   -1.634  -10.585 1.00 10.20 ? 108 THR A OG1 1 
ATOM   560  C CG2 . THR A 1 94  ? 4.387   -0.884  -12.322 1.00 10.42 ? 108 THR A CG2 1 
ATOM   561  N N   . VAL A 1 95  ? 3.658   1.259   -8.656  1.00 8.40  ? 109 VAL A N   1 
ATOM   562  C CA  . VAL A 1 95  ? 2.840   1.809   -7.580  1.00 8.92  ? 109 VAL A CA  1 
ATOM   563  C C   . VAL A 1 95  ? 1.472   2.036   -8.225  1.00 8.83  ? 109 VAL A C   1 
ATOM   564  O O   . VAL A 1 95  ? 1.378   2.245   -9.438  1.00 7.27  ? 109 VAL A O   1 
ATOM   565  C CB  . VAL A 1 95  ? 3.380   3.156   -7.036  1.00 9.44  ? 109 VAL A CB  1 
ATOM   566  C CG1 . VAL A 1 95  ? 4.662   2.923   -6.261  1.00 11.20 ? 109 VAL A CG1 1 
ATOM   567  C CG2 . VAL A 1 95  ? 3.588   4.149   -8.175  1.00 8.81  ? 109 VAL A CG2 1 
ATOM   568  N N   . PRO A 1 96  ? 0.391   1.991   -7.436  1.00 7.68  ? 110 PRO A N   1 
ATOM   569  C CA  . PRO A 1 96  ? 0.356   1.752   -5.991  1.00 6.98  ? 110 PRO A CA  1 
ATOM   570  C C   . PRO A 1 96  ? 0.680   0.316   -5.601  1.00 7.76  ? 110 PRO A C   1 
ATOM   571  O O   . PRO A 1 96  ? 0.409   -0.624  -6.349  1.00 9.12  ? 110 PRO A O   1 
ATOM   572  C CB  . PRO A 1 96  ? -1.073  2.134   -5.620  1.00 6.97  ? 110 PRO A CB  1 
ATOM   573  C CG  . PRO A 1 96  ? -1.853  1.690   -6.837  1.00 6.74  ? 110 PRO A CG  1 
ATOM   574  C CD  . PRO A 1 96  ? -0.972  2.159   -7.979  1.00 6.43  ? 110 PRO A CD  1 
ATOM   575  N N   . ASN A 1 97  ? 1.260   0.157   -4.419  1.00 6.40  ? 111 ASN A N   1 
ATOM   576  C CA  . ASN A 1 97  ? 1.593   -1.162  -3.893  1.00 6.84  ? 111 ASN A CA  1 
ATOM   577  C C   . ASN A 1 97  ? 0.948   -1.171  -2.518  1.00 7.30  ? 111 ASN A C   1 
ATOM   578  O O   . ASN A 1 97  ? 1.377   -0.467  -1.597  1.00 7.54  ? 111 ASN A O   1 
ATOM   579  C CB  . ASN A 1 97  ? 3.102   -1.358  -3.784  1.00 8.83  ? 111 ASN A CB  1 
ATOM   580  C CG  . ASN A 1 97  ? 3.485   -2.822  -3.685  1.00 7.82  ? 111 ASN A CG  1 
ATOM   581  O OD1 . ASN A 1 97  ? 2.686   -3.650  -3.250  1.00 8.89  ? 111 ASN A OD1 1 
ATOM   582  N ND2 . ASN A 1 97  ? 4.715   -3.148  -4.080  1.00 8.83  ? 111 ASN A ND2 1 
ATOM   583  N N   . VAL A 1 98  ? -0.106  -1.967  -2.405  1.00 6.99  ? 112 VAL A N   1 
ATOM   584  C CA  . VAL A 1 98  ? -0.905  -2.076  -1.194  1.00 8.51  ? 112 VAL A CA  1 
ATOM   585  C C   . VAL A 1 98  ? -0.671  -3.332  -0.374  1.00 8.14  ? 112 VAL A C   1 
ATOM   586  O O   . VAL A 1 98  ? -0.549  -4.436  -0.911  1.00 9.11  ? 112 VAL A O   1 
ATOM   587  C CB  . VAL A 1 98  ? -2.415  -2.036  -1.549  1.00 7.72  ? 112 VAL A CB  1 
ATOM   588  C CG1 . VAL A 1 98  ? -3.272  -2.113  -0.283  1.00 8.36  ? 112 VAL A CG1 1 
ATOM   589  C CG2 . VAL A 1 98  ? -2.722  -0.768  -2.344  1.00 9.13  ? 112 VAL A CG2 1 
ATOM   590  N N   . TYR A 1 99  ? -0.603  -3.135  0.936   1.00 8.75  ? 113 TYR A N   1 
ATOM   591  C CA  . TYR A 1 99  ? -0.473  -4.216  1.902   1.00 8.34  ? 113 TYR A CA  1 
ATOM   592  C C   . TYR A 1 99  ? -1.530  -3.966  2.967   1.00 9.93  ? 113 TYR A C   1 
ATOM   593  O O   . TYR A 1 99  ? -1.759  -2.819  3.361   1.00 9.65  ? 113 TYR A O   1 
ATOM   594  C CB  . TYR A 1 99  ? 0.894   -4.221  2.589   1.00 10.31 ? 113 TYR A CB  1 
ATOM   595  C CG  . TYR A 1 99  ? 1.980   -4.958  1.853   1.00 8.39  ? 113 TYR A CG  1 
ATOM   596  C CD1 . TYR A 1 99  ? 2.579   -4.404  0.726   1.00 9.73  ? 113 TYR A CD1 1 
ATOM   597  C CD2 . TYR A 1 99  ? 2.427   -6.204  2.300   1.00 8.13  ? 113 TYR A CD2 1 
ATOM   598  C CE1 . TYR A 1 99  ? 3.605   -5.072  0.058   1.00 9.18  ? 113 TYR A CE1 1 
ATOM   599  C CE2 . TYR A 1 99  ? 3.449   -6.880  1.638   1.00 8.70  ? 113 TYR A CE2 1 
ATOM   600  C CZ  . TYR A 1 99  ? 4.029   -6.307  0.521   1.00 9.79  ? 113 TYR A CZ  1 
ATOM   601  O OH  . TYR A 1 99  ? 5.036   -6.968  -0.135  1.00 12.22 ? 113 TYR A OH  1 
ATOM   602  N N   . ILE A 1 100 ? -2.186  -5.029  3.413   1.00 9.52  ? 114 ILE A N   1 
ATOM   603  C CA  . ILE A 1 100 ? -3.176  -4.908  4.472   1.00 11.34 ? 114 ILE A CA  1 
ATOM   604  C C   . ILE A 1 100 ? -2.826  -5.976  5.499   1.00 12.20 ? 114 ILE A C   1 
ATOM   605  O O   . ILE A 1 100 ? -2.761  -7.164  5.180   1.00 12.71 ? 114 ILE A O   1 
ATOM   606  C CB  . ILE A 1 100 ? -4.615  -5.088  3.942   1.00 10.98 ? 114 ILE A CB  1 
ATOM   607  C CG1 . ILE A 1 100 ? -4.949  -3.931  2.994   1.00 11.61 ? 114 ILE A CG1 1 
ATOM   608  C CG2 . ILE A 1 100 ? -5.611  -5.116  5.113   1.00 12.13 ? 114 ILE A CG2 1 
ATOM   609  C CD1 . ILE A 1 100 ? -6.333  -3.977  2.406   1.00 12.31 ? 114 ILE A CD1 1 
ATOM   610  N N   . ASN A 1 101 ? -2.566  -5.540  6.726   1.00 13.43 ? 115 ASN A N   1 
ATOM   611  C CA  . ASN A 1 101 ? -2.180  -6.440  7.803   1.00 14.66 ? 115 ASN A CA  1 
ATOM   612  C C   . ASN A 1 101 ? -0.987  -7.319  7.441   1.00 13.61 ? 115 ASN A C   1 
ATOM   613  O O   . ASN A 1 101 ? -0.965  -8.519  7.724   1.00 15.34 ? 115 ASN A O   1 
ATOM   614  C CB  . ASN A 1 101 ? -3.371  -7.292  8.243   1.00 17.35 ? 115 ASN A CB  1 
ATOM   615  C CG  . ASN A 1 101 ? -4.295  -6.540  9.180   1.00 20.42 ? 115 ASN A CG  1 
ATOM   616  O OD1 . ASN A 1 101 ? -3.836  -5.857  10.097  1.00 23.21 ? 115 ASN A OD1 1 
ATOM   617  N ND2 . ASN A 1 101 ? -5.598  -6.664  8.962   1.00 22.00 ? 115 ASN A ND2 1 
ATOM   618  N N   . GLY A 1 102 ? 0.004   -6.697  6.806   1.00 12.42 ? 116 GLY A N   1 
ATOM   619  C CA  . GLY A 1 102 ? 1.216   -7.402  6.430   1.00 11.86 ? 116 GLY A CA  1 
ATOM   620  C C   . GLY A 1 102 ? 1.143   -8.278  5.196   1.00 11.97 ? 116 GLY A C   1 
ATOM   621  O O   . GLY A 1 102 ? 2.145   -8.885  4.817   1.00 14.22 ? 116 GLY A O   1 
ATOM   622  N N   . LYS A 1 103 ? -0.022  -8.351  4.563   1.00 11.82 ? 117 LYS A N   1 
ATOM   623  C CA  . LYS A 1 103 ? -0.169  -9.177  3.370   1.00 12.27 ? 117 LYS A CA  1 
ATOM   624  C C   . LYS A 1 103 ? -0.245  -8.336  2.104   1.00 11.07 ? 117 LYS A C   1 
ATOM   625  O O   . LYS A 1 103 ? -0.957  -7.332  2.043   1.00 10.44 ? 117 LYS A O   1 
ATOM   626  C CB  . LYS A 1 103 ? -1.411  -10.063 3.486   1.00 14.04 ? 117 LYS A CB  1 
ATOM   627  C CG  . LYS A 1 103 ? -1.398  -10.962 4.713   1.00 18.77 ? 117 LYS A CG  1 
ATOM   628  C CD  . LYS A 1 103 ? -2.606  -11.878 4.751   1.00 23.15 ? 117 LYS A CD  1 
ATOM   629  C CE  . LYS A 1 103 ? -2.606  -12.724 6.017   1.00 25.37 ? 117 LYS A CE  1 
ATOM   630  N NZ  . LYS A 1 103 ? -1.351  -13.514 6.157   1.00 29.08 ? 117 LYS A NZ  1 
ATOM   631  N N   . HIS A 1 104 ? 0.503   -8.758  1.091   1.00 9.13  ? 118 HIS A N   1 
ATOM   632  C CA  . HIS A 1 104 ? 0.552   -8.061  -0.184  1.00 7.91  ? 118 HIS A CA  1 
ATOM   633  C C   . HIS A 1 104 ? -0.759  -8.194  -0.948  1.00 8.78  ? 118 HIS A C   1 
ATOM   634  O O   . HIS A 1 104 ? -1.199  -9.300  -1.270  1.00 11.70 ? 118 HIS A O   1 
ATOM   635  C CB  . HIS A 1 104 ? 1.699   -8.617  -1.029  1.00 7.81  ? 118 HIS A CB  1 
ATOM   636  C CG  . HIS A 1 104 ? 1.911   -7.891  -2.320  1.00 8.84  ? 118 HIS A CG  1 
ATOM   637  N ND1 . HIS A 1 104 ? 2.205   -8.548  -3.497  1.00 9.21  ? 118 HIS A ND1 1 
ATOM   638  C CD2 . HIS A 1 104 ? 1.906   -6.570  -2.620  1.00 8.49  ? 118 HIS A CD2 1 
ATOM   639  C CE1 . HIS A 1 104 ? 2.370   -7.664  -4.462  1.00 10.35 ? 118 HIS A CE1 1 
ATOM   640  N NE2 . HIS A 1 104 ? 2.194   -6.455  -3.958  1.00 10.57 ? 118 HIS A NE2 1 
ATOM   641  N N   . ILE A 1 105 ? -1.378  -7.054  -1.234  1.00 8.78  ? 119 ILE A N   1 
ATOM   642  C CA  . ILE A 1 105 ? -2.637  -7.021  -1.960  1.00 9.08  ? 119 ILE A CA  1 
ATOM   643  C C   . ILE A 1 105 ? -2.387  -6.800  -3.446  1.00 9.76  ? 119 ILE A C   1 
ATOM   644  O O   . ILE A 1 105 ? -3.025  -7.427  -4.296  1.00 11.04 ? 119 ILE A O   1 
ATOM   645  C CB  . ILE A 1 105 ? -3.547  -5.888  -1.434  1.00 9.98  ? 119 ILE A CB  1 
ATOM   646  C CG1 . ILE A 1 105 ? -3.846  -6.110  0.049   1.00 10.64 ? 119 ILE A CG1 1 
ATOM   647  C CG2 . ILE A 1 105 ? -4.837  -5.839  -2.234  1.00 11.81 ? 119 ILE A CG2 1 
ATOM   648  C CD1 . ILE A 1 105 ? -4.514  -7.448  0.345   1.00 12.16 ? 119 ILE A CD1 1 
ATOM   649  N N   . GLY A 1 106 ? -1.454  -5.906  -3.757  1.00 9.82  ? 120 GLY A N   1 
ATOM   650  C CA  . GLY A 1 106 ? -1.139  -5.626  -5.143  1.00 10.02 ? 120 GLY A CA  1 
ATOM   651  C C   . GLY A 1 106 ? -1.354  -4.178  -5.522  1.00 10.42 ? 120 GLY A C   1 
ATOM   652  O O   . GLY A 1 106 ? -1.135  -3.273  -4.715  1.00 11.47 ? 120 GLY A O   1 
ATOM   653  N N   . GLY A 1 107 ? -1.792  -3.967  -6.758  1.00 9.37  ? 121 GLY A N   1 
ATOM   654  C CA  . GLY A 1 107 ? -2.035  -2.629  -7.260  1.00 8.58  ? 121 GLY A CA  1 
ATOM   655  C C   . GLY A 1 107 ? -3.503  -2.261  -7.347  1.00 8.17  ? 121 GLY A C   1 
ATOM   656  O O   . GLY A 1 107 ? -4.364  -2.940  -6.787  1.00 8.72  ? 121 GLY A O   1 
ATOM   657  N N   . ASN A 1 108 ? -3.792  -1.180  -8.063  1.00 7.67  ? 122 ASN A N   1 
ATOM   658  C CA  . ASN A 1 108 ? -5.161  -0.712  -8.196  1.00 6.66  ? 122 ASN A CA  1 
ATOM   659  C C   . ASN A 1 108 ? -6.110  -1.724  -8.831  1.00 8.87  ? 122 ASN A C   1 
ATOM   660  O O   . ASN A 1 108 ? -7.240  -1.889  -8.373  1.00 9.40  ? 122 ASN A O   1 
ATOM   661  C CB  . ASN A 1 108 ? -5.206  0.594   -8.989  1.00 7.10  ? 122 ASN A CB  1 
ATOM   662  C CG  . ASN A 1 108 ? -6.566  1.266   -8.913  1.00 8.34  ? 122 ASN A CG  1 
ATOM   663  O OD1 . ASN A 1 108 ? -7.028  1.637   -7.831  1.00 9.75  ? 122 ASN A OD1 1 
ATOM   664  N ND2 . ASN A 1 108 ? -7.217  1.417   -10.058 1.00 9.91  ? 122 ASN A ND2 1 
ATOM   665  N N   . SER A 1 109 ? -5.667  -2.400  -9.886  1.00 9.98  ? 123 SER A N   1 
ATOM   666  C CA  . SER A 1 109 ? -6.531  -3.384  -10.529 1.00 8.83  ? 123 SER A CA  1 
ATOM   667  C C   . SER A 1 109 ? -6.827  -4.540  -9.577  1.00 9.37  ? 123 SER A C   1 
ATOM   668  O O   . SER A 1 109 ? -7.936  -5.077  -9.570  1.00 9.61  ? 123 SER A O   1 
ATOM   669  C CB  . SER A 1 109 ? -5.896  -3.900  -11.828 1.00 8.96  ? 123 SER A CB  1 
ATOM   670  O OG  . SER A 1 109 ? -4.619  -4.470  -11.611 1.00 11.33 ? 123 SER A OG  1 
ATOM   671  N N   . ASP A 1 110 ? -5.839  -4.918  -8.770  1.00 9.39  ? 124 ASP A N   1 
ATOM   672  C CA  . ASP A 1 110 ? -6.023  -5.997  -7.805  1.00 11.39 ? 124 ASP A CA  1 
ATOM   673  C C   . ASP A 1 110 ? -7.035  -5.557  -6.756  1.00 11.82 ? 124 ASP A C   1 
ATOM   674  O O   . ASP A 1 110 ? -7.888  -6.336  -6.331  1.00 12.55 ? 124 ASP A O   1 
ATOM   675  C CB  . ASP A 1 110 ? -4.696  -6.337  -7.126  1.00 11.65 ? 124 ASP A CB  1 
ATOM   676  C CG  . ASP A 1 110 ? -3.687  -6.895  -8.093  1.00 14.63 ? 124 ASP A CG  1 
ATOM   677  O OD1 . ASP A 1 110 ? -4.030  -7.877  -8.785  1.00 15.95 ? 124 ASP A OD1 1 
ATOM   678  O OD2 . ASP A 1 110 ? -2.560  -6.361  -8.170  1.00 14.05 ? 124 ASP A OD2 1 
ATOM   679  N N   . LEU A 1 111 ? -6.927  -4.299  -6.338  1.00 12.18 ? 125 LEU A N   1 
ATOM   680  C CA  . LEU A 1 111 ? -7.836  -3.743  -5.348  1.00 12.65 ? 125 LEU A CA  1 
ATOM   681  C C   . LEU A 1 111 ? -9.264  -3.759  -5.895  1.00 12.03 ? 125 LEU A C   1 
ATOM   682  O O   . LEU A 1 111 ? -10.200 -4.123  -5.182  1.00 13.05 ? 125 LEU A O   1 
ATOM   683  C CB  . LEU A 1 111 ? -7.425  -2.311  -5.005  1.00 12.16 ? 125 LEU A CB  1 
ATOM   684  C CG  . LEU A 1 111 ? -7.994  -1.758  -3.701  1.00 11.92 ? 125 LEU A CG  1 
ATOM   685  C CD1 . LEU A 1 111 ? -7.447  -2.547  -2.518  1.00 12.50 ? 125 LEU A CD1 1 
ATOM   686  C CD2 . LEU A 1 111 ? -7.625  -0.285  -3.585  1.00 14.12 ? 125 LEU A CD2 1 
ATOM   687  N N   . GLU A 1 112 ? -9.430  -3.376  -7.161  1.00 11.45 ? 126 GLU A N   1 
ATOM   688  C CA  . GLU A 1 112 ? -10.750 -3.362  -7.794  1.00 11.16 ? 126 GLU A CA  1 
ATOM   689  C C   . GLU A 1 112 ? -11.388 -4.747  -7.813  1.00 11.17 ? 126 GLU A C   1 
ATOM   690  O O   . GLU A 1 112 ? -12.589 -4.888  -7.593  1.00 12.51 ? 126 GLU A O   1 
ATOM   691  C CB  . GLU A 1 112 ? -10.651 -2.839  -9.232  1.00 11.94 ? 126 GLU A CB  1 
ATOM   692  C CG  . GLU A 1 112 ? -10.404 -1.345  -9.329  1.00 12.38 ? 126 GLU A CG  1 
ATOM   693  C CD  . GLU A 1 112 ? -11.612 -0.528  -8.914  1.00 14.23 ? 126 GLU A CD  1 
ATOM   694  O OE1 . GLU A 1 112 ? -11.444 0.425   -8.124  1.00 17.30 ? 126 GLU A OE1 1 
ATOM   695  O OE2 . GLU A 1 112 ? -12.728 -0.829  -9.382  1.00 16.73 ? 126 GLU A OE2 1 
ATOM   696  N N   . THR A 1 113 ? -10.586 -5.770  -8.089  1.00 11.32 ? 127 THR A N   1 
ATOM   697  C CA  . THR A 1 113 ? -11.110 -7.128  -8.129  1.00 11.41 ? 127 THR A CA  1 
ATOM   698  C C   . THR A 1 113 ? -11.597 -7.541  -6.745  1.00 12.12 ? 127 THR A C   1 
ATOM   699  O O   . THR A 1 113 ? -12.668 -8.133  -6.607  1.00 12.03 ? 127 THR A O   1 
ATOM   700  C CB  . THR A 1 113 ? -10.036 -8.116  -8.620  1.00 11.08 ? 127 THR A CB  1 
ATOM   701  O OG1 . THR A 1 113 ? -9.715  -7.817  -9.983  1.00 13.24 ? 127 THR A OG1 1 
ATOM   702  C CG2 . THR A 1 113 ? -10.536 -9.555  -8.524  1.00 12.88 ? 127 THR A CG2 1 
ATOM   703  N N   . LEU A 1 114 ? -10.814 -7.220  -5.719  1.00 12.57 ? 128 LEU A N   1 
ATOM   704  C CA  . LEU A 1 114 ? -11.178 -7.562  -4.347  1.00 13.32 ? 128 LEU A CA  1 
ATOM   705  C C   . LEU A 1 114 ? -12.391 -6.766  -3.894  1.00 13.95 ? 128 LEU A C   1 
ATOM   706  O O   . LEU A 1 114 ? -13.226 -7.260  -3.133  1.00 13.98 ? 128 LEU A O   1 
ATOM   707  C CB  . LEU A 1 114 ? -10.012 -7.285  -3.400  1.00 13.34 ? 128 LEU A CB  1 
ATOM   708  C CG  . LEU A 1 114 ? -8.759  -8.143  -3.563  1.00 14.47 ? 128 LEU A CG  1 
ATOM   709  C CD1 . LEU A 1 114 ? -7.721  -7.698  -2.553  1.00 16.94 ? 128 LEU A CD1 1 
ATOM   710  C CD2 . LEU A 1 114 ? -9.100  -9.614  -3.366  1.00 15.86 ? 128 LEU A CD2 1 
ATOM   711  N N   . LYS A 1 115 ? -12.486 -5.525  -4.353  1.00 13.76 ? 129 LYS A N   1 
ATOM   712  C CA  . LYS A 1 115 ? -13.611 -4.687  -3.983  1.00 15.36 ? 129 LYS A CA  1 
ATOM   713  C C   . LYS A 1 115 ? -14.911 -5.263  -4.534  1.00 16.36 ? 129 LYS A C   1 
ATOM   714  O O   . LYS A 1 115 ? -15.911 -5.362  -3.821  1.00 17.62 ? 129 LYS A O   1 
ATOM   715  C CB  . LYS A 1 115 ? -13.409 -3.260  -4.511  1.00 16.73 ? 129 LYS A CB  1 
ATOM   716  C CG  . LYS A 1 115 ? -14.558 -2.312  -4.167  1.00 20.13 ? 129 LYS A CG  1 
ATOM   717  C CD  . LYS A 1 115 ? -14.197 -0.841  -4.380  1.00 23.73 ? 129 LYS A CD  1 
ATOM   718  C CE  . LYS A 1 115 ? -14.011 -0.485  -5.845  1.00 25.47 ? 129 LYS A CE  1 
ATOM   719  N NZ  . LYS A 1 115 ? -13.685 0.965   -6.014  1.00 26.03 ? 129 LYS A NZ  1 
ATOM   720  N N   . LYS A 1 116 ? -14.880 -5.667  -5.800  1.00 16.05 ? 130 LYS A N   1 
ATOM   721  C CA  . LYS A 1 116 ? -16.056 -6.205  -6.470  1.00 17.74 ? 130 LYS A CA  1 
ATOM   722  C C   . LYS A 1 116 ? -16.526 -7.582  -6.008  1.00 18.38 ? 130 LYS A C   1 
ATOM   723  O O   . LYS A 1 116 ? -17.728 -7.845  -6.002  1.00 20.62 ? 130 LYS A O   1 
ATOM   724  C CB  . LYS A 1 116 ? -15.830 -6.222  -7.985  1.00 18.26 ? 130 LYS A CB  1 
ATOM   725  C CG  . LYS A 1 116 ? -15.671 -4.841  -8.599  1.00 21.04 ? 130 LYS A CG  1 
ATOM   726  C CD  . LYS A 1 116 ? -15.463 -4.937  -10.102 1.00 21.19 ? 130 LYS A CD  1 
ATOM   727  C CE  . LYS A 1 116 ? -15.329 -3.561  -10.727 1.00 21.56 ? 130 LYS A CE  1 
ATOM   728  N NZ  . LYS A 1 116 ? -15.149 -3.643  -12.204 1.00 21.01 ? 130 LYS A NZ  1 
ATOM   729  N N   . ASN A 1 117 ? -15.606 -8.462  -5.624  1.00 18.47 ? 131 ASN A N   1 
ATOM   730  C CA  . ASN A 1 117 ? -16.031 -9.786  -5.181  1.00 19.76 ? 131 ASN A CA  1 
ATOM   731  C C   . ASN A 1 117 ? -16.249 -9.891  -3.674  1.00 20.97 ? 131 ASN A C   1 
ATOM   732  O O   . ASN A 1 117 ? -16.439 -10.985 -3.145  1.00 22.26 ? 131 ASN A O   1 
ATOM   733  C CB  . ASN A 1 117 ? -15.045 -10.869 -5.638  1.00 19.55 ? 131 ASN A CB  1 
ATOM   734  C CG  . ASN A 1 117 ? -13.676 -10.721 -5.020  1.00 20.33 ? 131 ASN A CG  1 
ATOM   735  O OD1 . ASN A 1 117 ? -13.513 -10.100 -3.970  1.00 19.99 ? 131 ASN A OD1 1 
ATOM   736  N ND2 . ASN A 1 117 ? -12.679 -11.318 -5.661  1.00 20.58 ? 131 ASN A ND2 1 
ATOM   737  N N   . GLY A 1 118 ? -16.208 -8.752  -2.988  1.00 20.50 ? 132 GLY A N   1 
ATOM   738  C CA  . GLY A 1 118 ? -16.433 -8.737  -1.551  1.00 19.92 ? 132 GLY A CA  1 
ATOM   739  C C   . GLY A 1 118 ? -15.279 -9.096  -0.632  1.00 18.79 ? 132 GLY A C   1 
ATOM   740  O O   . GLY A 1 118 ? -15.395 -8.956  0.586   1.00 20.34 ? 132 GLY A O   1 
ATOM   741  N N   . LYS A 1 119 ? -14.160 -9.544  -1.185  1.00 17.10 ? 133 LYS A N   1 
ATOM   742  C CA  . LYS A 1 119 ? -13.029 -9.917  -0.349  1.00 16.21 ? 133 LYS A CA  1 
ATOM   743  C C   . LYS A 1 119 ? -12.334 -8.740  0.331   1.00 15.44 ? 133 LYS A C   1 
ATOM   744  O O   . LYS A 1 119 ? -11.759 -8.903  1.405   1.00 15.34 ? 133 LYS A O   1 
ATOM   745  C CB  . LYS A 1 119 ? -12.013 -10.724 -1.157  1.00 18.28 ? 133 LYS A CB  1 
ATOM   746  C CG  . LYS A 1 119 ? -12.523 -12.103 -1.561  1.00 22.09 ? 133 LYS A CG  1 
ATOM   747  C CD  . LYS A 1 119 ? -11.480 -12.878 -2.356  1.00 25.84 ? 133 LYS A CD  1 
ATOM   748  C CE  . LYS A 1 119 ? -10.214 -13.096 -1.545  1.00 28.37 ? 133 LYS A CE  1 
ATOM   749  N NZ  . LYS A 1 119 ? -9.177  -13.859 -2.291  1.00 31.39 ? 133 LYS A NZ  1 
ATOM   750  N N   . LEU A 1 120 ? -12.384 -7.561  -0.283  1.00 13.83 ? 134 LEU A N   1 
ATOM   751  C CA  . LEU A 1 120 ? -11.749 -6.385  0.307   1.00 13.37 ? 134 LEU A CA  1 
ATOM   752  C C   . LEU A 1 120 ? -12.470 -6.003  1.597   1.00 14.32 ? 134 LEU A C   1 
ATOM   753  O O   . LEU A 1 120 ? -11.833 -5.690  2.604   1.00 13.61 ? 134 LEU A O   1 
ATOM   754  C CB  . LEU A 1 120 ? -11.775 -5.207  -0.670  1.00 11.94 ? 134 LEU A CB  1 
ATOM   755  C CG  . LEU A 1 120 ? -11.092 -3.925  -0.181  1.00 10.21 ? 134 LEU A CG  1 
ATOM   756  C CD1 . LEU A 1 120 ? -9.658  -4.212  0.238   1.00 11.53 ? 134 LEU A CD1 1 
ATOM   757  C CD2 . LEU A 1 120 ? -11.124 -2.890  -1.289  1.00 11.50 ? 134 LEU A CD2 1 
ATOM   758  N N   . ALA A 1 121 ? -13.798 -6.036  1.563   1.00 14.78 ? 135 ALA A N   1 
ATOM   759  C CA  . ALA A 1 121 ? -14.588 -5.702  2.742   1.00 16.01 ? 135 ALA A CA  1 
ATOM   760  C C   . ALA A 1 121 ? -14.273 -6.686  3.863   1.00 17.06 ? 135 ALA A C   1 
ATOM   761  O O   . ALA A 1 121 ? -14.182 -6.305  5.033   1.00 16.42 ? 135 ALA A O   1 
ATOM   762  C CB  . ALA A 1 121 ? -16.074 -5.746  2.406   1.00 16.18 ? 135 ALA A CB  1 
ATOM   763  N N   . GLU A 1 122 ? -14.098 -7.953  3.507   1.00 16.80 ? 136 GLU A N   1 
ATOM   764  C CA  . GLU A 1 122 ? -13.794 -8.969  4.501   1.00 18.99 ? 136 GLU A CA  1 
ATOM   765  C C   . GLU A 1 122 ? -12.429 -8.776  5.151   1.00 17.64 ? 136 GLU A C   1 
ATOM   766  O O   . GLU A 1 122 ? -12.319 -8.812  6.377   1.00 18.72 ? 136 GLU A O   1 
ATOM   767  C CB  . GLU A 1 122 ? -13.890 -10.365 3.880   1.00 22.22 ? 136 GLU A CB  1 
ATOM   768  C CG  . GLU A 1 122 ? -15.319 -10.792 3.581   1.00 27.57 ? 136 GLU A CG  1 
ATOM   769  C CD  . GLU A 1 122 ? -16.136 -11.026 4.842   1.00 30.10 ? 136 GLU A CD  1 
ATOM   770  O OE1 . GLU A 1 122 ? -17.382 -11.033 4.755   1.00 33.48 ? 136 GLU A OE1 1 
ATOM   771  O OE2 . GLU A 1 122 ? -15.533 -11.214 5.920   1.00 32.63 ? 136 GLU A OE2 1 
ATOM   772  N N   . ILE A 1 123 ? -11.389 -8.555  4.350   1.00 16.37 ? 137 ILE A N   1 
ATOM   773  C CA  . ILE A 1 123 ? -10.062 -8.382  4.926   1.00 16.99 ? 137 ILE A CA  1 
ATOM   774  C C   . ILE A 1 123 ? -9.907  -7.077  5.695   1.00 14.43 ? 137 ILE A C   1 
ATOM   775  O O   . ILE A 1 123 ? -9.006  -6.951  6.522   1.00 15.07 ? 137 ILE A O   1 
ATOM   776  C CB  . ILE A 1 123 ? -8.944  -8.475  3.865   1.00 18.78 ? 137 ILE A CB  1 
ATOM   777  C CG1 . ILE A 1 123 ? -9.063  -7.341  2.853   1.00 19.07 ? 137 ILE A CG1 1 
ATOM   778  C CG2 . ILE A 1 123 ? -9.005  -9.828  3.177   1.00 20.77 ? 137 ILE A CG2 1 
ATOM   779  C CD1 . ILE A 1 123 ? -7.919  -7.319  1.865   1.00 21.21 ? 137 ILE A CD1 1 
ATOM   780  N N   . LEU A 1 124 ? -10.780 -6.109  5.436   1.00 13.74 ? 138 LEU A N   1 
ATOM   781  C CA  . LEU A 1 124 ? -10.706 -4.841  6.155   1.00 13.23 ? 138 LEU A CA  1 
ATOM   782  C C   . LEU A 1 124 ? -11.566 -4.842  7.416   1.00 14.47 ? 138 LEU A C   1 
ATOM   783  O O   . LEU A 1 124 ? -11.551 -3.876  8.177   1.00 13.90 ? 138 LEU A O   1 
ATOM   784  C CB  . LEU A 1 124 ? -11.121 -3.677  5.250   1.00 13.03 ? 138 LEU A CB  1 
ATOM   785  C CG  . LEU A 1 124 ? -10.081 -3.227  4.223   1.00 13.70 ? 138 LEU A CG  1 
ATOM   786  C CD1 . LEU A 1 124 ? -10.719 -2.243  3.260   1.00 14.46 ? 138 LEU A CD1 1 
ATOM   787  C CD2 . LEU A 1 124 ? -8.881  -2.602  4.931   1.00 13.47 ? 138 LEU A CD2 1 
ATOM   788  N N   . LYS A 1 125 ? -12.310 -5.921  7.645   1.00 13.52 ? 139 LYS A N   1 
ATOM   789  C CA  . LYS A 1 125 ? -13.164 -6.014  8.828   1.00 14.34 ? 139 LYS A CA  1 
ATOM   790  C C   . LYS A 1 125 ? -12.448 -5.675  10.133  1.00 14.59 ? 139 LYS A C   1 
ATOM   791  O O   . LYS A 1 125 ? -12.968 -4.910  10.944  1.00 15.17 ? 139 LYS A O   1 
ATOM   792  C CB  . LYS A 1 125 ? -13.776 -7.410  8.958   1.00 16.59 ? 139 LYS A CB  1 
ATOM   793  C CG  . LYS A 1 125 ? -15.052 -7.609  8.168   1.00 20.87 ? 139 LYS A CG  1 
ATOM   794  C CD  . LYS A 1 125 ? -15.740 -8.900  8.586   1.00 24.31 ? 139 LYS A CD  1 
ATOM   795  C CE  . LYS A 1 125 ? -16.161 -8.853  10.053  1.00 26.75 ? 139 LYS A CE  1 
ATOM   796  N NZ  . LYS A 1 125 ? -16.772 -10.129 10.522  1.00 28.97 ? 139 LYS A NZ  1 
ATOM   797  N N   . PRO A 1 126 ? -11.255 -6.249  10.367  1.00 13.89 ? 140 PRO A N   1 
ATOM   798  C CA  . PRO A 1 126 ? -10.568 -5.923  11.619  1.00 14.40 ? 140 PRO A CA  1 
ATOM   799  C C   . PRO A 1 126 ? -9.998  -4.511  11.665  1.00 13.55 ? 140 PRO A C   1 
ATOM   800  O O   . PRO A 1 126 ? -9.564  -4.053  12.720  1.00 15.09 ? 140 PRO A O   1 
ATOM   801  C CB  . PRO A 1 126 ? -9.475  -6.989  11.706  1.00 15.20 ? 140 PRO A CB  1 
ATOM   802  C CG  . PRO A 1 126 ? -9.160  -7.254  10.277  1.00 17.90 ? 140 PRO A CG  1 
ATOM   803  C CD  . PRO A 1 126 ? -10.527 -7.299  9.631   1.00 14.53 ? 140 PRO A CD  1 
ATOM   804  N N   . VAL A 1 127 ? -10.003 -3.826  10.525  1.00 12.61 ? 141 VAL A N   1 
ATOM   805  C CA  . VAL A 1 127 ? -9.463  -2.470  10.447  1.00 12.14 ? 141 VAL A CA  1 
ATOM   806  C C   . VAL A 1 127 ? -10.530 -1.398  10.671  1.00 12.31 ? 141 VAL A C   1 
ATOM   807  O O   . VAL A 1 127 ? -10.319 -0.443  11.418  1.00 11.64 ? 141 VAL A O   1 
ATOM   808  C CB  . VAL A 1 127 ? -8.769  -2.228  9.075   1.00 11.97 ? 141 VAL A CB  1 
ATOM   809  C CG1 . VAL A 1 127 ? -8.213  -0.807  9.005   1.00 13.82 ? 141 VAL A CG1 1 
ATOM   810  C CG2 . VAL A 1 127 ? -7.640  -3.239  8.884   1.00 13.28 ? 141 VAL A CG2 1 
ATOM   811  N N   . PHE A 1 128 ? -11.676 -1.554  10.023  1.00 11.58 ? 142 PHE A N   1 
ATOM   812  C CA  . PHE A 1 128 ? -12.768 -0.598  10.173  1.00 11.63 ? 142 PHE A CA  1 
ATOM   813  C C   . PHE A 1 128 ? -13.135 -0.421  11.642  1.00 12.30 ? 142 PHE A C   1 
ATOM   814  O O   . PHE A 1 128 ? -13.145 -1.386  12.404  1.00 11.81 ? 142 PHE A O   1 
ATOM   815  C CB  . PHE A 1 128 ? -14.002 -1.084  9.417   1.00 12.15 ? 142 PHE A CB  1 
ATOM   816  C CG  . PHE A 1 128 ? -13.870 -1.012  7.928   1.00 13.18 ? 142 PHE A CG  1 
ATOM   817  C CD1 . PHE A 1 128 ? -14.207 -2.106  7.142   1.00 13.45 ? 142 PHE A CD1 1 
ATOM   818  C CD2 . PHE A 1 128 ? -13.444 0.157   7.306   1.00 13.84 ? 142 PHE A CD2 1 
ATOM   819  C CE1 . PHE A 1 128 ? -14.123 -2.038  5.752   1.00 14.58 ? 142 PHE A CE1 1 
ATOM   820  C CE2 . PHE A 1 128 ? -13.356 0.235   5.915   1.00 14.37 ? 142 PHE A CE2 1 
ATOM   821  C CZ  . PHE A 1 128 ? -13.696 -0.866  5.139   1.00 16.05 ? 142 PHE A CZ  1 
ATOM   822  N N   . GLN A 1 129 ? -13.433 0.815   12.029  1.00 12.15 ? 143 GLN A N   1 
ATOM   823  C CA  . GLN A 1 129 ? -13.816 1.110   13.404  1.00 16.44 ? 143 GLN A CA  1 
ATOM   824  C C   . GLN A 1 129 ? -14.633 2.396   13.462  1.00 22.41 ? 143 GLN A C   1 
ATOM   825  O O   . GLN A 1 129 ? -14.211 3.340   14.161  1.00 29.97 ? 143 GLN A O   1 
ATOM   826  C CB  . GLN A 1 129 ? -12.576 1.236   14.297  1.00 13.03 ? 143 GLN A CB  1 
ATOM   827  C CG  . GLN A 1 129 ? -12.907 1.192   15.784  1.00 11.93 ? 143 GLN A CG  1 
ATOM   828  C CD  . GLN A 1 129 ? -11.681 1.189   16.676  1.00 12.44 ? 143 GLN A CD  1 
ATOM   829  O OE1 . GLN A 1 129 ? -10.574 0.882   16.237  1.00 12.84 ? 143 GLN A OE1 1 
ATOM   830  N NE2 . GLN A 1 129 ? -11.880 1.514   17.948  1.00 10.44 ? 143 GLN A NE2 1 
ATOM   831  O OXT . GLN A 1 129 ? -15.692 2.446   12.807  1.00 29.19 ? 143 GLN A OXT 1 
HETATM 832  O O   . HOH B 2 .   ? 8.468   -1.615  -6.634  1.00 13.92 ? 144 HOH A O   1 
HETATM 833  O O   . HOH B 2 .   ? 2.079   0.130   7.548   1.00 10.32 ? 145 HOH A O   1 
HETATM 834  O O   . HOH B 2 .   ? 11.844  14.090  -1.312  1.00 11.26 ? 146 HOH A O   1 
HETATM 835  O O   . HOH B 2 .   ? -2.471  -4.278  -10.037 1.00 14.01 ? 147 HOH A O   1 
HETATM 836  O O   . HOH B 2 .   ? 5.981   -0.991  -5.501  1.00 9.66  ? 148 HOH A O   1 
HETATM 837  O O   . HOH B 2 .   ? 5.626   -9.522  0.362   1.00 11.51 ? 149 HOH A O   1 
HETATM 838  O O   . HOH B 2 .   ? 6.593   -2.851  12.059  1.00 22.17 ? 150 HOH A O   1 
HETATM 839  O O   . HOH B 2 .   ? -7.209  10.076  -4.327  1.00 19.68 ? 151 HOH A O   1 
HETATM 840  O O   . HOH B 2 .   ? -7.662  -2.293  14.178  1.00 18.60 ? 152 HOH A O   1 
HETATM 841  O O   . HOH B 2 .   ? 5.172   14.457  1.460   1.00 12.66 ? 153 HOH A O   1 
HETATM 842  O O   . HOH B 2 .   ? -0.832  9.283   -4.808  1.00 12.99 ? 154 HOH A O   1 
HETATM 843  O O   . HOH B 2 .   ? -3.015  0.521   12.411  1.00 16.54 ? 155 HOH A O   1 
HETATM 844  O O   . HOH B 2 .   ? -9.498  1.230   -6.554  1.00 12.91 ? 156 HOH A O   1 
HETATM 845  O O   . HOH B 2 .   ? -6.878  -8.306  7.384   1.00 29.26 ? 157 HOH A O   1 
HETATM 846  O O   . HOH B 2 .   ? 12.010  6.017   5.919   1.00 19.66 ? 158 HOH A O   1 
HETATM 847  O O   . HOH B 2 .   ? -15.529 -5.624  -1.018  1.00 17.84 ? 159 HOH A O   1 
HETATM 848  O O   . HOH B 2 .   ? 4.588   2.833   -11.073 1.00 14.16 ? 160 HOH A O   1 
HETATM 849  O O   . HOH B 2 .   ? -1.308  11.188  -0.652  1.00 28.00 ? 161 HOH A O   1 
HETATM 850  O O   . HOH B 2 .   ? 0.258   -3.800  -9.833  1.00 17.86 ? 162 HOH A O   1 
HETATM 851  O O   . HOH B 2 .   ? 0.593   -1.071  -9.146  1.00 9.55  ? 163 HOH A O   1 
HETATM 852  O O   . HOH B 2 .   ? 2.571   12.139  1.781   1.00 24.75 ? 164 HOH A O   1 
HETATM 853  O O   . HOH B 2 .   ? -18.146 6.867   1.301   1.00 16.28 ? 165 HOH A O   1 
HETATM 854  O O   . HOH B 2 .   ? -3.047  2.855   14.044  1.00 32.69 ? 166 HOH A O   1 
HETATM 855  O O   . HOH B 2 .   ? -14.045 -9.336  -8.688  1.00 17.60 ? 167 HOH A O   1 
HETATM 856  O O   . HOH B 2 .   ? -5.900  9.958   0.544   1.00 27.94 ? 168 HOH A O   1 
HETATM 857  O O   . HOH B 2 .   ? -4.932  -8.787  4.255   1.00 23.33 ? 169 HOH A O   1 
HETATM 858  O O   . HOH B 2 .   ? -0.025  8.080   5.981   1.00 14.33 ? 170 HOH A O   1 
HETATM 859  O O   . HOH B 2 .   ? 4.205   9.391   4.389   1.00 13.16 ? 171 HOH A O   1 
HETATM 860  O O   . HOH B 2 .   ? -13.533 6.112   8.922   1.00 14.24 ? 172 HOH A O   1 
HETATM 861  O O   . HOH B 2 .   ? 6.896   12.483  2.047   1.00 10.89 ? 173 HOH A O   1 
HETATM 862  O O   . HOH B 2 .   ? -5.835  0.171   -12.402 1.00 11.98 ? 174 HOH A O   1 
HETATM 863  O O   . HOH B 2 .   ? -5.220  -10.476 2.150   1.00 19.87 ? 175 HOH A O   1 
HETATM 864  O O   . HOH B 2 .   ? 0.263   -3.840  6.335   1.00 13.80 ? 176 HOH A O   1 
HETATM 865  O O   . HOH B 2 .   ? 11.787  -11.482 -0.811  1.00 17.68 ? 177 HOH A O   1 
HETATM 866  O O   . HOH B 2 .   ? -4.889  -9.388  -4.268  1.00 18.84 ? 178 HOH A O   1 
HETATM 867  O O   . HOH B 2 .   ? 4.831   2.224   -13.837 1.00 21.62 ? 179 HOH A O   1 
HETATM 868  O O   . HOH B 2 .   ? 4.930   10.452  1.921   1.00 13.68 ? 180 HOH A O   1 
HETATM 869  O O   . HOH B 2 .   ? -2.715  7.974   6.769   1.00 15.72 ? 181 HOH A O   1 
HETATM 870  O O   . HOH B 2 .   ? 9.450   -11.354 0.601   1.00 16.86 ? 182 HOH A O   1 
HETATM 871  O O   . HOH B 2 .   ? 10.792  8.003   -6.244  1.00 24.88 ? 183 HOH A O   1 
HETATM 872  O O   . HOH B 2 .   ? -4.760  -7.129  -11.400 1.00 19.02 ? 184 HOH A O   1 
HETATM 873  O O   . HOH B 2 .   ? 8.966   15.865  -4.820  1.00 24.90 ? 185 HOH A O   1 
HETATM 874  O O   . HOH B 2 .   ? -0.968  -9.410  -4.878  1.00 23.89 ? 186 HOH A O   1 
HETATM 875  O O   . HOH B 2 .   ? -6.979  -9.150  -6.202  1.00 17.16 ? 187 HOH A O   1 
HETATM 876  O O   . HOH B 2 .   ? -11.031 7.722   5.629   1.00 16.34 ? 188 HOH A O   1 
HETATM 877  O O   . HOH B 2 .   ? 12.217  10.096  -4.540  1.00 20.42 ? 189 HOH A O   1 
HETATM 878  O O   . HOH B 2 .   ? -10.868 -2.305  14.550  1.00 17.98 ? 190 HOH A O   1 
HETATM 879  O O   . HOH B 2 .   ? -10.057 8.683   8.984   1.00 25.22 ? 191 HOH A O   1 
HETATM 880  O O   . HOH B 2 .   ? 4.932   -5.232  -11.285 1.00 19.90 ? 192 HOH A O   1 
HETATM 881  O O   . HOH B 2 .   ? -7.473  8.350   -10.873 1.00 18.17 ? 193 HOH A O   1 
HETATM 882  O O   . HOH B 2 .   ? 1.791   13.970  -0.383  1.00 23.20 ? 194 HOH A O   1 
HETATM 883  O O   . HOH B 2 .   ? -18.615 2.556   0.310   1.00 21.16 ? 195 HOH A O   1 
HETATM 884  O O   . HOH B 2 .   ? 14.071  -7.839  -7.213  1.00 41.53 ? 196 HOH A O   1 
HETATM 885  O O   . HOH B 2 .   ? -3.201  -10.848 0.200   1.00 23.19 ? 197 HOH A O   1 
HETATM 886  O O   . HOH B 2 .   ? 14.107  -8.355  5.608   1.00 28.85 ? 198 HOH A O   1 
HETATM 887  O O   . HOH B 2 .   ? -11.366 4.931   -7.001  1.00 15.07 ? 199 HOH A O   1 
HETATM 888  O O   . HOH B 2 .   ? -4.933  11.449  -3.826  1.00 20.34 ? 200 HOH A O   1 
HETATM 889  O O   . HOH B 2 .   ? 14.521  8.700   -4.505  1.00 18.59 ? 201 HOH A O   1 
HETATM 890  O O   . HOH B 2 .   ? -13.495 5.341   -5.347  1.00 20.18 ? 202 HOH A O   1 
HETATM 891  O O   . HOH B 2 .   ? -9.731  -2.383  17.010  1.00 23.31 ? 203 HOH A O   1 
HETATM 892  O O   . HOH B 2 .   ? 16.998  8.245   -3.909  1.00 36.22 ? 204 HOH A O   1 
HETATM 893  O O   . HOH B 2 .   ? 5.839   -7.632  4.833   1.00 37.39 ? 205 HOH A O   1 
HETATM 894  O O   . HOH B 2 .   ? -1.101  4.519   -17.886 1.00 30.10 ? 206 HOH A O   1 
HETATM 895  O O   . HOH B 2 .   ? 13.559  2.706   -7.917  1.00 32.92 ? 207 HOH A O   1 
HETATM 896  O O   . HOH B 2 .   ? -14.853 -3.176  -0.370  1.00 33.61 ? 208 HOH A O   1 
HETATM 897  O O   . HOH B 2 .   ? 3.587   -10.872 3.643   1.00 17.18 ? 209 HOH A O   1 
HETATM 898  O O   . HOH B 2 .   ? 3.030   5.122   -11.420 1.00 16.11 ? 210 HOH A O   1 
HETATM 899  O O   . HOH B 2 .   ? 0.075   -4.416  9.547   1.00 19.05 ? 211 HOH A O   1 
HETATM 900  O O   . HOH B 2 .   ? 15.112  -2.590  10.415  1.00 36.66 ? 212 HOH A O   1 
HETATM 901  O O   . HOH B 2 .   ? 1.801   -6.503  9.816   1.00 20.69 ? 213 HOH A O   1 
HETATM 902  O O   . HOH B 2 .   ? -17.379 8.877   -0.551  1.00 32.01 ? 214 HOH A O   1 
HETATM 903  O O   . HOH B 2 .   ? 12.287  -5.893  9.361   1.00 28.56 ? 215 HOH A O   1 
HETATM 904  O O   . HOH B 2 .   ? 0.466   6.765   9.571   1.00 31.45 ? 216 HOH A O   1 
HETATM 905  O O   . HOH B 2 .   ? 0.957   6.362   -13.662 1.00 21.44 ? 217 HOH A O   1 
HETATM 906  O O   . HOH B 2 .   ? -16.091 -5.000  6.280   1.00 23.68 ? 218 HOH A O   1 
HETATM 907  O O   . HOH B 2 .   ? 6.975   14.569  -8.021  1.00 28.06 ? 219 HOH A O   1 
HETATM 908  O O   . HOH B 2 .   ? -3.032  6.932   -16.962 1.00 39.66 ? 220 HOH A O   1 
HETATM 909  O O   . HOH B 2 .   ? 15.865  3.663   3.851   1.00 45.77 ? 221 HOH A O   1 
HETATM 910  O O   . HOH B 2 .   ? 16.208  15.383  0.473   1.00 34.14 ? 222 HOH A O   1 
HETATM 911  O O   . HOH B 2 .   ? -5.838  -9.777  -8.540  1.00 17.92 ? 223 HOH A O   1 
HETATM 912  O O   . HOH B 2 .   ? 17.052  -1.859  8.771   1.00 24.54 ? 224 HOH A O   1 
HETATM 913  O O   . HOH B 2 .   ? -15.472 -4.067  10.941  1.00 22.02 ? 225 HOH A O   1 
HETATM 914  O O   . HOH B 2 .   ? 7.109   7.247   -11.779 1.00 39.97 ? 226 HOH A O   1 
HETATM 915  O O   . HOH B 2 .   ? 0.893   10.242  2.582   1.00 24.41 ? 227 HOH A O   1 
HETATM 916  O O   . HOH B 2 .   ? -18.345 1.030   -2.055  1.00 28.98 ? 228 HOH A O   1 
HETATM 917  O O   . HOH B 2 .   ? 11.040  5.611   -7.266  1.00 37.56 ? 229 HOH A O   1 
HETATM 918  O O   . HOH B 2 .   ? -17.220 -1.356  -2.255  1.00 39.00 ? 230 HOH A O   1 
HETATM 919  O O   . HOH B 2 .   ? 11.824  -1.538  -8.408  1.00 27.21 ? 231 HOH A O   1 
HETATM 920  O O   . HOH B 2 .   ? 6.902   5.861   9.769   1.00 28.60 ? 232 HOH A O   1 
HETATM 921  O O   . HOH B 2 .   ? -4.585  7.880   4.578   1.00 24.27 ? 233 HOH A O   1 
HETATM 922  O O   . HOH B 2 .   ? 13.139  0.303   10.635  1.00 23.75 ? 234 HOH A O   1 
HETATM 923  O O   . HOH B 2 .   ? -12.308 -10.896 7.970   1.00 34.88 ? 235 HOH A O   1 
HETATM 924  O O   . HOH B 2 .   ? -10.001 2.259   -10.707 1.00 15.76 ? 236 HOH A O   1 
HETATM 925  O O   . HOH B 2 .   ? -10.174 0.359   -12.929 1.00 17.01 ? 237 HOH A O   1 
HETATM 926  O O   . HOH B 2 .   ? 4.079   -7.182  8.647   1.00 27.43 ? 238 HOH A O   1 
HETATM 927  O O   . HOH B 2 .   ? 10.467  -11.779 5.749   1.00 21.20 ? 239 HOH A O   1 
HETATM 928  O O   . HOH B 2 .   ? 11.970  -9.258  -7.710  1.00 26.92 ? 240 HOH A O   1 
HETATM 929  O O   . HOH B 2 .   ? -7.182  2.393   -13.744 1.00 24.73 ? 241 HOH A O   1 
HETATM 930  O O   . HOH B 2 .   ? 14.663  -4.746  -6.556  1.00 27.15 ? 242 HOH A O   1 
HETATM 931  O O   . HOH B 2 .   ? -7.664  -9.565  -10.558 1.00 21.30 ? 243 HOH A O   1 
HETATM 932  O O   . HOH B 2 .   ? -16.433 0.555   5.047   1.00 23.83 ? 244 HOH A O   1 
HETATM 933  O O   . HOH B 2 .   ? -11.220 7.011   -8.716  1.00 26.48 ? 245 HOH A O   1 
HETATM 934  O O   . HOH B 2 .   ? 7.078   3.816   -10.710 1.00 18.08 ? 246 HOH A O   1 
HETATM 935  O O   . HOH B 2 .   ? 13.004  -9.361  3.051   1.00 42.34 ? 247 HOH A O   1 
HETATM 936  O O   . HOH B 2 .   ? -8.803  -12.007 -11.112 1.00 23.82 ? 248 HOH A O   1 
HETATM 937  O O   . HOH B 2 .   ? -14.075 9.336   6.266   1.00 22.52 ? 249 HOH A O   1 
HETATM 938  O O   . HOH B 2 .   ? -0.294  7.364   -15.917 1.00 35.89 ? 250 HOH A O   1 
HETATM 939  O O   . HOH B 2 .   ? -2.948  10.374  8.051   1.00 30.64 ? 251 HOH A O   1 
HETATM 940  O O   . HOH B 2 .   ? 3.642   4.572   11.012  1.00 25.64 ? 252 HOH A O   1 
HETATM 941  O O   . HOH B 2 .   ? 10.317  -0.420  -10.404 1.00 30.46 ? 253 HOH A O   1 
HETATM 942  O O   . HOH B 2 .   ? 6.067   -10.198 2.908   1.00 25.00 ? 254 HOH A O   1 
HETATM 943  O O   . HOH B 2 .   ? 6.138   -6.408  7.295   1.00 25.26 ? 255 HOH A O   1 
HETATM 944  O O   . HOH B 2 .   ? 16.672  -7.698  5.083   1.00 29.52 ? 256 HOH A O   1 
HETATM 945  O O   . HOH B 2 .   ? -6.049  -5.494  11.803  1.00 33.36 ? 257 HOH A O   1 
HETATM 946  O O   . HOH B 2 .   ? -17.790 -8.777  1.793   1.00 33.72 ? 258 HOH A O   1 
HETATM 947  O O   . HOH B 2 .   ? -5.598  -10.619 -1.926  1.00 30.22 ? 259 HOH A O   1 
HETATM 948  O O   . HOH B 2 .   ? -7.221  -1.471  17.168  1.00 37.58 ? 260 HOH A O   1 
HETATM 949  O O   . HOH B 2 .   ? -11.848 2.969   -8.830  1.00 28.86 ? 261 HOH A O   1 
HETATM 950  O O   . HOH B 2 .   ? 4.846   6.611   -12.795 1.00 30.99 ? 262 HOH A O   1 
HETATM 951  O O   . HOH B 2 .   ? -3.674  9.124   1.808   1.00 31.74 ? 263 HOH A O   1 
HETATM 952  O O   . HOH B 2 .   ? -8.545  1.398   18.088  1.00 32.51 ? 264 HOH A O   1 
HETATM 953  O O   . HOH B 2 .   ? -2.470  11.494  -4.951  1.00 30.69 ? 265 HOH A O   1 
HETATM 954  O O   . HOH B 2 .   ? 6.009   16.697  -5.334  1.00 44.17 ? 266 HOH A O   1 
HETATM 955  O O   . HOH B 2 .   ? -4.242  11.773  -1.256  1.00 31.94 ? 267 HOH A O   1 
HETATM 956  O O   . HOH B 2 .   ? -16.535 -1.897  3.671   1.00 29.67 ? 268 HOH A O   1 
HETATM 957  O O   . HOH B 2 .   ? 10.256  -8.235  -10.015 1.00 29.34 ? 269 HOH A O   1 
HETATM 958  O O   . HOH B 2 .   ? -20.955 1.179   -3.244  1.00 43.20 ? 270 HOH A O   1 
HETATM 959  O O   . HOH B 2 .   ? -12.831 -8.434  12.607  1.00 33.64 ? 271 HOH A O   1 
HETATM 960  O O   . HOH B 2 .   ? -5.456  -10.311 6.454   1.00 28.84 ? 272 HOH A O   1 
HETATM 961  O O   . HOH B 2 .   ? -18.228 -5.970  -0.348  1.00 39.79 ? 273 HOH A O   1 
HETATM 962  O O   . HOH B 2 .   ? 14.960  8.859   -7.406  1.00 35.41 ? 274 HOH A O   1 
HETATM 963  O O   . HOH B 2 .   ? 7.896   0.556   -12.831 1.00 39.67 ? 275 HOH A O   1 
HETATM 964  O O   . HOH B 2 .   ? -18.215 -2.075  1.694   1.00 28.35 ? 276 HOH A O   1 
HETATM 965  O O   . HOH B 2 .   ? -0.566  10.375  4.678   1.00 29.20 ? 277 HOH A O   1 
HETATM 966  O O   . HOH B 2 .   ? 6.661   -11.347 6.745   1.00 35.61 ? 278 HOH A O   1 
HETATM 967  O O   . HOH B 2 .   ? 0.114   -3.167  12.054  1.00 26.73 ? 279 HOH A O   1 
HETATM 968  O O   . HOH B 2 .   ? -5.414  -0.567  15.478  1.00 31.77 ? 280 HOH A O   1 
HETATM 969  O O   . HOH B 2 .   ? 16.968  -0.350  -2.058  1.00 30.57 ? 281 HOH A O   1 
HETATM 970  O O   . HOH B 2 .   ? 2.584   6.978   10.702  1.00 29.48 ? 282 HOH A O   1 
HETATM 971  O O   . HOH B 2 .   ? -13.234 -11.702 -9.835  1.00 27.05 ? 283 HOH A O   1 
HETATM 972  O O   . HOH B 2 .   ? 12.901  -8.160  8.040   1.00 33.94 ? 284 HOH A O   1 
HETATM 973  O O   . HOH B 2 .   ? -16.855 -3.793  8.668   1.00 39.06 ? 285 HOH A O   1 
HETATM 974  O O   . HOH B 2 .   ? 23.023  -5.701  2.059   1.00 34.66 ? 286 HOH A O   1 
HETATM 975  O O   . HOH B 2 .   ? -0.817  -0.868  13.882  1.00 32.96 ? 287 HOH A O   1 
HETATM 976  O O   . HOH B 2 .   ? -14.127 7.600   -4.048  1.00 33.27 ? 288 HOH A O   1 
HETATM 977  O O   . HOH B 2 .   ? -12.356 -10.725 10.700  1.00 36.39 ? 289 HOH A O   1 
HETATM 978  O O   . HOH B 2 .   ? -4.839  10.166  10.559  1.00 37.34 ? 290 HOH A O   1 
HETATM 979  O O   . HOH B 2 .   ? 2.343   -4.540  -11.319 1.00 40.17 ? 291 HOH A O   1 
HETATM 980  O O   . HOH B 2 .   ? 5.895   -4.392  -13.986 1.00 36.77 ? 292 HOH A O   1 
HETATM 981  O O   . HOH B 2 .   ? -8.172  -11.683 -6.160  1.00 25.66 ? 293 HOH A O   1 
HETATM 982  O O   . HOH B 2 .   ? -14.908 0.651   -8.824  1.00 36.95 ? 294 HOH A O   1 
HETATM 983  O O   . HOH B 2 .   ? 2.923   -5.574  12.287  1.00 33.50 ? 295 HOH A O   1 
HETATM 984  O O   . HOH B 2 .   ? -8.868  -13.068 -8.475  1.00 29.70 ? 296 HOH A O   1 
HETATM 985  O O   . HOH B 2 .   ? 0.888   -10.811 8.038   1.00 35.95 ? 297 HOH A O   1 
HETATM 986  O O   . HOH B 2 .   ? -7.364  9.920   10.971  1.00 55.56 ? 298 HOH A O   1 
HETATM 987  O O   . HOH B 2 .   ? -17.897 -3.323  5.451   1.00 34.67 ? 299 HOH A O   1 
HETATM 988  O O   . HOH B 2 .   ? 13.082  -3.446  -11.852 1.00 43.43 ? 300 HOH A O   1 
HETATM 989  O O   . HOH B 2 .   ? -6.788  10.905  -11.785 1.00 31.64 ? 301 HOH A O   1 
HETATM 990  O O   . HOH B 2 .   ? 9.581   -6.334  10.276  1.00 37.18 ? 302 HOH A O   1 
HETATM 991  O O   . HOH B 2 .   ? -1.704  7.201   10.567  1.00 43.02 ? 303 HOH A O   1 
HETATM 992  O O   . HOH B 2 .   ? -8.625  7.934   11.518  1.00 28.27 ? 304 HOH A O   1 
HETATM 993  O O   . HOH B 2 .   ? 11.510  -10.071 1.177   1.00 33.44 ? 305 HOH A O   1 
HETATM 994  O O   . HOH B 2 .   ? -9.132  8.718   -8.841  1.00 26.04 ? 306 HOH A O   1 
HETATM 995  O O   . HOH B 2 .   ? -1.302  13.879  -4.611  1.00 36.16 ? 307 HOH A O   1 
HETATM 996  O O   . HOH B 2 .   ? 17.788  -8.375  1.367   1.00 41.22 ? 308 HOH A O   1 
HETATM 997  O O   . HOH B 2 .   ? -2.998  -11.011 -2.197  1.00 32.09 ? 309 HOH A O   1 
HETATM 998  O O   . HOH B 2 .   ? -17.927 -8.582  4.386   1.00 40.62 ? 310 HOH A O   1 
HETATM 999  O O   . HOH B 2 .   ? -8.756  -5.644  14.866  1.00 34.02 ? 311 HOH A O   1 
HETATM 1000 O O   . HOH B 2 .   ? -16.767 -9.830  -8.730  1.00 29.60 ? 312 HOH A O   1 
HETATM 1001 O O   . HOH B 2 .   ? -13.153 -4.803  13.694  1.00 35.76 ? 313 HOH A O   1 
HETATM 1002 O O   . HOH B 2 .   ? -7.856  8.276   15.055  1.00 41.64 ? 314 HOH A O   1 
HETATM 1003 O O   . HOH B 2 .   ? -13.424 -2.363  14.653  1.00 30.62 ? 315 HOH A O   1 
HETATM 1004 O O   . HOH B 2 .   ? -16.371 8.245   -2.903  1.00 37.20 ? 316 HOH A O   1 
HETATM 1005 O O   . HOH B 2 .   ? 17.722  -9.750  3.667   1.00 35.03 ? 317 HOH A O   1 
HETATM 1006 O O   . HOH B 2 .   ? 2.578   15.615  -8.242  1.00 41.11 ? 318 HOH A O   1 
HETATM 1007 O O   . HOH B 2 .   ? -9.257  11.558  -5.094  1.00 41.57 ? 319 HOH A O   1 
HETATM 1008 O O   . HOH B 2 .   ? 6.245   -7.961  -11.216 1.00 35.07 ? 320 HOH A O   1 
HETATM 1009 O O   . HOH B 2 .   ? -7.593  9.994   -1.676  1.00 37.96 ? 321 HOH A O   1 
HETATM 1010 O O   . HOH B 2 .   ? -0.628  10.047  -16.223 1.00 38.28 ? 322 HOH A O   1 
HETATM 1011 O O   . HOH B 2 .   ? 7.525   -9.463  5.033   1.00 38.26 ? 323 HOH A O   1 
HETATM 1012 O O   . HOH B 2 .   ? -10.586 4.819   -11.417 1.00 32.50 ? 324 HOH A O   1 
HETATM 1013 O O   . HOH B 2 .   ? -4.435  1.669   15.824  1.00 39.83 ? 325 HOH A O   1 
HETATM 1014 O O   . HOH B 2 .   ? 2.581   8.455   -13.616 1.00 36.74 ? 326 HOH A O   1 
HETATM 1015 O O   . HOH B 2 .   ? -6.940  -12.916 -3.649  1.00 42.51 ? 327 HOH A O   1 
HETATM 1016 O O   . HOH B 2 .   ? -7.198  11.913  9.488   1.00 39.42 ? 328 HOH A O   1 
HETATM 1017 O O   . HOH B 2 .   ? -5.706  -12.819 3.350   1.00 31.17 ? 329 HOH A O   1 
HETATM 1018 O O   . HOH B 2 .   ? 16.017  -7.336  -5.695  1.00 39.15 ? 330 HOH A O   1 
HETATM 1019 O O   . HOH B 2 .   ? -9.557  11.166  10.365  1.00 46.72 ? 331 HOH A O   1 
HETATM 1020 O O   . HOH B 2 .   ? -4.182  -12.208 -8.674  1.00 36.03 ? 332 HOH A O   1 
HETATM 1021 O O   . HOH B 2 .   ? 9.784   8.658   -8.402  1.00 46.66 ? 333 HOH A O   1 
HETATM 1022 O O   . HOH B 2 .   ? -1.595  10.674  1.813   1.00 34.77 ? 334 HOH A O   1 
HETATM 1023 O O   . HOH B 2 .   ? -17.340 -3.094  -0.481  1.00 38.43 ? 335 HOH A O   1 
HETATM 1024 O O   . HOH B 2 .   ? 9.247   13.772  -8.781  1.00 38.76 ? 336 HOH A O   1 
HETATM 1025 O O   . HOH B 2 .   ? -2.265  -9.493  -9.118  1.00 42.38 ? 337 HOH A O   1 
HETATM 1026 O O   . HOH B 2 .   ? -14.368 -2.736  2.056   1.00 38.93 ? 338 HOH A O   1 
HETATM 1027 O O   . HOH B 2 .   ? -7.223  -10.625 0.231   1.00 31.82 ? 339 HOH A O   1 
HETATM 1028 O O   . HOH B 2 .   ? 17.591  3.725   -5.797  1.00 38.84 ? 340 HOH A O   1 
HETATM 1029 O O   . HOH B 2 .   ? -18.488 -5.719  -3.642  1.00 46.32 ? 341 HOH A O   1 
HETATM 1030 O O   . HOH B 2 .   ? -19.714 -9.074  -3.933  1.00 38.98 ? 342 HOH A O   1 
HETATM 1031 O O   . HOH B 2 .   ? 12.228  0.839   -8.751  1.00 48.03 ? 343 HOH A O   1 
HETATM 1032 O O   . HOH B 2 .   ? 10.322  4.523   -10.564 1.00 47.74 ? 344 HOH A O   1 
HETATM 1033 O O   . HOH B 2 .   ? -7.126  -12.602 -1.217  1.00 37.83 ? 345 HOH A O   1 
HETATM 1034 O O   . HOH B 2 .   ? 19.370  1.776   4.510   1.00 39.87 ? 346 HOH A O   1 
HETATM 1035 O O   . HOH B 2 .   ? 12.787  -2.309  10.824  1.00 35.85 ? 347 HOH A O   1 
HETATM 1036 O O   . HOH B 2 .   ? 10.918  -4.198  11.074  1.00 37.45 ? 348 HOH A O   1 
HETATM 1037 O O   . HOH B 2 .   ? -9.052  -12.468 0.945   1.00 39.48 ? 349 HOH A O   1 
HETATM 1038 O O   . HOH B 2 .   ? -6.925  4.858   -12.619 1.00 35.33 ? 350 HOH A O   1 
HETATM 1039 O O   . HOH B 2 .   ? 21.346  4.597   -1.689  1.00 39.01 ? 351 HOH A O   1 
HETATM 1040 O O   . HOH B 2 .   ? 11.058  2.096   11.876  1.00 45.90 ? 352 HOH A O   1 
HETATM 1041 O O   . HOH B 2 .   ? 2.620   -1.598  14.694  1.00 37.20 ? 353 HOH A O   1 
HETATM 1042 O O   . HOH B 2 .   ? 6.473   -6.978  -13.524 1.00 49.50 ? 354 HOH A O   1 
# 
loop_
_pdbx_poly_seq_scheme.asym_id 
_pdbx_poly_seq_scheme.entity_id 
_pdbx_poly_seq_scheme.seq_id 
_pdbx_poly_seq_scheme.mon_id 
_pdbx_poly_seq_scheme.ndb_seq_num 
_pdbx_poly_seq_scheme.pdb_seq_num 
_pdbx_poly_seq_scheme.auth_seq_num 
_pdbx_poly_seq_scheme.pdb_mon_id 
_pdbx_poly_seq_scheme.auth_mon_id 
_pdbx_poly_seq_scheme.pdb_strand_id 
_pdbx_poly_seq_scheme.pdb_ins_code 
_pdbx_poly_seq_scheme.hetero 
A 1 1   MET 1   15  ?   ?   ?   A . n 
A 1 2   GLY 2   16  ?   ?   ?   A . n 
A 1 3   SER 3   17  ?   ?   ?   A . n 
A 1 4   SER 4   18  ?   ?   ?   A . n 
A 1 5   HIS 5   19  ?   ?   ?   A . n 
A 1 6   HIS 6   20  ?   ?   ?   A . n 
A 1 7   HIS 7   21  ?   ?   ?   A . n 
A 1 8   HIS 8   22  ?   ?   ?   A . n 
A 1 9   HIS 9   23  ?   ?   ?   A . n 
A 1 10  HIS 10  24  ?   ?   ?   A . n 
A 1 11  SER 11  25  ?   ?   ?   A . n 
A 1 12  SER 12  26  ?   ?   ?   A . n 
A 1 13  GLY 13  27  ?   ?   ?   A . n 
A 1 14  LEU 14  28  ?   ?   ?   A . n 
A 1 15  VAL 15  29  ?   ?   ?   A . n 
A 1 16  PRO 16  30  ?   ?   ?   A . n 
A 1 17  ARG 17  31  ?   ?   ?   A . n 
A 1 18  GLY 18  32  ?   ?   ?   A . n 
A 1 19  SER 19  33  ?   ?   ?   A . n 
A 1 20  HIS 20  34  ?   ?   ?   A . n 
A 1 21  MET 21  35  ?   ?   ?   A . n 
A 1 22  VAL 22  36  36  VAL VAL A . n 
A 1 23  SER 23  37  37  SER SER A . n 
A 1 24  GLN 24  38  38  GLN GLN A . n 
A 1 25  GLU 25  39  39  GLU GLU A . n 
A 1 26  THR 26  40  40  THR THR A . n 
A 1 27  VAL 27  41  41  VAL VAL A . n 
A 1 28  ALA 28  42  42  ALA ALA A . n 
A 1 29  HIS 29  43  43  HIS HIS A . n 
A 1 30  VAL 30  44  44  VAL VAL A . n 
A 1 31  LYS 31  45  45  LYS LYS A . n 
A 1 32  ASP 32  46  46  ASP ASP A . n 
A 1 33  LEU 33  47  47  LEU LEU A . n 
A 1 34  ILE 34  48  48  ILE ILE A . n 
A 1 35  GLY 35  49  49  GLY GLY A . n 
A 1 36  GLN 36  50  50  GLN GLN A . n 
A 1 37  LYS 37  51  51  LYS LYS A . n 
A 1 38  GLU 38  52  52  GLU GLU A . n 
A 1 39  VAL 39  53  53  VAL VAL A . n 
A 1 40  PHE 40  54  54  PHE PHE A . n 
A 1 41  VAL 41  55  55  VAL VAL A . n 
A 1 42  ALA 42  56  56  ALA ALA A . n 
A 1 43  ALA 43  57  57  ALA ALA A . n 
A 1 44  LYS 44  58  58  LYS LYS A . n 
A 1 45  THR 45  59  59  THR THR A . n 
A 1 46  TYR 46  60  60  TYR TYR A . n 
A 1 47  CYS 47  61  61  CYS CYS A . n 
A 1 48  PRO 48  62  62  PRO PRO A . n 
A 1 49  TYR 49  63  63  TYR TYR A . n 
A 1 50  CYS 50  64  64  CYS CYS A . n 
A 1 51  LYS 51  65  65  LYS LYS A . n 
A 1 52  ALA 52  66  66  ALA ALA A . n 
A 1 53  THR 53  67  67  THR THR A . n 
A 1 54  LEU 54  68  68  LEU LEU A . n 
A 1 55  SER 55  69  69  SER SER A . n 
A 1 56  THR 56  70  70  THR THR A . n 
A 1 57  LEU 57  71  71  LEU LEU A . n 
A 1 58  PHE 58  72  72  PHE PHE A . n 
A 1 59  GLN 59  73  73  GLN GLN A . n 
A 1 60  GLU 60  74  74  GLU GLU A . n 
A 1 61  LEU 61  75  75  LEU LEU A . n 
A 1 62  ASN 62  76  76  ASN ASN A . n 
A 1 63  VAL 63  77  77  VAL VAL A . n 
A 1 64  PRO 64  78  78  PRO PRO A . n 
A 1 65  LYS 65  79  79  LYS LYS A . n 
A 1 66  SER 66  80  80  SER SER A . n 
A 1 67  LYS 67  81  81  LYS LYS A . n 
A 1 68  ALA 68  82  82  ALA ALA A . n 
A 1 69  LEU 69  83  83  LEU LEU A . n 
A 1 70  VAL 70  84  84  VAL VAL A . n 
A 1 71  LEU 71  85  85  LEU LEU A . n 
A 1 72  GLU 72  86  86  GLU GLU A . n 
A 1 73  LEU 73  87  87  LEU LEU A . n 
A 1 74  ASP 74  88  88  ASP ASP A . n 
A 1 75  GLU 75  89  89  GLU GLU A . n 
A 1 76  MET 76  90  90  MET MET A . n 
A 1 77  SER 77  91  91  SER SER A . n 
A 1 78  ASN 78  92  92  ASN ASN A . n 
A 1 79  GLY 79  93  93  GLY GLY A . n 
A 1 80  SER 80  94  94  SER SER A . n 
A 1 81  GLU 81  95  95  GLU GLU A . n 
A 1 82  ILE 82  96  96  ILE ILE A . n 
A 1 83  GLN 83  97  97  GLN GLN A . n 
A 1 84  ASP 84  98  98  ASP ASP A . n 
A 1 85  ALA 85  99  99  ALA ALA A . n 
A 1 86  LEU 86  100 100 LEU LEU A . n 
A 1 87  GLU 87  101 101 GLU GLU A . n 
A 1 88  GLU 88  102 102 GLU GLU A . n 
A 1 89  ILE 89  103 103 ILE ILE A . n 
A 1 90  SER 90  104 104 SER SER A . n 
A 1 91  GLY 91  105 105 GLY GLY A . n 
A 1 92  GLN 92  106 106 GLN GLN A . n 
A 1 93  LYS 93  107 107 LYS LYS A . n 
A 1 94  THR 94  108 108 THR THR A . n 
A 1 95  VAL 95  109 109 VAL VAL A . n 
A 1 96  PRO 96  110 110 PRO PRO A . n 
A 1 97  ASN 97  111 111 ASN ASN A . n 
A 1 98  VAL 98  112 112 VAL VAL A . n 
A 1 99  TYR 99  113 113 TYR TYR A . n 
A 1 100 ILE 100 114 114 ILE ILE A . n 
A 1 101 ASN 101 115 115 ASN ASN A . n 
A 1 102 GLY 102 116 116 GLY GLY A . n 
A 1 103 LYS 103 117 117 LYS LYS A . n 
A 1 104 HIS 104 118 118 HIS HIS A . n 
A 1 105 ILE 105 119 119 ILE ILE A . n 
A 1 106 GLY 106 120 120 GLY GLY A . n 
A 1 107 GLY 107 121 121 GLY GLY A . n 
A 1 108 ASN 108 122 122 ASN ASN A . n 
A 1 109 SER 109 123 123 SER SER A . n 
A 1 110 ASP 110 124 124 ASP ASP A . n 
A 1 111 LEU 111 125 125 LEU LEU A . n 
A 1 112 GLU 112 126 126 GLU GLU A . n 
A 1 113 THR 113 127 127 THR THR A . n 
A 1 114 LEU 114 128 128 LEU LEU A . n 
A 1 115 LYS 115 129 129 LYS LYS A . n 
A 1 116 LYS 116 130 130 LYS LYS A . n 
A 1 117 ASN 117 131 131 ASN ASN A . n 
A 1 118 GLY 118 132 132 GLY GLY A . n 
A 1 119 LYS 119 133 133 LYS LYS A . n 
A 1 120 LEU 120 134 134 LEU LEU A . n 
A 1 121 ALA 121 135 135 ALA ALA A . n 
A 1 122 GLU 122 136 136 GLU GLU A . n 
A 1 123 ILE 123 137 137 ILE ILE A . n 
A 1 124 LEU 124 138 138 LEU LEU A . n 
A 1 125 LYS 125 139 139 LYS LYS A . n 
A 1 126 PRO 126 140 140 PRO PRO A . n 
A 1 127 VAL 127 141 141 VAL VAL A . n 
A 1 128 PHE 128 142 142 PHE PHE A . n 
A 1 129 GLN 129 143 143 GLN GLN A . n 
# 
loop_
_pdbx_nonpoly_scheme.asym_id 
_pdbx_nonpoly_scheme.entity_id 
_pdbx_nonpoly_scheme.mon_id 
_pdbx_nonpoly_scheme.ndb_seq_num 
_pdbx_nonpoly_scheme.pdb_seq_num 
_pdbx_nonpoly_scheme.auth_seq_num 
_pdbx_nonpoly_scheme.pdb_mon_id 
_pdbx_nonpoly_scheme.auth_mon_id 
_pdbx_nonpoly_scheme.pdb_strand_id 
_pdbx_nonpoly_scheme.pdb_ins_code 
B 2 HOH 1   144 1   HOH HOH A . 
B 2 HOH 2   145 2   HOH HOH A . 
B 2 HOH 3   146 3   HOH HOH A . 
B 2 HOH 4   147 4   HOH HOH A . 
B 2 HOH 5   148 5   HOH HOH A . 
B 2 HOH 6   149 6   HOH HOH A . 
B 2 HOH 7   150 7   HOH HOH A . 
B 2 HOH 8   151 8   HOH HOH A . 
B 2 HOH 9   152 9   HOH HOH A . 
B 2 HOH 10  153 10  HOH HOH A . 
B 2 HOH 11  154 11  HOH HOH A . 
B 2 HOH 12  155 12  HOH HOH A . 
B 2 HOH 13  156 13  HOH HOH A . 
B 2 HOH 14  157 14  HOH HOH A . 
B 2 HOH 15  158 15  HOH HOH A . 
B 2 HOH 16  159 16  HOH HOH A . 
B 2 HOH 17  160 17  HOH HOH A . 
B 2 HOH 18  161 18  HOH HOH A . 
B 2 HOH 19  162 19  HOH HOH A . 
B 2 HOH 20  163 20  HOH HOH A . 
B 2 HOH 21  164 21  HOH HOH A . 
B 2 HOH 22  165 22  HOH HOH A . 
B 2 HOH 23  166 23  HOH HOH A . 
B 2 HOH 24  167 24  HOH HOH A . 
B 2 HOH 25  168 25  HOH HOH A . 
B 2 HOH 26  169 26  HOH HOH A . 
B 2 HOH 27  170 27  HOH HOH A . 
B 2 HOH 28  171 28  HOH HOH A . 
B 2 HOH 29  172 29  HOH HOH A . 
B 2 HOH 30  173 30  HOH HOH A . 
B 2 HOH 31  174 31  HOH HOH A . 
B 2 HOH 32  175 32  HOH HOH A . 
B 2 HOH 33  176 33  HOH HOH A . 
B 2 HOH 34  177 34  HOH HOH A . 
B 2 HOH 35  178 35  HOH HOH A . 
B 2 HOH 36  179 36  HOH HOH A . 
B 2 HOH 37  180 37  HOH HOH A . 
B 2 HOH 38  181 38  HOH HOH A . 
B 2 HOH 39  182 39  HOH HOH A . 
B 2 HOH 40  183 40  HOH HOH A . 
B 2 HOH 41  184 41  HOH HOH A . 
B 2 HOH 42  185 42  HOH HOH A . 
B 2 HOH 43  186 43  HOH HOH A . 
B 2 HOH 44  187 44  HOH HOH A . 
B 2 HOH 45  188 45  HOH HOH A . 
B 2 HOH 46  189 46  HOH HOH A . 
B 2 HOH 47  190 47  HOH HOH A . 
B 2 HOH 48  191 48  HOH HOH A . 
B 2 HOH 49  192 49  HOH HOH A . 
B 2 HOH 50  193 50  HOH HOH A . 
B 2 HOH 51  194 51  HOH HOH A . 
B 2 HOH 52  195 52  HOH HOH A . 
B 2 HOH 53  196 53  HOH HOH A . 
B 2 HOH 54  197 54  HOH HOH A . 
B 2 HOH 55  198 55  HOH HOH A . 
B 2 HOH 56  199 56  HOH HOH A . 
B 2 HOH 57  200 57  HOH HOH A . 
B 2 HOH 58  201 58  HOH HOH A . 
B 2 HOH 59  202 59  HOH HOH A . 
B 2 HOH 60  203 60  HOH HOH A . 
B 2 HOH 61  204 61  HOH HOH A . 
B 2 HOH 62  205 62  HOH HOH A . 
B 2 HOH 63  206 63  HOH HOH A . 
B 2 HOH 64  207 64  HOH HOH A . 
B 2 HOH 65  208 65  HOH HOH A . 
B 2 HOH 66  209 66  HOH HOH A . 
B 2 HOH 67  210 67  HOH HOH A . 
B 2 HOH 68  211 68  HOH HOH A . 
B 2 HOH 69  212 69  HOH HOH A . 
B 2 HOH 70  213 70  HOH HOH A . 
B 2 HOH 71  214 71  HOH HOH A . 
B 2 HOH 72  215 72  HOH HOH A . 
B 2 HOH 73  216 73  HOH HOH A . 
B 2 HOH 74  217 74  HOH HOH A . 
B 2 HOH 75  218 75  HOH HOH A . 
B 2 HOH 76  219 76  HOH HOH A . 
B 2 HOH 77  220 77  HOH HOH A . 
B 2 HOH 78  221 78  HOH HOH A . 
B 2 HOH 79  222 79  HOH HOH A . 
B 2 HOH 80  223 80  HOH HOH A . 
B 2 HOH 81  224 81  HOH HOH A . 
B 2 HOH 82  225 82  HOH HOH A . 
B 2 HOH 83  226 83  HOH HOH A . 
B 2 HOH 84  227 84  HOH HOH A . 
B 2 HOH 85  228 85  HOH HOH A . 
B 2 HOH 86  229 86  HOH HOH A . 
B 2 HOH 87  230 87  HOH HOH A . 
B 2 HOH 88  231 88  HOH HOH A . 
B 2 HOH 89  232 89  HOH HOH A . 
B 2 HOH 90  233 90  HOH HOH A . 
B 2 HOH 91  234 91  HOH HOH A . 
B 2 HOH 92  235 92  HOH HOH A . 
B 2 HOH 93  236 93  HOH HOH A . 
B 2 HOH 94  237 94  HOH HOH A . 
B 2 HOH 95  238 95  HOH HOH A . 
B 2 HOH 96  239 96  HOH HOH A . 
B 2 HOH 97  240 97  HOH HOH A . 
B 2 HOH 98  241 98  HOH HOH A . 
B 2 HOH 99  242 99  HOH HOH A . 
B 2 HOH 100 243 100 HOH HOH A . 
B 2 HOH 101 244 101 HOH HOH A . 
B 2 HOH 102 245 102 HOH HOH A . 
B 2 HOH 103 246 103 HOH HOH A . 
B 2 HOH 104 247 104 HOH HOH A . 
B 2 HOH 105 248 105 HOH HOH A . 
B 2 HOH 106 249 106 HOH HOH A . 
B 2 HOH 107 250 107 HOH HOH A . 
B 2 HOH 108 251 108 HOH HOH A . 
B 2 HOH 109 252 109 HOH HOH A . 
B 2 HOH 110 253 110 HOH HOH A . 
B 2 HOH 111 254 111 HOH HOH A . 
B 2 HOH 112 255 112 HOH HOH A . 
B 2 HOH 113 256 113 HOH HOH A . 
B 2 HOH 114 257 114 HOH HOH A . 
B 2 HOH 115 258 115 HOH HOH A . 
B 2 HOH 116 259 116 HOH HOH A . 
B 2 HOH 117 260 117 HOH HOH A . 
B 2 HOH 118 261 118 HOH HOH A . 
B 2 HOH 119 262 119 HOH HOH A . 
B 2 HOH 120 263 120 HOH HOH A . 
B 2 HOH 121 264 121 HOH HOH A . 
B 2 HOH 122 265 122 HOH HOH A . 
B 2 HOH 123 266 123 HOH HOH A . 
B 2 HOH 124 267 124 HOH HOH A . 
B 2 HOH 125 268 125 HOH HOH A . 
B 2 HOH 126 269 126 HOH HOH A . 
B 2 HOH 127 270 127 HOH HOH A . 
B 2 HOH 128 271 128 HOH HOH A . 
B 2 HOH 129 272 129 HOH HOH A . 
B 2 HOH 130 273 130 HOH HOH A . 
B 2 HOH 131 274 131 HOH HOH A . 
B 2 HOH 132 275 132 HOH HOH A . 
B 2 HOH 133 276 133 HOH HOH A . 
B 2 HOH 134 277 134 HOH HOH A . 
B 2 HOH 135 278 135 HOH HOH A . 
B 2 HOH 136 279 136 HOH HOH A . 
B 2 HOH 137 280 137 HOH HOH A . 
B 2 HOH 138 281 138 HOH HOH A . 
B 2 HOH 139 282 139 HOH HOH A . 
B 2 HOH 140 283 140 HOH HOH A . 
B 2 HOH 141 284 141 HOH HOH A . 
B 2 HOH 142 285 142 HOH HOH A . 
B 2 HOH 143 286 143 HOH HOH A . 
B 2 HOH 144 287 144 HOH HOH A . 
B 2 HOH 145 288 145 HOH HOH A . 
B 2 HOH 146 289 146 HOH HOH A . 
B 2 HOH 147 290 147 HOH HOH A . 
B 2 HOH 148 291 148 HOH HOH A . 
B 2 HOH 149 292 149 HOH HOH A . 
B 2 HOH 150 293 150 HOH HOH A . 
B 2 HOH 151 294 151 HOH HOH A . 
B 2 HOH 152 295 152 HOH HOH A . 
B 2 HOH 153 296 153 HOH HOH A . 
B 2 HOH 154 297 154 HOH HOH A . 
B 2 HOH 155 298 155 HOH HOH A . 
B 2 HOH 156 299 156 HOH HOH A . 
B 2 HOH 157 300 157 HOH HOH A . 
B 2 HOH 158 301 158 HOH HOH A . 
B 2 HOH 159 302 159 HOH HOH A . 
B 2 HOH 160 303 160 HOH HOH A . 
B 2 HOH 161 304 161 HOH HOH A . 
B 2 HOH 162 305 162 HOH HOH A . 
B 2 HOH 163 306 163 HOH HOH A . 
B 2 HOH 164 307 164 HOH HOH A . 
B 2 HOH 165 308 165 HOH HOH A . 
B 2 HOH 166 309 166 HOH HOH A . 
B 2 HOH 167 310 167 HOH HOH A . 
B 2 HOH 168 311 168 HOH HOH A . 
B 2 HOH 169 312 169 HOH HOH A . 
B 2 HOH 170 313 170 HOH HOH A . 
B 2 HOH 171 314 171 HOH HOH A . 
B 2 HOH 172 315 172 HOH HOH A . 
B 2 HOH 173 316 173 HOH HOH A . 
B 2 HOH 174 317 174 HOH HOH A . 
B 2 HOH 175 318 175 HOH HOH A . 
B 2 HOH 176 319 176 HOH HOH A . 
B 2 HOH 177 320 177 HOH HOH A . 
B 2 HOH 178 321 178 HOH HOH A . 
B 2 HOH 179 322 179 HOH HOH A . 
B 2 HOH 180 323 180 HOH HOH A . 
B 2 HOH 181 324 181 HOH HOH A . 
B 2 HOH 182 325 182 HOH HOH A . 
B 2 HOH 183 326 183 HOH HOH A . 
B 2 HOH 184 327 184 HOH HOH A . 
B 2 HOH 185 328 185 HOH HOH A . 
B 2 HOH 186 329 186 HOH HOH A . 
B 2 HOH 187 330 187 HOH HOH A . 
B 2 HOH 188 331 188 HOH HOH A . 
B 2 HOH 189 332 189 HOH HOH A . 
B 2 HOH 190 333 190 HOH HOH A . 
B 2 HOH 191 334 191 HOH HOH A . 
B 2 HOH 192 335 192 HOH HOH A . 
B 2 HOH 193 336 193 HOH HOH A . 
B 2 HOH 194 337 194 HOH HOH A . 
B 2 HOH 195 338 195 HOH HOH A . 
B 2 HOH 196 339 196 HOH HOH A . 
B 2 HOH 197 340 197 HOH HOH A . 
B 2 HOH 198 341 198 HOH HOH A . 
B 2 HOH 199 342 199 HOH HOH A . 
B 2 HOH 200 343 200 HOH HOH A . 
B 2 HOH 201 344 201 HOH HOH A . 
B 2 HOH 202 345 202 HOH HOH A . 
B 2 HOH 203 346 203 HOH HOH A . 
B 2 HOH 204 347 204 HOH HOH A . 
B 2 HOH 205 348 205 HOH HOH A . 
B 2 HOH 206 349 206 HOH HOH A . 
B 2 HOH 207 350 207 HOH HOH A . 
B 2 HOH 208 351 208 HOH HOH A . 
B 2 HOH 209 352 209 HOH HOH A . 
B 2 HOH 210 353 210 HOH HOH A . 
B 2 HOH 211 354 211 HOH HOH A . 
# 
_pdbx_struct_assembly.id                   1 
_pdbx_struct_assembly.details              author_and_software_defined_assembly 
_pdbx_struct_assembly.method_details       PISA 
_pdbx_struct_assembly.oligomeric_details   monomeric 
_pdbx_struct_assembly.oligomeric_count     1 
# 
_pdbx_struct_assembly_gen.assembly_id       1 
_pdbx_struct_assembly_gen.oper_expression   1 
_pdbx_struct_assembly_gen.asym_id_list      A,B 
# 
_pdbx_struct_oper_list.id                   1 
_pdbx_struct_oper_list.type                 'identity operation' 
_pdbx_struct_oper_list.name                 1_555 
_pdbx_struct_oper_list.symmetry_operation   x,y,z 
_pdbx_struct_oper_list.matrix[1][1]         1.0000000000 
_pdbx_struct_oper_list.matrix[1][2]         0.0000000000 
_pdbx_struct_oper_list.matrix[1][3]         0.0000000000 
_pdbx_struct_oper_list.vector[1]            0.0000000000 
_pdbx_struct_oper_list.matrix[2][1]         0.0000000000 
_pdbx_struct_oper_list.matrix[2][2]         1.0000000000 
_pdbx_struct_oper_list.matrix[2][3]         0.0000000000 
_pdbx_struct_oper_list.vector[2]            0.0000000000 
_pdbx_struct_oper_list.matrix[3][1]         0.0000000000 
_pdbx_struct_oper_list.matrix[3][2]         0.0000000000 
_pdbx_struct_oper_list.matrix[3][3]         1.0000000000 
_pdbx_struct_oper_list.vector[3]            0.0000000000 
# 
loop_
_pdbx_audit_revision_history.ordinal 
_pdbx_audit_revision_history.data_content_type 
_pdbx_audit_revision_history.major_revision 
_pdbx_audit_revision_history.minor_revision 
_pdbx_audit_revision_history.revision_date 
1 'Structure model' 1 0 2008-11-11 
2 'Structure model' 1 1 2011-07-13 
3 'Structure model' 1 2 2023-11-01 
# 
_pdbx_audit_revision_details.ordinal             1 
_pdbx_audit_revision_details.revision_ordinal    1 
_pdbx_audit_revision_details.data_content_type   'Structure model' 
_pdbx_audit_revision_details.provider            repository 
_pdbx_audit_revision_details.type                'Initial release' 
_pdbx_audit_revision_details.description         ? 
_pdbx_audit_revision_details.details             ? 
# 
loop_
_pdbx_audit_revision_group.ordinal 
_pdbx_audit_revision_group.revision_ordinal 
_pdbx_audit_revision_group.data_content_type 
_pdbx_audit_revision_group.group 
1 2 'Structure model' 'Version format compliance' 
2 3 'Structure model' 'Data collection'           
3 3 'Structure model' 'Database references'       
4 3 'Structure model' 'Refinement description'    
# 
loop_
_pdbx_audit_revision_category.ordinal 
_pdbx_audit_revision_category.revision_ordinal 
_pdbx_audit_revision_category.data_content_type 
_pdbx_audit_revision_category.category 
1 3 'Structure model' chem_comp_atom                
2 3 'Structure model' chem_comp_bond                
3 3 'Structure model' database_2                    
4 3 'Structure model' pdbx_initial_refinement_model 
5 3 'Structure model' struct_ref_seq_dif            
# 
loop_
_pdbx_audit_revision_item.ordinal 
_pdbx_audit_revision_item.revision_ordinal 
_pdbx_audit_revision_item.data_content_type 
_pdbx_audit_revision_item.item 
1 3 'Structure model' '_database_2.pdbx_DOI'                
2 3 'Structure model' '_database_2.pdbx_database_accession' 
3 3 'Structure model' '_struct_ref_seq_dif.details'         
# 
loop_
_software.name 
_software.classification 
_software.version 
_software.citation_id 
_software.pdbx_ordinal 
CNS       refinement        . ? 1 
MAR345dtb 'data collection' . ? 2 
AUTOMAR   'data reduction'  . ? 3 
CNS       phasing           . ? 4 
# 
loop_
_pdbx_unobs_or_zero_occ_residues.id 
_pdbx_unobs_or_zero_occ_residues.PDB_model_num 
_pdbx_unobs_or_zero_occ_residues.polymer_flag 
_pdbx_unobs_or_zero_occ_residues.occupancy_flag 
_pdbx_unobs_or_zero_occ_residues.auth_asym_id 
_pdbx_unobs_or_zero_occ_residues.auth_comp_id 
_pdbx_unobs_or_zero_occ_residues.auth_seq_id 
_pdbx_unobs_or_zero_occ_residues.PDB_ins_code 
_pdbx_unobs_or_zero_occ_residues.label_asym_id 
_pdbx_unobs_or_zero_occ_residues.label_comp_id 
_pdbx_unobs_or_zero_occ_residues.label_seq_id 
1  1 Y 1 A MET 15 ? A MET 1  
2  1 Y 1 A GLY 16 ? A GLY 2  
3  1 Y 1 A SER 17 ? A SER 3  
4  1 Y 1 A SER 18 ? A SER 4  
5  1 Y 1 A HIS 19 ? A HIS 5  
6  1 Y 1 A HIS 20 ? A HIS 6  
7  1 Y 1 A HIS 21 ? A HIS 7  
8  1 Y 1 A HIS 22 ? A HIS 8  
9  1 Y 1 A HIS 23 ? A HIS 9  
10 1 Y 1 A HIS 24 ? A HIS 10 
11 1 Y 1 A SER 25 ? A SER 11 
12 1 Y 1 A SER 26 ? A SER 12 
13 1 Y 1 A GLY 27 ? A GLY 13 
14 1 Y 1 A LEU 28 ? A LEU 14 
15 1 Y 1 A VAL 29 ? A VAL 15 
16 1 Y 1 A PRO 30 ? A PRO 16 
17 1 Y 1 A ARG 31 ? A ARG 17 
18 1 Y 1 A GLY 32 ? A GLY 18 
19 1 Y 1 A SER 33 ? A SER 19 
20 1 Y 1 A HIS 34 ? A HIS 20 
21 1 Y 1 A MET 35 ? A MET 21 
# 
loop_
_chem_comp_atom.comp_id 
_chem_comp_atom.atom_id 
_chem_comp_atom.type_symbol 
_chem_comp_atom.pdbx_aromatic_flag 
_chem_comp_atom.pdbx_stereo_config 
_chem_comp_atom.pdbx_ordinal 
ALA N    N N N 1   
ALA CA   C N S 2   
ALA C    C N N 3   
ALA O    O N N 4   
ALA CB   C N N 5   
ALA OXT  O N N 6   
ALA H    H N N 7   
ALA H2   H N N 8   
ALA HA   H N N 9   
ALA HB1  H N N 10  
ALA HB2  H N N 11  
ALA HB3  H N N 12  
ALA HXT  H N N 13  
ARG N    N N N 14  
ARG CA   C N S 15  
ARG C    C N N 16  
ARG O    O N N 17  
ARG CB   C N N 18  
ARG CG   C N N 19  
ARG CD   C N N 20  
ARG NE   N N N 21  
ARG CZ   C N N 22  
ARG NH1  N N N 23  
ARG NH2  N N N 24  
ARG OXT  O N N 25  
ARG H    H N N 26  
ARG H2   H N N 27  
ARG HA   H N N 28  
ARG HB2  H N N 29  
ARG HB3  H N N 30  
ARG HG2  H N N 31  
ARG HG3  H N N 32  
ARG HD2  H N N 33  
ARG HD3  H N N 34  
ARG HE   H N N 35  
ARG HH11 H N N 36  
ARG HH12 H N N 37  
ARG HH21 H N N 38  
ARG HH22 H N N 39  
ARG HXT  H N N 40  
ASN N    N N N 41  
ASN CA   C N S 42  
ASN C    C N N 43  
ASN O    O N N 44  
ASN CB   C N N 45  
ASN CG   C N N 46  
ASN OD1  O N N 47  
ASN ND2  N N N 48  
ASN OXT  O N N 49  
ASN H    H N N 50  
ASN H2   H N N 51  
ASN HA   H N N 52  
ASN HB2  H N N 53  
ASN HB3  H N N 54  
ASN HD21 H N N 55  
ASN HD22 H N N 56  
ASN HXT  H N N 57  
ASP N    N N N 58  
ASP CA   C N S 59  
ASP C    C N N 60  
ASP O    O N N 61  
ASP CB   C N N 62  
ASP CG   C N N 63  
ASP OD1  O N N 64  
ASP OD2  O N N 65  
ASP OXT  O N N 66  
ASP H    H N N 67  
ASP H2   H N N 68  
ASP HA   H N N 69  
ASP HB2  H N N 70  
ASP HB3  H N N 71  
ASP HD2  H N N 72  
ASP HXT  H N N 73  
CYS N    N N N 74  
CYS CA   C N R 75  
CYS C    C N N 76  
CYS O    O N N 77  
CYS CB   C N N 78  
CYS SG   S N N 79  
CYS OXT  O N N 80  
CYS H    H N N 81  
CYS H2   H N N 82  
CYS HA   H N N 83  
CYS HB2  H N N 84  
CYS HB3  H N N 85  
CYS HG   H N N 86  
CYS HXT  H N N 87  
GLN N    N N N 88  
GLN CA   C N S 89  
GLN C    C N N 90  
GLN O    O N N 91  
GLN CB   C N N 92  
GLN CG   C N N 93  
GLN CD   C N N 94  
GLN OE1  O N N 95  
GLN NE2  N N N 96  
GLN OXT  O N N 97  
GLN H    H N N 98  
GLN H2   H N N 99  
GLN HA   H N N 100 
GLN HB2  H N N 101 
GLN HB3  H N N 102 
GLN HG2  H N N 103 
GLN HG3  H N N 104 
GLN HE21 H N N 105 
GLN HE22 H N N 106 
GLN HXT  H N N 107 
GLU N    N N N 108 
GLU CA   C N S 109 
GLU C    C N N 110 
GLU O    O N N 111 
GLU CB   C N N 112 
GLU CG   C N N 113 
GLU CD   C N N 114 
GLU OE1  O N N 115 
GLU OE2  O N N 116 
GLU OXT  O N N 117 
GLU H    H N N 118 
GLU H2   H N N 119 
GLU HA   H N N 120 
GLU HB2  H N N 121 
GLU HB3  H N N 122 
GLU HG2  H N N 123 
GLU HG3  H N N 124 
GLU HE2  H N N 125 
GLU HXT  H N N 126 
GLY N    N N N 127 
GLY CA   C N N 128 
GLY C    C N N 129 
GLY O    O N N 130 
GLY OXT  O N N 131 
GLY H    H N N 132 
GLY H2   H N N 133 
GLY HA2  H N N 134 
GLY HA3  H N N 135 
GLY HXT  H N N 136 
HIS N    N N N 137 
HIS CA   C N S 138 
HIS C    C N N 139 
HIS O    O N N 140 
HIS CB   C N N 141 
HIS CG   C Y N 142 
HIS ND1  N Y N 143 
HIS CD2  C Y N 144 
HIS CE1  C Y N 145 
HIS NE2  N Y N 146 
HIS OXT  O N N 147 
HIS H    H N N 148 
HIS H2   H N N 149 
HIS HA   H N N 150 
HIS HB2  H N N 151 
HIS HB3  H N N 152 
HIS HD1  H N N 153 
HIS HD2  H N N 154 
HIS HE1  H N N 155 
HIS HE2  H N N 156 
HIS HXT  H N N 157 
HOH O    O N N 158 
HOH H1   H N N 159 
HOH H2   H N N 160 
ILE N    N N N 161 
ILE CA   C N S 162 
ILE C    C N N 163 
ILE O    O N N 164 
ILE CB   C N S 165 
ILE CG1  C N N 166 
ILE CG2  C N N 167 
ILE CD1  C N N 168 
ILE OXT  O N N 169 
ILE H    H N N 170 
ILE H2   H N N 171 
ILE HA   H N N 172 
ILE HB   H N N 173 
ILE HG12 H N N 174 
ILE HG13 H N N 175 
ILE HG21 H N N 176 
ILE HG22 H N N 177 
ILE HG23 H N N 178 
ILE HD11 H N N 179 
ILE HD12 H N N 180 
ILE HD13 H N N 181 
ILE HXT  H N N 182 
LEU N    N N N 183 
LEU CA   C N S 184 
LEU C    C N N 185 
LEU O    O N N 186 
LEU CB   C N N 187 
LEU CG   C N N 188 
LEU CD1  C N N 189 
LEU CD2  C N N 190 
LEU OXT  O N N 191 
LEU H    H N N 192 
LEU H2   H N N 193 
LEU HA   H N N 194 
LEU HB2  H N N 195 
LEU HB3  H N N 196 
LEU HG   H N N 197 
LEU HD11 H N N 198 
LEU HD12 H N N 199 
LEU HD13 H N N 200 
LEU HD21 H N N 201 
LEU HD22 H N N 202 
LEU HD23 H N N 203 
LEU HXT  H N N 204 
LYS N    N N N 205 
LYS CA   C N S 206 
LYS C    C N N 207 
LYS O    O N N 208 
LYS CB   C N N 209 
LYS CG   C N N 210 
LYS CD   C N N 211 
LYS CE   C N N 212 
LYS NZ   N N N 213 
LYS OXT  O N N 214 
LYS H    H N N 215 
LYS H2   H N N 216 
LYS HA   H N N 217 
LYS HB2  H N N 218 
LYS HB3  H N N 219 
LYS HG2  H N N 220 
LYS HG3  H N N 221 
LYS HD2  H N N 222 
LYS HD3  H N N 223 
LYS HE2  H N N 224 
LYS HE3  H N N 225 
LYS HZ1  H N N 226 
LYS HZ2  H N N 227 
LYS HZ3  H N N 228 
LYS HXT  H N N 229 
MET N    N N N 230 
MET CA   C N S 231 
MET C    C N N 232 
MET O    O N N 233 
MET CB   C N N 234 
MET CG   C N N 235 
MET SD   S N N 236 
MET CE   C N N 237 
MET OXT  O N N 238 
MET H    H N N 239 
MET H2   H N N 240 
MET HA   H N N 241 
MET HB2  H N N 242 
MET HB3  H N N 243 
MET HG2  H N N 244 
MET HG3  H N N 245 
MET HE1  H N N 246 
MET HE2  H N N 247 
MET HE3  H N N 248 
MET HXT  H N N 249 
PHE N    N N N 250 
PHE CA   C N S 251 
PHE C    C N N 252 
PHE O    O N N 253 
PHE CB   C N N 254 
PHE CG   C Y N 255 
PHE CD1  C Y N 256 
PHE CD2  C Y N 257 
PHE CE1  C Y N 258 
PHE CE2  C Y N 259 
PHE CZ   C Y N 260 
PHE OXT  O N N 261 
PHE H    H N N 262 
PHE H2   H N N 263 
PHE HA   H N N 264 
PHE HB2  H N N 265 
PHE HB3  H N N 266 
PHE HD1  H N N 267 
PHE HD2  H N N 268 
PHE HE1  H N N 269 
PHE HE2  H N N 270 
PHE HZ   H N N 271 
PHE HXT  H N N 272 
PRO N    N N N 273 
PRO CA   C N S 274 
PRO C    C N N 275 
PRO O    O N N 276 
PRO CB   C N N 277 
PRO CG   C N N 278 
PRO CD   C N N 279 
PRO OXT  O N N 280 
PRO H    H N N 281 
PRO HA   H N N 282 
PRO HB2  H N N 283 
PRO HB3  H N N 284 
PRO HG2  H N N 285 
PRO HG3  H N N 286 
PRO HD2  H N N 287 
PRO HD3  H N N 288 
PRO HXT  H N N 289 
SER N    N N N 290 
SER CA   C N S 291 
SER C    C N N 292 
SER O    O N N 293 
SER CB   C N N 294 
SER OG   O N N 295 
SER OXT  O N N 296 
SER H    H N N 297 
SER H2   H N N 298 
SER HA   H N N 299 
SER HB2  H N N 300 
SER HB3  H N N 301 
SER HG   H N N 302 
SER HXT  H N N 303 
THR N    N N N 304 
THR CA   C N S 305 
THR C    C N N 306 
THR O    O N N 307 
THR CB   C N R 308 
THR OG1  O N N 309 
THR CG2  C N N 310 
THR OXT  O N N 311 
THR H    H N N 312 
THR H2   H N N 313 
THR HA   H N N 314 
THR HB   H N N 315 
THR HG1  H N N 316 
THR HG21 H N N 317 
THR HG22 H N N 318 
THR HG23 H N N 319 
THR HXT  H N N 320 
TYR N    N N N 321 
TYR CA   C N S 322 
TYR C    C N N 323 
TYR O    O N N 324 
TYR CB   C N N 325 
TYR CG   C Y N 326 
TYR CD1  C Y N 327 
TYR CD2  C Y N 328 
TYR CE1  C Y N 329 
TYR CE2  C Y N 330 
TYR CZ   C Y N 331 
TYR OH   O N N 332 
TYR OXT  O N N 333 
TYR H    H N N 334 
TYR H2   H N N 335 
TYR HA   H N N 336 
TYR HB2  H N N 337 
TYR HB3  H N N 338 
TYR HD1  H N N 339 
TYR HD2  H N N 340 
TYR HE1  H N N 341 
TYR HE2  H N N 342 
TYR HH   H N N 343 
TYR HXT  H N N 344 
VAL N    N N N 345 
VAL CA   C N S 346 
VAL C    C N N 347 
VAL O    O N N 348 
VAL CB   C N N 349 
VAL CG1  C N N 350 
VAL CG2  C N N 351 
VAL OXT  O N N 352 
VAL H    H N N 353 
VAL H2   H N N 354 
VAL HA   H N N 355 
VAL HB   H N N 356 
VAL HG11 H N N 357 
VAL HG12 H N N 358 
VAL HG13 H N N 359 
VAL HG21 H N N 360 
VAL HG22 H N N 361 
VAL HG23 H N N 362 
VAL HXT  H N N 363 
# 
loop_
_chem_comp_bond.comp_id 
_chem_comp_bond.atom_id_1 
_chem_comp_bond.atom_id_2 
_chem_comp_bond.value_order 
_chem_comp_bond.pdbx_aromatic_flag 
_chem_comp_bond.pdbx_stereo_config 
_chem_comp_bond.pdbx_ordinal 
ALA N   CA   sing N N 1   
ALA N   H    sing N N 2   
ALA N   H2   sing N N 3   
ALA CA  C    sing N N 4   
ALA CA  CB   sing N N 5   
ALA CA  HA   sing N N 6   
ALA C   O    doub N N 7   
ALA C   OXT  sing N N 8   
ALA CB  HB1  sing N N 9   
ALA CB  HB2  sing N N 10  
ALA CB  HB3  sing N N 11  
ALA OXT HXT  sing N N 12  
ARG N   CA   sing N N 13  
ARG N   H    sing N N 14  
ARG N   H2   sing N N 15  
ARG CA  C    sing N N 16  
ARG CA  CB   sing N N 17  
ARG CA  HA   sing N N 18  
ARG C   O    doub N N 19  
ARG C   OXT  sing N N 20  
ARG CB  CG   sing N N 21  
ARG CB  HB2  sing N N 22  
ARG CB  HB3  sing N N 23  
ARG CG  CD   sing N N 24  
ARG CG  HG2  sing N N 25  
ARG CG  HG3  sing N N 26  
ARG CD  NE   sing N N 27  
ARG CD  HD2  sing N N 28  
ARG CD  HD3  sing N N 29  
ARG NE  CZ   sing N N 30  
ARG NE  HE   sing N N 31  
ARG CZ  NH1  sing N N 32  
ARG CZ  NH2  doub N N 33  
ARG NH1 HH11 sing N N 34  
ARG NH1 HH12 sing N N 35  
ARG NH2 HH21 sing N N 36  
ARG NH2 HH22 sing N N 37  
ARG OXT HXT  sing N N 38  
ASN N   CA   sing N N 39  
ASN N   H    sing N N 40  
ASN N   H2   sing N N 41  
ASN CA  C    sing N N 42  
ASN CA  CB   sing N N 43  
ASN CA  HA   sing N N 44  
ASN C   O    doub N N 45  
ASN C   OXT  sing N N 46  
ASN CB  CG   sing N N 47  
ASN CB  HB2  sing N N 48  
ASN CB  HB3  sing N N 49  
ASN CG  OD1  doub N N 50  
ASN CG  ND2  sing N N 51  
ASN ND2 HD21 sing N N 52  
ASN ND2 HD22 sing N N 53  
ASN OXT HXT  sing N N 54  
ASP N   CA   sing N N 55  
ASP N   H    sing N N 56  
ASP N   H2   sing N N 57  
ASP CA  C    sing N N 58  
ASP CA  CB   sing N N 59  
ASP CA  HA   sing N N 60  
ASP C   O    doub N N 61  
ASP C   OXT  sing N N 62  
ASP CB  CG   sing N N 63  
ASP CB  HB2  sing N N 64  
ASP CB  HB3  sing N N 65  
ASP CG  OD1  doub N N 66  
ASP CG  OD2  sing N N 67  
ASP OD2 HD2  sing N N 68  
ASP OXT HXT  sing N N 69  
CYS N   CA   sing N N 70  
CYS N   H    sing N N 71  
CYS N   H2   sing N N 72  
CYS CA  C    sing N N 73  
CYS CA  CB   sing N N 74  
CYS CA  HA   sing N N 75  
CYS C   O    doub N N 76  
CYS C   OXT  sing N N 77  
CYS CB  SG   sing N N 78  
CYS CB  HB2  sing N N 79  
CYS CB  HB3  sing N N 80  
CYS SG  HG   sing N N 81  
CYS OXT HXT  sing N N 82  
GLN N   CA   sing N N 83  
GLN N   H    sing N N 84  
GLN N   H2   sing N N 85  
GLN CA  C    sing N N 86  
GLN CA  CB   sing N N 87  
GLN CA  HA   sing N N 88  
GLN C   O    doub N N 89  
GLN C   OXT  sing N N 90  
GLN CB  CG   sing N N 91  
GLN CB  HB2  sing N N 92  
GLN CB  HB3  sing N N 93  
GLN CG  CD   sing N N 94  
GLN CG  HG2  sing N N 95  
GLN CG  HG3  sing N N 96  
GLN CD  OE1  doub N N 97  
GLN CD  NE2  sing N N 98  
GLN NE2 HE21 sing N N 99  
GLN NE2 HE22 sing N N 100 
GLN OXT HXT  sing N N 101 
GLU N   CA   sing N N 102 
GLU N   H    sing N N 103 
GLU N   H2   sing N N 104 
GLU CA  C    sing N N 105 
GLU CA  CB   sing N N 106 
GLU CA  HA   sing N N 107 
GLU C   O    doub N N 108 
GLU C   OXT  sing N N 109 
GLU CB  CG   sing N N 110 
GLU CB  HB2  sing N N 111 
GLU CB  HB3  sing N N 112 
GLU CG  CD   sing N N 113 
GLU CG  HG2  sing N N 114 
GLU CG  HG3  sing N N 115 
GLU CD  OE1  doub N N 116 
GLU CD  OE2  sing N N 117 
GLU OE2 HE2  sing N N 118 
GLU OXT HXT  sing N N 119 
GLY N   CA   sing N N 120 
GLY N   H    sing N N 121 
GLY N   H2   sing N N 122 
GLY CA  C    sing N N 123 
GLY CA  HA2  sing N N 124 
GLY CA  HA3  sing N N 125 
GLY C   O    doub N N 126 
GLY C   OXT  sing N N 127 
GLY OXT HXT  sing N N 128 
HIS N   CA   sing N N 129 
HIS N   H    sing N N 130 
HIS N   H2   sing N N 131 
HIS CA  C    sing N N 132 
HIS CA  CB   sing N N 133 
HIS CA  HA   sing N N 134 
HIS C   O    doub N N 135 
HIS C   OXT  sing N N 136 
HIS CB  CG   sing N N 137 
HIS CB  HB2  sing N N 138 
HIS CB  HB3  sing N N 139 
HIS CG  ND1  sing Y N 140 
HIS CG  CD2  doub Y N 141 
HIS ND1 CE1  doub Y N 142 
HIS ND1 HD1  sing N N 143 
HIS CD2 NE2  sing Y N 144 
HIS CD2 HD2  sing N N 145 
HIS CE1 NE2  sing Y N 146 
HIS CE1 HE1  sing N N 147 
HIS NE2 HE2  sing N N 148 
HIS OXT HXT  sing N N 149 
HOH O   H1   sing N N 150 
HOH O   H2   sing N N 151 
ILE N   CA   sing N N 152 
ILE N   H    sing N N 153 
ILE N   H2   sing N N 154 
ILE CA  C    sing N N 155 
ILE CA  CB   sing N N 156 
ILE CA  HA   sing N N 157 
ILE C   O    doub N N 158 
ILE C   OXT  sing N N 159 
ILE CB  CG1  sing N N 160 
ILE CB  CG2  sing N N 161 
ILE CB  HB   sing N N 162 
ILE CG1 CD1  sing N N 163 
ILE CG1 HG12 sing N N 164 
ILE CG1 HG13 sing N N 165 
ILE CG2 HG21 sing N N 166 
ILE CG2 HG22 sing N N 167 
ILE CG2 HG23 sing N N 168 
ILE CD1 HD11 sing N N 169 
ILE CD1 HD12 sing N N 170 
ILE CD1 HD13 sing N N 171 
ILE OXT HXT  sing N N 172 
LEU N   CA   sing N N 173 
LEU N   H    sing N N 174 
LEU N   H2   sing N N 175 
LEU CA  C    sing N N 176 
LEU CA  CB   sing N N 177 
LEU CA  HA   sing N N 178 
LEU C   O    doub N N 179 
LEU C   OXT  sing N N 180 
LEU CB  CG   sing N N 181 
LEU CB  HB2  sing N N 182 
LEU CB  HB3  sing N N 183 
LEU CG  CD1  sing N N 184 
LEU CG  CD2  sing N N 185 
LEU CG  HG   sing N N 186 
LEU CD1 HD11 sing N N 187 
LEU CD1 HD12 sing N N 188 
LEU CD1 HD13 sing N N 189 
LEU CD2 HD21 sing N N 190 
LEU CD2 HD22 sing N N 191 
LEU CD2 HD23 sing N N 192 
LEU OXT HXT  sing N N 193 
LYS N   CA   sing N N 194 
LYS N   H    sing N N 195 
LYS N   H2   sing N N 196 
LYS CA  C    sing N N 197 
LYS CA  CB   sing N N 198 
LYS CA  HA   sing N N 199 
LYS C   O    doub N N 200 
LYS C   OXT  sing N N 201 
LYS CB  CG   sing N N 202 
LYS CB  HB2  sing N N 203 
LYS CB  HB3  sing N N 204 
LYS CG  CD   sing N N 205 
LYS CG  HG2  sing N N 206 
LYS CG  HG3  sing N N 207 
LYS CD  CE   sing N N 208 
LYS CD  HD2  sing N N 209 
LYS CD  HD3  sing N N 210 
LYS CE  NZ   sing N N 211 
LYS CE  HE2  sing N N 212 
LYS CE  HE3  sing N N 213 
LYS NZ  HZ1  sing N N 214 
LYS NZ  HZ2  sing N N 215 
LYS NZ  HZ3  sing N N 216 
LYS OXT HXT  sing N N 217 
MET N   CA   sing N N 218 
MET N   H    sing N N 219 
MET N   H2   sing N N 220 
MET CA  C    sing N N 221 
MET CA  CB   sing N N 222 
MET CA  HA   sing N N 223 
MET C   O    doub N N 224 
MET C   OXT  sing N N 225 
MET CB  CG   sing N N 226 
MET CB  HB2  sing N N 227 
MET CB  HB3  sing N N 228 
MET CG  SD   sing N N 229 
MET CG  HG2  sing N N 230 
MET CG  HG3  sing N N 231 
MET SD  CE   sing N N 232 
MET CE  HE1  sing N N 233 
MET CE  HE2  sing N N 234 
MET CE  HE3  sing N N 235 
MET OXT HXT  sing N N 236 
PHE N   CA   sing N N 237 
PHE N   H    sing N N 238 
PHE N   H2   sing N N 239 
PHE CA  C    sing N N 240 
PHE CA  CB   sing N N 241 
PHE CA  HA   sing N N 242 
PHE C   O    doub N N 243 
PHE C   OXT  sing N N 244 
PHE CB  CG   sing N N 245 
PHE CB  HB2  sing N N 246 
PHE CB  HB3  sing N N 247 
PHE CG  CD1  doub Y N 248 
PHE CG  CD2  sing Y N 249 
PHE CD1 CE1  sing Y N 250 
PHE CD1 HD1  sing N N 251 
PHE CD2 CE2  doub Y N 252 
PHE CD2 HD2  sing N N 253 
PHE CE1 CZ   doub Y N 254 
PHE CE1 HE1  sing N N 255 
PHE CE2 CZ   sing Y N 256 
PHE CE2 HE2  sing N N 257 
PHE CZ  HZ   sing N N 258 
PHE OXT HXT  sing N N 259 
PRO N   CA   sing N N 260 
PRO N   CD   sing N N 261 
PRO N   H    sing N N 262 
PRO CA  C    sing N N 263 
PRO CA  CB   sing N N 264 
PRO CA  HA   sing N N 265 
PRO C   O    doub N N 266 
PRO C   OXT  sing N N 267 
PRO CB  CG   sing N N 268 
PRO CB  HB2  sing N N 269 
PRO CB  HB3  sing N N 270 
PRO CG  CD   sing N N 271 
PRO CG  HG2  sing N N 272 
PRO CG  HG3  sing N N 273 
PRO CD  HD2  sing N N 274 
PRO CD  HD3  sing N N 275 
PRO OXT HXT  sing N N 276 
SER N   CA   sing N N 277 
SER N   H    sing N N 278 
SER N   H2   sing N N 279 
SER CA  C    sing N N 280 
SER CA  CB   sing N N 281 
SER CA  HA   sing N N 282 
SER C   O    doub N N 283 
SER C   OXT  sing N N 284 
SER CB  OG   sing N N 285 
SER CB  HB2  sing N N 286 
SER CB  HB3  sing N N 287 
SER OG  HG   sing N N 288 
SER OXT HXT  sing N N 289 
THR N   CA   sing N N 290 
THR N   H    sing N N 291 
THR N   H2   sing N N 292 
THR CA  C    sing N N 293 
THR CA  CB   sing N N 294 
THR CA  HA   sing N N 295 
THR C   O    doub N N 296 
THR C   OXT  sing N N 297 
THR CB  OG1  sing N N 298 
THR CB  CG2  sing N N 299 
THR CB  HB   sing N N 300 
THR OG1 HG1  sing N N 301 
THR CG2 HG21 sing N N 302 
THR CG2 HG22 sing N N 303 
THR CG2 HG23 sing N N 304 
THR OXT HXT  sing N N 305 
TYR N   CA   sing N N 306 
TYR N   H    sing N N 307 
TYR N   H2   sing N N 308 
TYR CA  C    sing N N 309 
TYR CA  CB   sing N N 310 
TYR CA  HA   sing N N 311 
TYR C   O    doub N N 312 
TYR C   OXT  sing N N 313 
TYR CB  CG   sing N N 314 
TYR CB  HB2  sing N N 315 
TYR CB  HB3  sing N N 316 
TYR CG  CD1  doub Y N 317 
TYR CG  CD2  sing Y N 318 
TYR CD1 CE1  sing Y N 319 
TYR CD1 HD1  sing N N 320 
TYR CD2 CE2  doub Y N 321 
TYR CD2 HD2  sing N N 322 
TYR CE1 CZ   doub Y N 323 
TYR CE1 HE1  sing N N 324 
TYR CE2 CZ   sing Y N 325 
TYR CE2 HE2  sing N N 326 
TYR CZ  OH   sing N N 327 
TYR OH  HH   sing N N 328 
TYR OXT HXT  sing N N 329 
VAL N   CA   sing N N 330 
VAL N   H    sing N N 331 
VAL N   H2   sing N N 332 
VAL CA  C    sing N N 333 
VAL CA  CB   sing N N 334 
VAL CA  HA   sing N N 335 
VAL C   O    doub N N 336 
VAL C   OXT  sing N N 337 
VAL CB  CG1  sing N N 338 
VAL CB  CG2  sing N N 339 
VAL CB  HB   sing N N 340 
VAL CG1 HG11 sing N N 341 
VAL CG1 HG12 sing N N 342 
VAL CG1 HG13 sing N N 343 
VAL CG2 HG21 sing N N 344 
VAL CG2 HG22 sing N N 345 
VAL CG2 HG23 sing N N 346 
VAL OXT HXT  sing N N 347 
# 
_pdbx_entity_nonpoly.entity_id   2 
_pdbx_entity_nonpoly.name        water 
_pdbx_entity_nonpoly.comp_id     HOH 
# 
_pdbx_initial_refinement_model.id               1 
_pdbx_initial_refinement_model.entity_id_list   ? 
_pdbx_initial_refinement_model.type             'experimental model' 
_pdbx_initial_refinement_model.source_name      PDB 
_pdbx_initial_refinement_model.accession_code   3CTF 
_pdbx_initial_refinement_model.details          'PDB ENTRY 3CTF' 
# 
